data_7BGY
#
_entry.id   7BGY
#
_cell.length_a   1.00
_cell.length_b   1.00
_cell.length_c   1.00
_cell.angle_alpha   90.00
_cell.angle_beta   90.00
_cell.angle_gamma   90.00
#
_symmetry.space_group_name_H-M   'P 1'
#
loop_
_entity.id
_entity.type
_entity.pdbx_description
1 polymer 'Potassium-transporting ATPase potassium-binding subunit'
2 polymer 'Potassium-transporting ATPase ATP-binding subunit'
3 polymer 'Potassium-transporting ATPase KdpC subunit'
4 polymer 'Potassium-transporting ATPase KdpF subunit'
5 non-polymer '(1S)-2-{[(2-AMINOETHOXY)(HYDROXY)PHOSPHORYL]OXY}-1-[(PALMITOYLOXY)METHYL]ETHYL STEARATE'
6 non-polymer '(2R)-3-(((2-aminoethoxy)(hydroxy)phosphoryl)oxy)-2-(palmitoyloxy)propyl (E)-octadec-9-enoate'
7 non-polymer 'MAGNESIUM ION'
8 non-polymer TETRAFLUOROMAGNESATE(2-)
9 water water
#
loop_
_entity_poly.entity_id
_entity_poly.type
_entity_poly.pdbx_seq_one_letter_code
_entity_poly.pdbx_strand_id
1 'polypeptide(L)'
;MAAQGFLLIATFLLVLMVLARPLGSGLARLINDIPLPGTTGVERVLFRALGVSDREMNWKQYLCAILGLNMLGLAVLFFM
LLGQHYLPLNPQQLPGLSWDLALNTAVSFVTNTNWRSYSGETTLSYFSQMAGLTVQNFLSAASGIAVIFALIRAFTRQSM
STLGNAWVDLLRITLWVLVPVALLIALFFIQQGALQNFLPYQAVNTVEGAQQLLPMGPVASQEAIKMLGTNGGGFFNANS
SHPFENPTALTNFVQMLAIFLIPTALCFAFGEVMGDRRQGRMLLWAMSVIFVICVGVVMWAEVQGNPHLLALGTDSSINM
EGKESRFGVLVSSLFAVVTTAASCGAVIAMHDSFTALGGMVPMWLMQIGEVVFGGVGSGLYGMMLFVLLAVFIAGLMIGR
TPEYLGKKIDVREMKLTALAILVTPTLVLMGAALAMMTDAGRSAMLNPGPHGFSEVLYAVSSAANNNGSAFAGLSANSPF
WNCLLAFCMFVGRFGVIIPVMAIAGSLVSKKSQAASSGTLPTHGPLFVGLLIGTVLLVGALTFIPALALGPVAEYLS
;
A
2 'polypeptide(L)'
;MSRKQLALFEPTLVVQALKEAVKKLNPQAQWRNPVMFIVWIGSLLTTCISIAMASGAMPGNALFSAAISGWLWITVLFAN
FAEALAEGRSKAQANSLKGVKKTAFARKLREPKYGAAADKVPADQLRKGDIVLVEAGDIIPCDGEVIEGGASVDESAITG
EAAPVIRESGGDFASVTGGTRILSDWLVIECSVNPGETFLDRMIAMVEGAQRRKTPNEIALTILLIALTIVFLLATATLW
PFSAWGGNAVSVTVLVALLVCLIPTTIGGLLSAIGVAGMSRMLGANVIATSGRAVEAAGDVDVLLLDKTGTITLGNRQAS
EFIPAQGVDEKTLADAAQLASLADETPEGRSIVILAKQRFNLRERDVQSLHATFVPFTAQSRMSGINIDNRMIRKGSVDA
IRRHVEANGGHFPTDVDQKVDQVARQGATPLVVVEGSRVLGVIALKDIVKGGIKERFAQLRKMGIKTVMITGDNRLTAAA
IAAEAGVDDFLAEATPEAKLALIRQYQAEGRLVAMTGDGTNDAPALAQADVAVAMNSGTQAAKEAGNMVDLDSNPTKLIE
VVHIGKQMLMTRGSLTTFSIANDVAKYFAIIPAAFAATYPQLNALNIMCLHSPDSAILSAVIFNALIIVFLIPLALKGVS
YKPLTASAMLRRNLWIYGLGGLLVPFIGIKVIDLLLTVCGLV
;
B
3 'polypeptide(L)'
;MSGLRPALSTFIFLLLITGGVYPLLTTVLGQWWFPWQANGSLIREGDTVRGSALIGQNFTGNGYFHGRPSATAEMPYNPQ
ASGGSNLAVSNPELDKLIAARVAALRAANPDASASVPVELVTASASGLDNNITPQAAAWQIPRVAKARNLSVEQLTQLIA
KYSQQPLVKYIGQPVVNIVELNLALDKLDEGTGLVPRGSSHHHHHHHH
;
C
4 'polypeptide(L)' MSAGVITGVLLVFLLLGYLVYALINAEAF D
#
# COMPACT_ATOMS: atom_id res chain seq x y z
N MET A 1 -25.27 29.45 20.86
CA MET A 1 -25.36 28.76 19.54
C MET A 1 -24.38 27.60 19.49
N ALA A 2 -23.37 27.61 20.35
CA ALA A 2 -22.48 26.47 20.46
C ALA A 2 -23.15 25.33 21.22
N ALA A 3 -23.97 25.66 22.21
CA ALA A 3 -24.75 24.62 22.88
C ALA A 3 -25.67 23.91 21.91
N GLN A 4 -26.29 24.66 21.00
CA GLN A 4 -27.22 24.05 20.06
C GLN A 4 -26.50 23.25 18.99
N GLY A 5 -25.35 23.72 18.53
CA GLY A 5 -24.56 22.92 17.60
C GLY A 5 -24.09 21.63 18.24
N PHE A 6 -23.63 21.72 19.48
CA PHE A 6 -23.22 20.52 20.20
C PHE A 6 -24.39 19.55 20.38
N LEU A 7 -25.56 20.08 20.77
CA LEU A 7 -26.72 19.21 20.94
C LEU A 7 -27.12 18.57 19.62
N LEU A 8 -27.02 19.30 18.52
CA LEU A 8 -27.36 18.72 17.22
C LEU A 8 -26.44 17.56 16.89
N ILE A 9 -25.13 17.77 17.02
CA ILE A 9 -24.18 16.70 16.72
C ILE A 9 -24.42 15.52 17.65
N ALA A 10 -24.64 15.78 18.93
CA ALA A 10 -24.78 14.70 19.90
C ALA A 10 -26.03 13.89 19.65
N THR A 11 -27.15 14.55 19.42
CA THR A 11 -28.39 13.82 19.14
C THR A 11 -28.27 13.04 17.84
N PHE A 12 -27.66 13.64 16.82
CA PHE A 12 -27.45 12.92 15.57
C PHE A 12 -26.70 11.63 15.82
N LEU A 13 -25.52 11.72 16.45
CA LEU A 13 -24.72 10.51 16.65
C LEU A 13 -25.40 9.52 17.56
N LEU A 14 -26.11 9.99 18.58
CA LEU A 14 -26.74 9.08 19.52
C LEU A 14 -27.85 8.27 18.83
N VAL A 15 -28.76 8.95 18.14
CA VAL A 15 -29.78 8.22 17.39
C VAL A 15 -29.16 7.36 16.32
N LEU A 16 -28.06 7.82 15.73
CA LEU A 16 -27.41 7.06 14.67
C LEU A 16 -26.91 5.73 15.19
N MET A 17 -26.28 5.72 16.36
CA MET A 17 -25.76 4.45 16.85
C MET A 17 -26.89 3.58 17.38
N VAL A 18 -27.94 4.19 17.94
CA VAL A 18 -29.10 3.40 18.38
C VAL A 18 -29.70 2.63 17.21
N LEU A 19 -29.84 3.29 16.06
CA LEU A 19 -30.37 2.60 14.88
C LEU A 19 -29.36 1.62 14.29
N ALA A 20 -28.12 2.06 14.08
CA ALA A 20 -27.16 1.25 13.37
C ALA A 20 -26.86 -0.06 14.08
N ARG A 21 -26.75 -0.04 15.40
CA ARG A 21 -26.36 -1.25 16.12
C ARG A 21 -27.20 -2.48 15.74
N PRO A 22 -28.52 -2.45 15.92
CA PRO A 22 -29.33 -3.60 15.47
C PRO A 22 -29.20 -3.91 14.00
N LEU A 23 -29.22 -2.91 13.13
CA LEU A 23 -29.13 -3.21 11.70
C LEU A 23 -27.79 -3.84 11.38
N GLY A 24 -26.74 -3.49 12.12
CA GLY A 24 -25.45 -4.12 11.88
C GLY A 24 -25.43 -5.55 12.35
N SER A 25 -26.17 -5.87 13.40
CA SER A 25 -26.26 -7.28 13.77
C SER A 25 -27.11 -8.05 12.77
N GLY A 26 -28.06 -7.38 12.13
CA GLY A 26 -28.80 -8.01 11.05
C GLY A 26 -27.97 -8.23 9.79
N LEU A 27 -27.08 -7.29 9.48
CA LEU A 27 -26.18 -7.45 8.33
C LEU A 27 -25.10 -8.49 8.60
N ALA A 28 -24.76 -8.74 9.86
CA ALA A 28 -23.77 -9.75 10.15
C ALA A 28 -24.27 -11.16 9.81
N ARG A 29 -25.57 -11.35 9.69
CA ARG A 29 -26.09 -12.62 9.18
C ARG A 29 -25.90 -12.73 7.68
N LEU A 30 -26.13 -11.65 6.94
CA LEU A 30 -25.89 -11.70 5.51
C LEU A 30 -24.42 -11.89 5.20
N ILE A 31 -23.52 -11.27 5.97
CA ILE A 31 -22.11 -11.48 5.72
C ILE A 31 -21.73 -12.91 6.04
N ASN A 32 -22.40 -13.51 7.02
CA ASN A 32 -22.13 -14.88 7.44
C ASN A 32 -22.86 -15.91 6.60
N ASP A 33 -23.66 -15.48 5.63
CA ASP A 33 -24.37 -16.38 4.73
C ASP A 33 -25.46 -17.13 5.47
N ILE A 34 -26.05 -16.50 6.47
CA ILE A 34 -27.16 -17.06 7.22
C ILE A 34 -28.44 -16.38 6.73
N PRO A 35 -29.49 -17.12 6.39
CA PRO A 35 -30.73 -16.47 6.00
C PRO A 35 -31.35 -15.71 7.15
N LEU A 36 -31.80 -14.49 6.86
CA LEU A 36 -32.52 -13.68 7.83
C LEU A 36 -33.70 -14.49 8.36
N PRO A 37 -34.25 -14.14 9.52
CA PRO A 37 -35.17 -15.08 10.20
C PRO A 37 -36.33 -15.57 9.35
N GLY A 38 -37.14 -14.68 8.80
CA GLY A 38 -38.33 -15.13 8.09
C GLY A 38 -38.09 -15.58 6.67
N THR A 39 -37.00 -15.14 6.05
CA THR A 39 -36.78 -15.29 4.62
C THR A 39 -35.80 -16.43 4.36
N THR A 40 -36.33 -17.64 4.35
CA THR A 40 -35.51 -18.81 4.00
C THR A 40 -36.21 -19.78 3.06
N GLY A 41 -37.52 -19.69 2.88
CA GLY A 41 -38.20 -20.52 1.90
C GLY A 41 -38.39 -19.74 0.63
N VAL A 42 -38.76 -18.47 0.77
CA VAL A 42 -38.82 -17.60 -0.39
C VAL A 42 -37.45 -17.49 -1.04
N GLU A 43 -36.38 -17.56 -0.25
CA GLU A 43 -35.04 -17.60 -0.84
C GLU A 43 -34.86 -18.83 -1.70
N ARG A 44 -35.26 -20.00 -1.19
CA ARG A 44 -35.12 -21.21 -1.99
C ARG A 44 -35.87 -21.07 -3.31
N VAL A 45 -37.15 -20.72 -3.24
CA VAL A 45 -37.96 -20.63 -4.46
C VAL A 45 -37.35 -19.61 -5.42
N LEU A 46 -37.05 -18.42 -4.90
CA LEU A 46 -36.49 -17.37 -5.73
C LEU A 46 -35.20 -17.83 -6.38
N PHE A 47 -34.17 -18.10 -5.59
CA PHE A 47 -32.86 -18.42 -6.15
C PHE A 47 -32.95 -19.58 -7.12
N ARG A 48 -33.79 -20.57 -6.85
CA ARG A 48 -33.97 -21.64 -7.82
C ARG A 48 -34.48 -21.07 -9.14
N ALA A 49 -35.50 -20.20 -9.09
CA ALA A 49 -36.07 -19.66 -10.31
C ALA A 49 -35.08 -18.76 -11.05
N LEU A 50 -34.41 -17.87 -10.33
CA LEU A 50 -33.48 -16.92 -10.93
C LEU A 50 -32.21 -17.56 -11.44
N GLY A 51 -32.05 -18.86 -11.35
CA GLY A 51 -30.88 -19.50 -11.90
C GLY A 51 -29.68 -19.48 -11.00
N VAL A 52 -29.87 -19.22 -9.71
CA VAL A 52 -28.77 -18.90 -8.80
C VAL A 52 -28.63 -20.08 -7.84
N SER A 53 -27.50 -20.76 -7.91
CA SER A 53 -27.33 -22.07 -7.31
C SER A 53 -26.63 -22.02 -5.97
N ASP A 54 -26.28 -20.82 -5.49
CA ASP A 54 -25.55 -20.66 -4.24
C ASP A 54 -24.22 -21.40 -4.29
N ARG A 55 -23.61 -21.47 -5.48
CA ARG A 55 -22.27 -21.99 -5.62
C ARG A 55 -21.29 -20.87 -5.33
N GLU A 56 -20.32 -21.15 -4.46
CA GLU A 56 -19.36 -20.13 -4.07
C GLU A 56 -18.56 -19.64 -5.27
N MET A 57 -17.96 -18.46 -5.10
CA MET A 57 -17.19 -17.80 -6.14
C MET A 57 -15.84 -17.40 -5.59
N ASN A 58 -14.77 -17.63 -6.35
CA ASN A 58 -13.49 -17.07 -5.97
C ASN A 58 -13.51 -15.57 -6.23
N TRP A 59 -12.39 -14.90 -5.96
CA TRP A 59 -12.39 -13.45 -6.09
C TRP A 59 -12.57 -13.01 -7.52
N LYS A 60 -12.07 -13.79 -8.49
CA LYS A 60 -12.21 -13.39 -9.88
C LYS A 60 -13.65 -13.53 -10.33
N GLN A 61 -14.29 -14.64 -10.00
CA GLN A 61 -15.68 -14.82 -10.37
C GLN A 61 -16.56 -13.78 -9.70
N TYR A 62 -16.29 -13.48 -8.43
CA TYR A 62 -17.07 -12.47 -7.71
C TYR A 62 -16.91 -11.10 -8.33
N LEU A 63 -15.67 -10.68 -8.56
CA LEU A 63 -15.42 -9.39 -9.18
C LEU A 63 -16.07 -9.31 -10.55
N CYS A 64 -15.97 -10.36 -11.35
CA CYS A 64 -16.57 -10.33 -12.67
C CYS A 64 -18.08 -10.29 -12.59
N ALA A 65 -18.69 -10.93 -11.59
CA ALA A 65 -20.13 -10.83 -11.43
C ALA A 65 -20.55 -9.39 -11.14
N ILE A 66 -19.84 -8.74 -10.22
CA ILE A 66 -20.20 -7.36 -9.88
C ILE A 66 -19.98 -6.44 -11.08
N LEU A 67 -18.84 -6.57 -11.74
CA LEU A 67 -18.59 -5.71 -12.90
C LEU A 67 -19.57 -6.00 -14.02
N GLY A 68 -20.00 -7.25 -14.19
CA GLY A 68 -20.95 -7.54 -15.23
C GLY A 68 -22.31 -6.93 -14.95
N LEU A 69 -22.78 -7.06 -13.72
CA LEU A 69 -24.01 -6.37 -13.35
C LEU A 69 -23.90 -4.87 -13.58
N ASN A 70 -22.75 -4.28 -13.24
CA ASN A 70 -22.62 -2.84 -13.39
C ASN A 70 -22.56 -2.42 -14.85
N MET A 71 -21.87 -3.19 -15.70
CA MET A 71 -21.82 -2.84 -17.11
C MET A 71 -23.18 -3.03 -17.77
N LEU A 72 -23.92 -4.05 -17.37
CA LEU A 72 -25.26 -4.24 -17.92
C LEU A 72 -26.17 -3.10 -17.50
N GLY A 73 -26.08 -2.67 -16.24
CA GLY A 73 -26.84 -1.51 -15.81
C GLY A 73 -26.44 -0.25 -16.54
N LEU A 74 -25.15 -0.07 -16.80
CA LEU A 74 -24.67 1.10 -17.53
C LEU A 74 -25.27 1.13 -18.92
N ALA A 75 -25.19 0.03 -19.65
CA ALA A 75 -25.76 -0.01 -20.99
C ALA A 75 -27.26 0.27 -20.95
N VAL A 76 -27.98 -0.39 -20.05
CA VAL A 76 -29.43 -0.22 -20.01
C VAL A 76 -29.80 1.21 -19.69
N LEU A 77 -29.14 1.82 -18.70
CA LEU A 77 -29.50 3.18 -18.31
C LEU A 77 -29.10 4.19 -19.38
N PHE A 78 -27.93 4.01 -20.00
CA PHE A 78 -27.55 4.89 -21.09
C PHE A 78 -28.61 4.88 -22.19
N PHE A 79 -29.05 3.70 -22.59
CA PHE A 79 -30.01 3.67 -23.69
C PHE A 79 -31.38 4.13 -23.24
N MET A 80 -31.69 3.98 -21.97
CA MET A 80 -32.97 4.48 -21.45
C MET A 80 -33.02 5.99 -21.49
N LEU A 81 -31.94 6.64 -21.06
CA LEU A 81 -31.88 8.10 -21.10
C LEU A 81 -31.81 8.61 -22.53
N LEU A 82 -31.07 7.91 -23.39
CA LEU A 82 -30.88 8.38 -24.75
C LEU A 82 -32.18 8.36 -25.54
N GLY A 83 -33.02 7.37 -25.29
CA GLY A 83 -34.22 7.18 -26.06
C GLY A 83 -35.48 7.31 -25.21
N GLN A 84 -35.50 8.28 -24.31
CA GLN A 84 -36.63 8.45 -23.42
C GLN A 84 -37.82 9.12 -24.06
N HIS A 85 -37.78 9.47 -25.33
CA HIS A 85 -38.97 10.04 -25.95
C HIS A 85 -39.91 8.98 -26.47
N TYR A 86 -39.48 7.71 -26.49
CA TYR A 86 -40.36 6.60 -26.83
C TYR A 86 -41.00 5.98 -25.61
N LEU A 87 -40.39 6.10 -24.46
CA LEU A 87 -40.83 5.37 -23.29
C LEU A 87 -41.96 6.12 -22.57
N PRO A 88 -42.83 5.40 -21.84
CA PRO A 88 -44.02 6.03 -21.30
C PRO A 88 -43.75 6.93 -20.12
N LEU A 89 -44.81 7.41 -19.47
CA LEU A 89 -44.71 8.24 -18.27
C LEU A 89 -43.96 9.53 -18.58
N ASN A 90 -44.33 10.16 -19.68
CA ASN A 90 -43.72 11.40 -20.15
C ASN A 90 -44.84 12.42 -20.34
N PRO A 91 -45.27 13.09 -19.28
CA PRO A 91 -46.33 14.09 -19.44
C PRO A 91 -45.90 15.25 -20.31
N GLN A 92 -44.77 15.86 -19.98
CA GLN A 92 -44.16 16.87 -20.84
C GLN A 92 -43.24 16.14 -21.81
N GLN A 93 -43.57 16.19 -23.09
CA GLN A 93 -42.85 15.36 -24.04
C GLN A 93 -41.42 15.86 -24.12
N LEU A 94 -40.56 15.34 -23.27
CA LEU A 94 -39.16 15.75 -23.23
C LEU A 94 -38.33 14.92 -24.21
N PRO A 95 -37.35 15.51 -24.89
CA PRO A 95 -36.54 14.73 -25.83
C PRO A 95 -35.57 13.84 -25.10
N GLY A 96 -34.90 12.98 -25.87
CA GLY A 96 -33.85 12.17 -25.29
C GLY A 96 -32.61 12.99 -25.00
N LEU A 97 -31.88 12.59 -23.97
CA LEU A 97 -30.69 13.32 -23.59
C LEU A 97 -29.63 13.24 -24.69
N SER A 98 -28.63 14.10 -24.60
CA SER A 98 -27.53 14.08 -25.55
C SER A 98 -26.74 12.80 -25.39
N TRP A 99 -25.76 12.59 -26.27
CA TRP A 99 -24.88 11.46 -26.09
C TRP A 99 -23.96 11.69 -24.90
N ASP A 100 -23.44 12.92 -24.75
CA ASP A 100 -22.56 13.22 -23.63
C ASP A 100 -23.32 13.24 -22.33
N LEU A 101 -24.51 13.85 -22.32
CA LEU A 101 -25.28 13.92 -21.08
C LEU A 101 -25.84 12.56 -20.70
N ALA A 102 -26.31 11.80 -21.67
CA ALA A 102 -26.75 10.44 -21.39
C ALA A 102 -25.60 9.62 -20.84
N LEU A 103 -24.44 9.68 -21.47
CA LEU A 103 -23.28 8.92 -20.99
C LEU A 103 -22.91 9.34 -19.59
N ASN A 104 -22.84 10.64 -19.32
CA ASN A 104 -22.42 11.10 -18.00
C ASN A 104 -23.43 10.69 -16.94
N THR A 105 -24.72 10.82 -17.21
CA THR A 105 -25.71 10.44 -16.21
C THR A 105 -25.68 8.95 -15.96
N ALA A 106 -25.54 8.14 -17.02
CA ALA A 106 -25.45 6.70 -16.84
C ALA A 106 -24.24 6.33 -15.99
N VAL A 107 -23.07 6.84 -16.35
CA VAL A 107 -21.86 6.50 -15.61
C VAL A 107 -21.95 6.99 -14.17
N SER A 108 -22.55 8.16 -13.95
CA SER A 108 -22.63 8.70 -12.60
C SER A 108 -23.53 7.84 -11.74
N PHE A 109 -24.72 7.50 -12.23
CA PHE A 109 -25.63 6.71 -11.42
C PHE A 109 -25.13 5.29 -11.22
N VAL A 110 -24.51 4.68 -12.24
CA VAL A 110 -24.02 3.32 -12.08
C VAL A 110 -22.92 3.25 -11.04
N THR A 111 -22.16 4.33 -10.85
CA THR A 111 -21.02 4.34 -9.96
C THR A 111 -21.34 4.98 -8.62
N ASN A 112 -22.60 5.08 -8.26
CA ASN A 112 -23.01 5.61 -6.97
C ASN A 112 -22.61 7.06 -6.78
N THR A 113 -22.30 7.75 -7.86
CA THR A 113 -21.92 9.16 -7.79
C THR A 113 -23.15 10.04 -7.85
N ASN A 114 -23.99 9.83 -8.85
CA ASN A 114 -25.16 10.65 -9.07
C ASN A 114 -24.76 12.11 -9.22
N TRP A 115 -23.65 12.34 -9.90
CA TRP A 115 -23.32 13.68 -10.34
C TRP A 115 -24.35 14.14 -11.35
N ARG A 116 -24.81 15.38 -11.19
CA ARG A 116 -25.89 15.93 -12.00
C ARG A 116 -25.39 17.17 -12.71
N SER A 117 -25.33 17.11 -14.04
CA SER A 117 -25.05 18.28 -14.85
C SER A 117 -26.29 18.76 -15.59
N TYR A 118 -27.47 18.29 -15.21
CA TYR A 118 -28.74 18.61 -15.84
C TYR A 118 -29.69 19.17 -14.79
N SER A 119 -30.93 19.43 -15.21
CA SER A 119 -32.00 19.87 -14.33
C SER A 119 -33.12 18.85 -14.44
N GLY A 120 -33.33 18.09 -13.37
CA GLY A 120 -34.29 16.99 -13.42
C GLY A 120 -35.70 17.40 -13.74
N GLU A 121 -36.04 18.66 -13.57
CA GLU A 121 -37.40 19.12 -13.82
C GLU A 121 -37.70 19.22 -15.30
N THR A 122 -36.72 19.68 -16.09
CA THR A 122 -36.91 19.91 -17.51
C THR A 122 -35.98 19.04 -18.36
N THR A 123 -35.44 17.97 -17.78
CA THR A 123 -34.57 17.06 -18.50
C THR A 123 -35.13 15.65 -18.54
N LEU A 124 -35.45 15.07 -17.40
CA LEU A 124 -35.85 13.68 -17.29
C LEU A 124 -37.35 13.54 -17.12
N SER A 125 -37.87 12.40 -17.54
CA SER A 125 -39.28 12.09 -17.48
C SER A 125 -39.46 10.92 -16.53
N TYR A 126 -40.58 10.91 -15.81
CA TYR A 126 -40.77 9.95 -14.72
C TYR A 126 -40.22 8.58 -15.03
N PHE A 127 -40.38 8.06 -16.25
CA PHE A 127 -39.82 6.75 -16.53
C PHE A 127 -38.33 6.73 -16.25
N SER A 128 -37.58 7.67 -16.82
CA SER A 128 -36.14 7.71 -16.59
C SER A 128 -35.81 7.83 -15.12
N GLN A 129 -36.52 8.71 -14.41
CA GLN A 129 -36.27 8.89 -12.97
C GLN A 129 -36.57 7.61 -12.21
N MET A 130 -37.73 7.02 -12.45
CA MET A 130 -38.19 5.84 -11.74
C MET A 130 -37.53 4.58 -12.26
N ALA A 131 -37.66 4.29 -13.55
CA ALA A 131 -37.23 2.97 -14.00
C ALA A 131 -35.74 2.86 -14.22
N GLY A 132 -35.03 3.97 -14.37
CA GLY A 132 -33.60 3.92 -14.59
C GLY A 132 -32.76 4.42 -13.43
N LEU A 133 -33.01 5.66 -13.03
CA LEU A 133 -32.19 6.30 -12.00
C LEU A 133 -32.31 5.59 -10.66
N THR A 134 -33.53 5.39 -10.16
CA THR A 134 -33.64 4.77 -8.84
C THR A 134 -33.39 3.27 -8.88
N VAL A 135 -33.66 2.60 -10.00
CA VAL A 135 -33.23 1.21 -10.10
C VAL A 135 -31.73 1.13 -9.96
N GLN A 136 -31.02 2.07 -10.54
CA GLN A 136 -29.57 2.04 -10.44
C GLN A 136 -29.10 2.54 -9.09
N ASN A 137 -29.93 3.32 -8.39
CA ASN A 137 -29.61 3.66 -7.00
C ASN A 137 -29.56 2.40 -6.15
N PHE A 138 -30.58 1.54 -6.31
CA PHE A 138 -30.57 0.27 -5.58
C PHE A 138 -29.41 -0.61 -6.01
N LEU A 139 -29.16 -0.69 -7.31
CA LEU A 139 -28.14 -1.63 -7.77
C LEU A 139 -26.74 -1.19 -7.40
N SER A 140 -26.42 0.10 -7.50
CA SER A 140 -25.09 0.55 -7.10
C SER A 140 -24.90 0.42 -5.59
N ALA A 141 -25.94 0.72 -4.80
CA ALA A 141 -25.79 0.53 -3.37
C ALA A 141 -25.52 -0.93 -3.05
N ALA A 142 -26.22 -1.84 -3.73
CA ALA A 142 -26.04 -3.26 -3.44
C ALA A 142 -24.71 -3.75 -3.96
N SER A 143 -24.21 -3.20 -5.06
CA SER A 143 -22.87 -3.57 -5.52
C SER A 143 -21.80 -3.17 -4.52
N GLY A 144 -22.01 -2.08 -3.81
CA GLY A 144 -20.96 -1.66 -2.90
C GLY A 144 -21.02 -2.46 -1.62
N ILE A 145 -22.24 -2.71 -1.14
CA ILE A 145 -22.36 -3.57 0.03
C ILE A 145 -21.89 -4.98 -0.28
N ALA A 146 -22.07 -5.46 -1.51
CA ALA A 146 -21.59 -6.79 -1.85
C ALA A 146 -20.07 -6.84 -1.90
N VAL A 147 -19.43 -5.76 -2.35
CA VAL A 147 -17.97 -5.78 -2.34
C VAL A 147 -17.45 -5.78 -0.91
N ILE A 148 -18.08 -5.03 -0.01
CA ILE A 148 -17.59 -5.08 1.36
C ILE A 148 -17.96 -6.40 2.04
N PHE A 149 -19.04 -7.05 1.61
CA PHE A 149 -19.31 -8.38 2.13
C PHE A 149 -18.18 -9.32 1.75
N ALA A 150 -17.72 -9.23 0.51
CA ALA A 150 -16.64 -10.11 0.09
C ALA A 150 -15.36 -9.81 0.84
N LEU A 151 -15.06 -8.54 1.09
CA LEU A 151 -13.83 -8.24 1.83
C LEU A 151 -13.91 -8.72 3.27
N ILE A 152 -15.05 -8.53 3.93
CA ILE A 152 -15.18 -9.00 5.31
C ILE A 152 -15.05 -10.53 5.36
N ARG A 153 -15.68 -11.22 4.41
CA ARG A 153 -15.55 -12.67 4.38
C ARG A 153 -14.09 -13.07 4.18
N ALA A 154 -13.38 -12.38 3.31
CA ALA A 154 -11.96 -12.65 3.14
C ALA A 154 -11.21 -12.51 4.45
N PHE A 155 -11.56 -11.51 5.25
CA PHE A 155 -10.85 -11.33 6.51
C PHE A 155 -11.21 -12.40 7.54
N THR A 156 -12.45 -12.89 7.53
CA THR A 156 -12.89 -13.79 8.59
C THR A 156 -12.77 -15.27 8.22
N ARG A 157 -12.60 -15.61 6.95
CA ARG A 157 -12.53 -17.00 6.53
C ARG A 157 -11.11 -17.52 6.58
N GLN A 158 -10.96 -18.78 6.98
CA GLN A 158 -9.66 -19.39 7.24
C GLN A 158 -9.32 -20.34 6.10
N SER A 159 -8.20 -20.09 5.43
CA SER A 159 -7.65 -21.01 4.44
C SER A 159 -8.71 -21.50 3.47
N MET A 160 -9.58 -20.59 3.03
CA MET A 160 -10.60 -20.91 2.05
C MET A 160 -10.19 -20.35 0.69
N SER A 161 -11.06 -20.50 -0.28
CA SER A 161 -10.76 -20.06 -1.64
C SER A 161 -11.92 -19.33 -2.30
N THR A 162 -13.04 -19.14 -1.60
CA THR A 162 -14.22 -18.58 -2.22
C THR A 162 -14.88 -17.60 -1.28
N LEU A 163 -15.31 -16.46 -1.83
CA LEU A 163 -15.84 -15.36 -1.05
C LEU A 163 -17.36 -15.34 -1.02
N GLY A 164 -18.00 -16.47 -1.26
CA GLY A 164 -19.44 -16.52 -1.28
C GLY A 164 -19.99 -16.23 -2.66
N ASN A 165 -21.31 -16.30 -2.75
CA ASN A 165 -22.01 -16.09 -4.01
C ASN A 165 -22.43 -14.64 -4.13
N ALA A 166 -22.17 -14.03 -5.29
CA ALA A 166 -22.44 -12.61 -5.46
C ALA A 166 -23.89 -12.35 -5.82
N TRP A 167 -24.50 -13.24 -6.59
CA TRP A 167 -25.90 -13.05 -6.95
C TRP A 167 -26.78 -13.15 -5.72
N VAL A 168 -26.52 -14.11 -4.85
CA VAL A 168 -27.25 -14.20 -3.60
C VAL A 168 -26.99 -12.97 -2.75
N ASP A 169 -25.77 -12.47 -2.75
CA ASP A 169 -25.46 -11.26 -1.97
C ASP A 169 -26.30 -10.09 -2.44
N LEU A 170 -26.33 -9.84 -3.75
CA LEU A 170 -27.09 -8.71 -4.27
C LEU A 170 -28.57 -8.88 -4.00
N LEU A 171 -29.11 -10.08 -4.25
CA LEU A 171 -30.53 -10.29 -4.03
C LEU A 171 -30.89 -10.10 -2.56
N ARG A 172 -30.13 -10.73 -1.67
CA ARG A 172 -30.35 -10.53 -0.23
C ARG A 172 -30.30 -9.06 0.13
N ILE A 173 -29.19 -8.40 -0.16
CA ILE A 173 -29.02 -6.99 0.20
C ILE A 173 -30.20 -6.18 -0.25
N THR A 174 -30.46 -6.15 -1.56
CA THR A 174 -31.56 -5.34 -2.07
C THR A 174 -32.88 -5.75 -1.43
N LEU A 175 -33.33 -6.98 -1.68
CA LEU A 175 -34.68 -7.37 -1.28
C LEU A 175 -34.91 -7.20 0.21
N TRP A 176 -33.96 -7.63 1.03
CA TRP A 176 -34.13 -7.69 2.48
C TRP A 176 -33.54 -6.53 3.26
N VAL A 177 -32.83 -5.60 2.63
CA VAL A 177 -32.27 -4.48 3.39
C VAL A 177 -32.70 -3.16 2.75
N LEU A 178 -32.21 -2.89 1.54
CA LEU A 178 -32.47 -1.59 0.93
C LEU A 178 -33.95 -1.35 0.70
N VAL A 179 -34.71 -2.37 0.28
CA VAL A 179 -36.07 -2.14 -0.18
C VAL A 179 -37.01 -1.85 0.99
N PRO A 180 -37.10 -2.68 2.02
CA PRO A 180 -38.04 -2.37 3.11
C PRO A 180 -37.71 -1.08 3.84
N VAL A 181 -36.43 -0.83 4.10
CA VAL A 181 -36.05 0.39 4.79
C VAL A 181 -36.38 1.59 3.91
N ALA A 182 -36.07 1.50 2.62
CA ALA A 182 -36.38 2.60 1.72
C ALA A 182 -37.87 2.83 1.64
N LEU A 183 -38.67 1.78 1.78
CA LEU A 183 -40.12 1.96 1.71
C LEU A 183 -40.64 2.67 2.94
N LEU A 184 -40.10 2.34 4.12
CA LEU A 184 -40.51 3.06 5.33
C LEU A 184 -40.10 4.52 5.25
N ILE A 185 -38.85 4.77 4.85
CA ILE A 185 -38.38 6.14 4.72
C ILE A 185 -39.23 6.90 3.71
N ALA A 186 -39.57 6.26 2.60
CA ALA A 186 -40.38 6.92 1.58
C ALA A 186 -41.73 7.30 2.12
N LEU A 187 -42.39 6.40 2.85
CA LEU A 187 -43.71 6.76 3.33
C LEU A 187 -43.66 7.81 4.41
N PHE A 188 -42.55 7.92 5.13
CA PHE A 188 -42.42 9.03 6.07
C PHE A 188 -42.26 10.35 5.32
N PHE A 189 -41.43 10.37 4.28
CA PHE A 189 -41.29 11.57 3.47
C PHE A 189 -42.62 11.96 2.85
N ILE A 190 -43.41 11.00 2.39
CA ILE A 190 -44.71 11.34 1.85
C ILE A 190 -45.61 11.90 2.93
N GLN A 191 -45.47 11.42 4.17
CA GLN A 191 -46.31 12.01 5.21
C GLN A 191 -45.94 13.45 5.47
N GLN A 192 -44.67 13.80 5.31
CA GLN A 192 -44.21 15.12 5.71
C GLN A 192 -44.35 16.15 4.61
N GLY A 193 -44.57 15.74 3.36
CA GLY A 193 -44.84 16.69 2.31
C GLY A 193 -44.25 16.36 0.96
N ALA A 194 -43.42 15.33 0.89
CA ALA A 194 -42.79 14.98 -0.36
C ALA A 194 -43.83 14.45 -1.33
N LEU A 195 -43.47 14.43 -2.60
CA LEU A 195 -44.39 14.03 -3.65
C LEU A 195 -44.34 12.53 -3.89
N GLN A 196 -45.45 11.99 -4.36
CA GLN A 196 -45.43 10.65 -4.95
C GLN A 196 -46.67 10.56 -5.84
N ASN A 197 -46.45 10.73 -7.14
CA ASN A 197 -47.54 10.71 -8.10
C ASN A 197 -46.93 10.81 -9.48
N PHE A 198 -47.70 10.40 -10.47
CA PHE A 198 -47.31 10.49 -11.87
C PHE A 198 -48.23 11.46 -12.62
N LEU A 199 -48.59 12.55 -11.96
CA LEU A 199 -49.47 13.53 -12.57
C LEU A 199 -48.69 14.41 -13.53
N PRO A 200 -49.37 15.09 -14.44
CA PRO A 200 -48.70 16.11 -15.24
C PRO A 200 -48.36 17.30 -14.36
N TYR A 201 -47.47 18.14 -14.85
CA TYR A 201 -47.07 19.32 -14.08
C TYR A 201 -48.28 20.19 -13.81
N GLN A 202 -48.36 20.68 -12.58
CA GLN A 202 -49.55 21.39 -12.11
C GLN A 202 -49.41 22.88 -12.41
N ALA A 203 -50.42 23.45 -13.04
CA ALA A 203 -50.42 24.85 -13.45
C ALA A 203 -50.99 25.70 -12.32
N VAL A 204 -50.12 26.37 -11.60
CA VAL A 204 -50.50 27.24 -10.50
C VAL A 204 -50.68 28.64 -11.03
N ASN A 205 -51.65 29.37 -10.49
CA ASN A 205 -51.75 30.81 -10.69
C ASN A 205 -51.56 31.46 -9.33
N THR A 206 -50.51 32.28 -9.22
CA THR A 206 -50.04 32.77 -7.95
C THR A 206 -51.15 33.54 -7.23
N VAL A 207 -50.92 33.81 -5.94
CA VAL A 207 -51.83 34.69 -5.19
C VAL A 207 -52.00 36.00 -5.93
N GLU A 208 -50.91 36.55 -6.44
CA GLU A 208 -50.97 37.69 -7.34
C GLU A 208 -51.31 37.16 -8.73
N GLY A 209 -51.14 37.98 -9.76
CA GLY A 209 -51.54 37.55 -11.09
C GLY A 209 -50.44 36.83 -11.85
N ALA A 210 -49.50 36.21 -11.15
CA ALA A 210 -48.37 35.58 -11.80
C ALA A 210 -48.74 34.17 -12.25
N GLN A 211 -47.76 33.37 -12.64
CA GLN A 211 -47.98 32.01 -13.08
C GLN A 211 -46.84 31.13 -12.59
N GLN A 212 -47.17 29.87 -12.33
CA GLN A 212 -46.21 28.88 -11.89
C GLN A 212 -46.62 27.54 -12.50
N LEU A 213 -45.64 26.65 -12.66
CA LEU A 213 -45.91 25.30 -13.15
C LEU A 213 -45.10 24.35 -12.29
N LEU A 214 -45.76 23.65 -11.39
CA LEU A 214 -45.08 22.81 -10.41
C LEU A 214 -44.72 21.46 -11.02
N PRO A 215 -43.50 20.96 -10.82
CA PRO A 215 -43.18 19.60 -11.26
C PRO A 215 -43.68 18.56 -10.26
N MET A 216 -44.20 17.45 -10.79
CA MET A 216 -45.05 16.56 -10.02
C MET A 216 -44.68 15.09 -10.24
N GLY A 217 -43.41 14.75 -10.11
CA GLY A 217 -42.99 13.38 -10.31
C GLY A 217 -43.17 12.51 -9.09
N PRO A 218 -42.68 11.27 -9.15
CA PRO A 218 -42.65 10.36 -7.99
C PRO A 218 -41.40 10.55 -7.12
N VAL A 219 -41.42 11.59 -6.29
CA VAL A 219 -40.19 12.04 -5.65
C VAL A 219 -39.81 11.19 -4.46
N ALA A 220 -40.78 10.68 -3.71
CA ALA A 220 -40.49 10.18 -2.38
C ALA A 220 -39.69 8.89 -2.41
N SER A 221 -40.01 7.97 -3.31
CA SER A 221 -39.29 6.71 -3.36
C SER A 221 -37.84 6.92 -3.78
N GLN A 222 -37.64 7.68 -4.84
CA GLN A 222 -36.28 7.99 -5.25
C GLN A 222 -35.53 8.73 -4.16
N GLU A 223 -36.23 9.53 -3.37
CA GLU A 223 -35.55 10.24 -2.29
C GLU A 223 -35.10 9.29 -1.20
N ALA A 224 -35.98 8.36 -0.82
CA ALA A 224 -35.65 7.45 0.26
C ALA A 224 -34.46 6.59 -0.11
N ILE A 225 -34.41 6.11 -1.35
CA ILE A 225 -33.26 5.28 -1.72
C ILE A 225 -32.05 6.09 -2.15
N LYS A 226 -32.21 7.35 -2.54
CA LYS A 226 -31.02 8.16 -2.79
C LYS A 226 -30.28 8.38 -1.49
N MET A 227 -31.00 8.68 -0.42
CA MET A 227 -30.34 8.86 0.87
C MET A 227 -29.85 7.54 1.43
N LEU A 228 -30.66 6.49 1.37
CA LEU A 228 -30.33 5.28 2.12
C LEU A 228 -29.14 4.56 1.50
N GLY A 229 -28.90 4.70 0.22
CA GLY A 229 -27.79 4.03 -0.43
C GLY A 229 -26.65 4.98 -0.72
N THR A 230 -26.60 6.09 0.00
CA THR A 230 -25.66 7.17 -0.23
C THR A 230 -25.42 7.38 -1.72
N ASN A 231 -26.51 7.59 -2.44
CA ASN A 231 -26.42 7.90 -3.86
C ASN A 231 -26.36 9.40 -4.09
N GLY A 232 -27.38 10.13 -3.66
CA GLY A 232 -27.38 11.56 -3.72
C GLY A 232 -28.04 12.17 -4.94
N GLY A 233 -28.51 11.36 -5.88
CA GLY A 233 -29.14 11.90 -7.06
C GLY A 233 -30.47 12.51 -6.77
N GLY A 234 -30.55 13.84 -6.83
CA GLY A 234 -31.79 14.51 -6.53
C GLY A 234 -32.77 14.43 -7.67
N PHE A 235 -34.06 14.47 -7.31
CA PHE A 235 -35.09 14.44 -8.34
C PHE A 235 -35.14 15.76 -9.09
N PHE A 236 -34.91 16.87 -8.39
CA PHE A 236 -34.96 18.21 -8.97
C PHE A 236 -33.55 18.80 -9.00
N ASN A 237 -33.46 20.05 -9.46
CA ASN A 237 -32.16 20.67 -9.62
C ASN A 237 -31.52 20.97 -8.27
N ALA A 238 -32.18 21.79 -7.46
CA ALA A 238 -31.76 21.94 -6.07
C ALA A 238 -31.92 20.58 -5.43
N ASN A 239 -30.82 19.95 -5.06
CA ASN A 239 -30.84 18.51 -4.84
C ASN A 239 -31.85 18.08 -3.80
N SER A 240 -31.66 18.45 -2.55
CA SER A 240 -32.58 18.08 -1.47
C SER A 240 -32.91 19.28 -0.61
N SER A 241 -32.61 20.48 -1.07
CA SER A 241 -33.15 21.69 -0.48
C SER A 241 -34.44 22.10 -1.15
N HIS A 242 -35.10 21.18 -1.81
CA HIS A 242 -36.35 21.44 -2.52
C HIS A 242 -37.52 21.07 -1.65
N PRO A 243 -38.50 21.94 -1.44
CA PRO A 243 -39.59 21.61 -0.51
C PRO A 243 -40.30 20.31 -0.82
N PHE A 244 -40.23 19.83 -2.06
CA PHE A 244 -40.85 18.58 -2.47
C PHE A 244 -39.95 17.38 -2.25
N GLU A 245 -38.71 17.58 -1.81
CA GLU A 245 -37.81 16.49 -1.47
C GLU A 245 -37.49 16.43 0.01
N ASN A 246 -37.19 17.57 0.61
CA ASN A 246 -36.92 17.68 2.04
C ASN A 246 -37.91 18.70 2.58
N PRO A 247 -39.15 18.28 2.82
CA PRO A 247 -40.19 19.28 3.12
C PRO A 247 -40.09 19.89 4.50
N THR A 248 -39.57 19.17 5.50
CA THR A 248 -39.54 19.68 6.86
C THR A 248 -38.20 19.32 7.49
N ALA A 249 -37.93 19.92 8.65
CA ALA A 249 -36.72 19.61 9.40
C ALA A 249 -36.67 18.15 9.84
N LEU A 250 -37.82 17.56 10.10
CA LEU A 250 -37.87 16.16 10.51
C LEU A 250 -37.34 15.25 9.42
N THR A 251 -37.86 15.40 8.20
CA THR A 251 -37.35 14.59 7.10
C THR A 251 -35.88 14.86 6.86
N ASN A 252 -35.41 16.08 7.09
CA ASN A 252 -33.98 16.33 6.94
C ASN A 252 -33.18 15.54 7.95
N PHE A 253 -33.64 15.48 9.19
CA PHE A 253 -32.94 14.70 10.19
C PHE A 253 -32.90 13.23 9.78
N VAL A 254 -34.06 12.69 9.40
CA VAL A 254 -34.13 11.31 8.98
C VAL A 254 -33.27 11.07 7.75
N GLN A 255 -33.11 12.08 6.91
CA GLN A 255 -32.25 11.95 5.74
C GLN A 255 -30.79 11.85 6.13
N MET A 256 -30.33 12.63 7.10
CA MET A 256 -28.94 12.49 7.52
C MET A 256 -28.72 11.14 8.21
N LEU A 257 -29.70 10.72 9.01
CA LEU A 257 -29.59 9.42 9.66
C LEU A 257 -29.52 8.31 8.64
N ALA A 258 -30.34 8.38 7.59
CA ALA A 258 -30.26 7.40 6.52
C ALA A 258 -28.90 7.44 5.83
N ILE A 259 -28.37 8.65 5.61
CA ILE A 259 -27.08 8.76 4.93
C ILE A 259 -26.02 8.01 5.69
N PHE A 260 -26.09 8.00 7.03
CA PHE A 260 -25.07 7.34 7.83
C PHE A 260 -25.48 5.97 8.35
N LEU A 261 -26.70 5.51 8.07
CA LEU A 261 -27.20 4.31 8.72
C LEU A 261 -26.41 3.07 8.30
N ILE A 262 -26.22 2.85 7.01
CA ILE A 262 -25.63 1.59 6.57
C ILE A 262 -24.11 1.59 6.72
N PRO A 263 -23.39 2.69 6.47
CA PRO A 263 -21.96 2.66 6.80
C PRO A 263 -21.67 2.36 8.26
N THR A 264 -22.44 2.95 9.18
CA THR A 264 -22.24 2.66 10.59
C THR A 264 -22.64 1.24 10.92
N ALA A 265 -23.65 0.71 10.23
CA ALA A 265 -24.09 -0.64 10.52
C ALA A 265 -23.13 -1.64 9.93
N LEU A 266 -22.44 -1.28 8.85
CA LEU A 266 -21.37 -2.12 8.34
C LEU A 266 -20.18 -2.12 9.28
N CYS A 267 -19.92 -1.02 9.97
CA CYS A 267 -18.83 -1.05 10.94
C CYS A 267 -19.18 -1.93 12.13
N PHE A 268 -20.41 -1.84 12.61
CA PHE A 268 -20.84 -2.73 13.69
C PHE A 268 -20.84 -4.19 13.23
N ALA A 269 -21.30 -4.46 12.02
CA ALA A 269 -21.30 -5.82 11.49
C ALA A 269 -19.90 -6.37 11.35
N PHE A 270 -18.97 -5.56 10.85
CA PHE A 270 -17.59 -6.01 10.77
C PHE A 270 -17.05 -6.30 12.15
N GLY A 271 -17.44 -5.51 13.15
CA GLY A 271 -17.06 -5.84 14.50
C GLY A 271 -17.59 -7.18 14.95
N GLU A 272 -18.81 -7.51 14.55
CA GLU A 272 -19.45 -8.75 15.02
C GLU A 272 -19.08 -9.98 14.22
N VAL A 273 -18.57 -9.84 13.00
CA VAL A 273 -18.23 -11.02 12.22
C VAL A 273 -16.85 -11.55 12.61
N MET A 274 -16.01 -10.73 13.20
CA MET A 274 -14.72 -11.16 13.71
C MET A 274 -14.80 -11.59 15.17
N GLY A 275 -15.99 -11.63 15.74
CA GLY A 275 -16.14 -12.00 17.12
C GLY A 275 -15.48 -11.03 18.07
N ASP A 276 -15.06 -9.88 17.56
CA ASP A 276 -14.31 -8.88 18.32
C ASP A 276 -14.97 -7.53 18.06
N ARG A 277 -15.93 -7.17 18.91
CA ARG A 277 -16.64 -5.91 18.72
C ARG A 277 -15.70 -4.72 18.72
N ARG A 278 -14.55 -4.86 19.37
CA ARG A 278 -13.63 -3.74 19.52
C ARG A 278 -13.06 -3.29 18.18
N GLN A 279 -13.04 -4.15 17.17
CA GLN A 279 -12.60 -3.71 15.84
C GLN A 279 -13.60 -2.73 15.23
N GLY A 280 -14.88 -3.09 15.24
CA GLY A 280 -15.89 -2.15 14.79
C GLY A 280 -15.89 -0.88 15.59
N ARG A 281 -15.73 -0.99 16.91
CA ARG A 281 -15.69 0.22 17.72
C ARG A 281 -14.48 1.08 17.39
N MET A 282 -13.34 0.45 17.08
CA MET A 282 -12.17 1.22 16.68
C MET A 282 -12.44 2.00 15.41
N LEU A 283 -13.02 1.35 14.41
CA LEU A 283 -13.34 2.06 13.18
C LEU A 283 -14.31 3.20 13.44
N LEU A 284 -15.32 2.96 14.28
CA LEU A 284 -16.30 4.00 14.55
C LEU A 284 -15.66 5.19 15.27
N TRP A 285 -14.74 4.92 16.20
CA TRP A 285 -14.06 6.02 16.89
C TRP A 285 -13.19 6.81 15.93
N ALA A 286 -12.41 6.12 15.11
CA ALA A 286 -11.57 6.82 14.14
C ALA A 286 -12.40 7.71 13.24
N MET A 287 -13.56 7.22 12.79
CA MET A 287 -14.40 8.01 11.90
C MET A 287 -15.07 9.16 12.65
N SER A 288 -15.57 8.90 13.85
CA SER A 288 -16.36 9.88 14.57
C SER A 288 -15.53 11.05 15.02
N VAL A 289 -14.27 10.83 15.39
CA VAL A 289 -13.43 11.97 15.79
C VAL A 289 -13.31 12.96 14.65
N ILE A 290 -12.94 12.47 13.47
CA ILE A 290 -12.79 13.35 12.30
C ILE A 290 -14.13 14.00 11.97
N PHE A 291 -15.21 13.23 12.00
CA PHE A 291 -16.51 13.78 11.66
C PHE A 291 -16.89 14.92 12.58
N VAL A 292 -16.75 14.72 13.89
CA VAL A 292 -17.13 15.75 14.84
C VAL A 292 -16.28 16.99 14.66
N ILE A 293 -14.97 16.82 14.47
CA ILE A 293 -14.12 18.00 14.31
C ILE A 293 -14.50 18.76 13.06
N CYS A 294 -14.77 18.06 11.96
CA CYS A 294 -15.14 18.74 10.73
C CYS A 294 -16.47 19.46 10.87
N VAL A 295 -17.44 18.84 11.53
CA VAL A 295 -18.74 19.50 11.72
C VAL A 295 -18.57 20.76 12.55
N GLY A 296 -17.76 20.70 13.61
CA GLY A 296 -17.53 21.90 14.40
C GLY A 296 -16.87 23.00 13.58
N VAL A 297 -15.88 22.63 12.76
CA VAL A 297 -15.20 23.64 11.96
C VAL A 297 -16.16 24.30 10.98
N VAL A 298 -17.00 23.51 10.32
CA VAL A 298 -17.90 24.10 9.33
C VAL A 298 -18.97 24.95 10.01
N MET A 299 -19.53 24.47 11.13
CA MET A 299 -20.51 25.26 11.85
C MET A 299 -19.92 26.61 12.26
N TRP A 300 -18.70 26.60 12.79
CA TRP A 300 -18.07 27.85 13.19
C TRP A 300 -17.84 28.76 11.99
N ALA A 301 -17.30 28.21 10.91
CA ALA A 301 -16.99 29.02 9.74
C ALA A 301 -18.25 29.63 9.16
N GLU A 302 -19.39 28.95 9.25
CA GLU A 302 -20.62 29.48 8.68
C GLU A 302 -21.32 30.45 9.61
N VAL A 303 -21.18 30.28 10.92
CA VAL A 303 -21.76 31.23 11.85
C VAL A 303 -20.97 32.53 11.85
N GLN A 304 -19.66 32.46 11.62
CA GLN A 304 -18.92 33.69 11.36
C GLN A 304 -19.41 34.34 10.08
N GLY A 305 -19.65 33.56 9.05
CA GLY A 305 -20.34 33.99 7.87
C GLY A 305 -19.70 35.13 7.12
N ASN A 306 -20.44 35.61 6.14
CA ASN A 306 -19.95 36.62 5.22
C ASN A 306 -19.62 37.89 5.99
N PRO A 307 -18.37 38.34 6.02
CA PRO A 307 -18.08 39.62 6.70
C PRO A 307 -18.85 40.78 6.12
N HIS A 308 -18.89 40.89 4.80
CA HIS A 308 -19.49 42.04 4.13
C HIS A 308 -20.94 42.23 4.47
N LEU A 309 -21.64 41.19 4.92
CA LEU A 309 -23.08 41.32 5.16
C LEU A 309 -23.37 42.40 6.20
N LEU A 310 -22.71 42.32 7.35
CA LEU A 310 -22.99 43.27 8.41
C LEU A 310 -22.71 44.70 7.97
N ALA A 311 -21.63 44.90 7.22
CA ALA A 311 -21.30 46.23 6.73
C ALA A 311 -22.29 46.73 5.68
N LEU A 312 -22.82 45.84 4.85
CA LEU A 312 -23.75 46.23 3.81
C LEU A 312 -25.09 46.64 4.39
N GLY A 313 -25.39 46.19 5.60
CA GLY A 313 -26.54 46.63 6.34
C GLY A 313 -27.48 45.50 6.64
N THR A 314 -27.26 44.87 7.78
CA THR A 314 -28.02 43.69 8.21
C THR A 314 -27.93 43.68 9.73
N ASP A 315 -28.50 42.63 10.33
CA ASP A 315 -28.37 42.44 11.77
C ASP A 315 -27.45 41.29 12.15
N SER A 316 -27.24 40.34 11.24
CA SER A 316 -26.33 39.24 11.46
C SER A 316 -25.41 39.10 10.26
N SER A 317 -24.24 38.52 10.50
CA SER A 317 -23.33 38.15 9.44
C SER A 317 -23.40 36.66 9.14
N ILE A 318 -24.34 35.95 9.76
CA ILE A 318 -24.49 34.52 9.50
C ILE A 318 -24.70 34.29 8.02
N ASN A 319 -23.93 33.39 7.45
CA ASN A 319 -23.96 33.16 6.01
C ASN A 319 -25.22 32.38 5.64
N MET A 320 -26.20 33.06 5.06
CA MET A 320 -27.45 32.44 4.62
C MET A 320 -27.63 32.56 3.12
N GLU A 321 -26.54 32.68 2.38
CA GLU A 321 -26.65 32.93 0.95
C GLU A 321 -27.04 31.70 0.16
N GLY A 322 -26.85 30.51 0.71
CA GLY A 322 -27.17 29.32 -0.04
C GLY A 322 -27.89 28.32 0.82
N LYS A 323 -28.68 28.80 1.77
CA LYS A 323 -29.28 27.95 2.77
C LYS A 323 -30.76 28.26 2.89
N GLU A 324 -31.55 27.21 3.09
CA GLU A 324 -32.98 27.39 3.29
C GLU A 324 -33.25 27.92 4.68
N SER A 325 -34.27 28.77 4.79
CA SER A 325 -34.69 29.26 6.09
C SER A 325 -35.44 28.22 6.90
N ARG A 326 -35.62 27.03 6.33
CA ARG A 326 -36.28 25.93 7.01
C ARG A 326 -35.31 25.19 7.93
N PHE A 327 -34.07 25.02 7.46
CA PHE A 327 -32.97 24.48 8.24
C PHE A 327 -31.98 25.60 8.49
N GLY A 328 -31.59 25.81 9.73
CA GLY A 328 -30.77 26.97 10.01
C GLY A 328 -29.39 26.90 9.37
N VAL A 329 -28.45 27.64 9.92
CA VAL A 329 -27.09 27.58 9.43
C VAL A 329 -26.36 26.40 10.06
N LEU A 330 -26.70 26.04 11.30
CA LEU A 330 -26.07 24.88 11.92
C LEU A 330 -26.48 23.59 11.22
N VAL A 331 -27.75 23.47 10.84
CA VAL A 331 -28.22 22.24 10.20
C VAL A 331 -27.64 22.14 8.80
N SER A 332 -27.53 23.27 8.09
CA SER A 332 -26.90 23.24 6.78
C SER A 332 -25.44 22.86 6.88
N SER A 333 -24.75 23.34 7.91
CA SER A 333 -23.37 22.96 8.13
C SER A 333 -23.23 21.47 8.41
N LEU A 334 -24.06 20.95 9.32
CA LEU A 334 -24.01 19.53 9.62
C LEU A 334 -24.31 18.69 8.39
N PHE A 335 -25.29 19.10 7.58
CA PHE A 335 -25.61 18.30 6.41
C PHE A 335 -24.50 18.37 5.38
N ALA A 336 -23.87 19.53 5.19
CA ALA A 336 -22.74 19.60 4.28
C ALA A 336 -21.67 18.62 4.67
N VAL A 337 -21.31 18.62 5.95
CA VAL A 337 -20.26 17.71 6.40
C VAL A 337 -20.71 16.26 6.27
N VAL A 338 -21.95 15.96 6.66
CA VAL A 338 -22.44 14.60 6.56
C VAL A 338 -22.39 14.12 5.12
N THR A 339 -22.96 14.89 4.21
CA THR A 339 -23.08 14.43 2.83
C THR A 339 -21.70 14.26 2.18
N THR A 340 -20.75 15.15 2.46
CA THR A 340 -19.45 14.98 1.81
C THR A 340 -18.52 14.04 2.55
N ALA A 341 -18.78 13.76 3.82
CA ALA A 341 -18.06 12.69 4.51
C ALA A 341 -18.60 11.33 4.12
N ALA A 342 -19.90 11.23 3.90
CA ALA A 342 -20.57 9.96 3.67
C ALA A 342 -20.59 9.55 2.22
N SER A 343 -19.89 10.27 1.34
CA SER A 343 -19.92 9.98 -0.09
C SER A 343 -21.34 9.91 -0.60
N CYS A 344 -22.22 10.74 -0.07
CA CYS A 344 -23.62 10.72 -0.50
C CYS A 344 -23.81 11.66 -1.69
N GLY A 345 -23.65 12.95 -1.46
CA GLY A 345 -23.76 13.94 -2.49
C GLY A 345 -24.95 14.86 -2.33
N ALA A 346 -25.99 14.43 -1.64
CA ALA A 346 -27.14 15.28 -1.44
C ALA A 346 -26.78 16.52 -0.65
N VAL A 347 -27.27 17.67 -1.10
CA VAL A 347 -27.00 18.96 -0.49
C VAL A 347 -28.31 19.60 -0.08
N ILE A 348 -28.37 20.17 1.13
CA ILE A 348 -29.48 21.04 1.47
C ILE A 348 -29.07 22.50 1.46
N ALA A 349 -27.91 22.81 0.92
CA ALA A 349 -27.46 24.19 0.79
C ALA A 349 -26.47 24.24 -0.35
N MET A 350 -26.34 25.42 -0.95
CA MET A 350 -25.43 25.60 -2.07
C MET A 350 -24.02 25.70 -1.50
N HIS A 351 -23.19 24.68 -1.76
CA HIS A 351 -21.84 24.66 -1.22
C HIS A 351 -20.93 25.68 -1.88
N ASP A 352 -21.39 26.36 -2.92
CA ASP A 352 -20.57 27.38 -3.55
C ASP A 352 -20.67 28.69 -2.81
N SER A 353 -21.78 28.94 -2.14
CA SER A 353 -21.98 30.14 -1.37
C SER A 353 -21.47 30.00 0.06
N PHE A 354 -21.08 28.81 0.48
CA PHE A 354 -20.42 28.59 1.75
C PHE A 354 -19.21 29.49 1.85
N THR A 355 -18.79 29.82 3.06
CA THR A 355 -17.60 30.63 3.25
C THR A 355 -16.38 29.84 2.78
N ALA A 356 -15.20 30.45 2.90
CA ALA A 356 -13.99 29.79 2.43
C ALA A 356 -13.75 28.48 3.16
N LEU A 357 -13.71 28.52 4.49
CA LEU A 357 -13.46 27.30 5.26
C LEU A 357 -14.65 26.34 5.19
N GLY A 358 -15.87 26.88 5.17
CA GLY A 358 -17.03 26.04 5.06
C GLY A 358 -17.09 25.26 3.78
N GLY A 359 -16.32 25.65 2.78
CA GLY A 359 -16.23 24.90 1.55
C GLY A 359 -14.95 24.09 1.50
N MET A 360 -13.93 24.55 2.21
CA MET A 360 -12.71 23.77 2.30
C MET A 360 -12.96 22.44 2.99
N VAL A 361 -13.71 22.45 4.08
CA VAL A 361 -13.81 21.25 4.92
C VAL A 361 -14.62 20.16 4.23
N PRO A 362 -15.78 20.44 3.64
CA PRO A 362 -16.45 19.39 2.86
C PRO A 362 -15.60 18.88 1.70
N MET A 363 -14.98 19.77 0.94
CA MET A 363 -14.09 19.36 -0.13
C MET A 363 -12.96 18.52 0.43
N TRP A 364 -12.35 18.96 1.52
CA TRP A 364 -11.27 18.21 2.14
C TRP A 364 -11.71 16.81 2.53
N LEU A 365 -12.93 16.68 3.05
CA LEU A 365 -13.45 15.37 3.40
C LEU A 365 -13.63 14.51 2.16
N MET A 366 -14.07 15.11 1.06
CA MET A 366 -14.20 14.33 -0.17
C MET A 366 -12.84 13.86 -0.65
N GLN A 367 -11.80 14.67 -0.46
CA GLN A 367 -10.52 14.40 -1.07
C GLN A 367 -9.67 13.41 -0.28
N ILE A 368 -9.89 13.26 1.02
CA ILE A 368 -9.13 12.28 1.78
C ILE A 368 -9.56 10.86 1.46
N GLY A 369 -10.63 10.71 0.69
CA GLY A 369 -11.04 9.42 0.16
C GLY A 369 -12.41 8.99 0.61
N GLU A 370 -13.06 9.75 1.49
CA GLU A 370 -14.41 9.46 1.94
C GLU A 370 -14.43 8.14 2.68
N VAL A 371 -13.58 8.10 3.71
CA VAL A 371 -13.47 6.96 4.60
C VAL A 371 -14.13 7.26 5.94
N VAL A 372 -14.45 8.52 6.21
CA VAL A 372 -15.17 8.92 7.42
C VAL A 372 -16.65 8.61 7.18
N PHE A 373 -17.11 7.46 7.66
CA PHE A 373 -18.49 7.03 7.43
C PHE A 373 -18.82 7.00 5.95
N GLY A 374 -17.87 6.56 5.14
CA GLY A 374 -17.97 6.80 3.71
C GLY A 374 -19.18 6.16 3.05
N GLY A 375 -19.17 6.10 1.73
CA GLY A 375 -20.30 5.59 0.99
C GLY A 375 -20.76 4.22 1.46
N VAL A 376 -21.94 3.80 1.03
CA VAL A 376 -22.44 2.50 1.44
C VAL A 376 -21.48 1.44 0.94
N GLY A 377 -20.86 0.73 1.87
CA GLY A 377 -19.85 -0.26 1.49
C GLY A 377 -18.53 0.34 1.07
N SER A 378 -18.56 1.31 0.17
CA SER A 378 -17.33 1.93 -0.31
C SER A 378 -16.54 2.56 0.84
N GLY A 379 -17.22 3.21 1.77
CA GLY A 379 -16.51 3.82 2.87
C GLY A 379 -15.76 2.81 3.71
N LEU A 380 -16.37 1.66 3.97
CA LEU A 380 -15.73 0.71 4.86
C LEU A 380 -14.51 0.08 4.21
N TYR A 381 -14.58 -0.30 2.93
CA TYR A 381 -13.38 -0.89 2.34
C TYR A 381 -12.34 0.17 1.99
N GLY A 382 -12.72 1.43 1.80
CA GLY A 382 -11.71 2.48 1.76
C GLY A 382 -10.99 2.61 3.09
N MET A 383 -11.73 2.65 4.19
CA MET A 383 -11.09 2.70 5.49
C MET A 383 -10.31 1.44 5.78
N MET A 384 -10.67 0.31 5.18
CA MET A 384 -9.88 -0.91 5.36
C MET A 384 -8.58 -0.83 4.58
N LEU A 385 -8.60 -0.23 3.39
CA LEU A 385 -7.34 0.05 2.72
C LEU A 385 -6.45 0.92 3.61
N PHE A 386 -7.02 1.94 4.23
CA PHE A 386 -6.20 2.78 5.10
C PHE A 386 -5.78 2.07 6.37
N VAL A 387 -6.58 1.13 6.87
CA VAL A 387 -6.19 0.35 8.04
C VAL A 387 -5.05 -0.58 7.68
N LEU A 388 -5.10 -1.19 6.51
CA LEU A 388 -3.98 -2.00 6.06
C LEU A 388 -2.72 -1.17 5.91
N LEU A 389 -2.85 0.03 5.36
CA LEU A 389 -1.68 0.90 5.25
C LEU A 389 -1.14 1.27 6.61
N ALA A 390 -2.02 1.54 7.58
CA ALA A 390 -1.56 1.88 8.92
C ALA A 390 -0.84 0.70 9.56
N VAL A 391 -1.38 -0.50 9.42
CA VAL A 391 -0.71 -1.69 9.97
C VAL A 391 0.62 -1.92 9.27
N PHE A 392 0.68 -1.65 7.98
CA PHE A 392 1.94 -1.78 7.26
C PHE A 392 2.98 -0.86 7.85
N ILE A 393 2.65 0.43 7.96
CA ILE A 393 3.63 1.38 8.44
C ILE A 393 3.95 1.13 9.92
N ALA A 394 3.01 0.61 10.69
CA ALA A 394 3.33 0.28 12.07
C ALA A 394 4.35 -0.84 12.12
N GLY A 395 4.10 -1.93 11.38
CA GLY A 395 5.09 -2.99 11.30
C GLY A 395 6.44 -2.49 10.83
N LEU A 396 6.43 -1.63 9.82
CA LEU A 396 7.66 -1.05 9.32
C LEU A 396 8.37 -0.26 10.41
N MET A 397 7.60 0.45 11.23
CA MET A 397 8.13 1.37 12.23
C MET A 397 8.60 0.67 13.49
N ILE A 398 8.17 -0.57 13.74
CA ILE A 398 8.69 -1.33 14.87
C ILE A 398 9.69 -2.40 14.44
N GLY A 399 9.72 -2.77 13.17
CA GLY A 399 10.67 -3.74 12.66
C GLY A 399 10.12 -5.13 12.50
N ARG A 400 8.96 -5.42 13.06
CA ARG A 400 8.34 -6.73 12.95
C ARG A 400 7.48 -6.80 11.69
N THR A 401 6.83 -7.94 11.50
CA THR A 401 6.06 -8.19 10.28
C THR A 401 4.64 -7.65 10.41
N PRO A 402 4.05 -7.11 9.35
CA PRO A 402 2.66 -6.64 9.45
C PRO A 402 1.71 -7.79 9.73
N GLU A 403 0.60 -7.46 10.37
CA GLU A 403 -0.42 -8.45 10.70
C GLU A 403 -1.71 -7.77 11.13
N TYR A 404 -2.82 -8.10 10.49
CA TYR A 404 -4.11 -7.52 10.82
C TYR A 404 -5.12 -8.63 10.97
N LEU A 405 -5.79 -8.68 12.12
CA LEU A 405 -6.80 -9.69 12.41
C LEU A 405 -6.21 -11.09 12.29
N GLY A 406 -5.01 -11.28 12.81
CA GLY A 406 -4.37 -12.57 12.82
C GLY A 406 -3.78 -13.02 11.50
N LYS A 407 -4.22 -12.46 10.38
CA LYS A 407 -3.71 -12.86 9.08
C LYS A 407 -2.51 -11.99 8.72
N LYS A 408 -1.38 -12.63 8.43
CA LYS A 408 -0.21 -11.89 8.01
C LYS A 408 -0.45 -11.28 6.63
N ILE A 409 0.12 -10.10 6.41
CA ILE A 409 -0.08 -9.35 5.18
C ILE A 409 1.20 -9.38 4.37
N ASP A 410 1.08 -9.82 3.12
CA ASP A 410 2.24 -9.97 2.24
C ASP A 410 2.61 -8.60 1.68
N VAL A 411 3.47 -8.60 0.66
CA VAL A 411 3.77 -7.39 -0.08
C VAL A 411 2.84 -7.23 -1.28
N ARG A 412 2.21 -8.30 -1.74
CA ARG A 412 1.16 -8.14 -2.74
C ARG A 412 0.03 -7.27 -2.20
N GLU A 413 -0.39 -7.53 -0.96
CA GLU A 413 -1.40 -6.67 -0.36
C GLU A 413 -0.91 -5.24 -0.24
N MET A 414 0.38 -5.03 0.02
CA MET A 414 0.87 -3.65 0.11
C MET A 414 0.84 -2.97 -1.24
N LYS A 415 1.26 -3.67 -2.30
CA LYS A 415 1.17 -3.11 -3.63
C LYS A 415 -0.26 -2.75 -3.99
N LEU A 416 -1.18 -3.68 -3.73
CA LEU A 416 -2.57 -3.43 -4.09
C LEU A 416 -3.16 -2.30 -3.26
N THR A 417 -2.83 -2.24 -1.97
CA THR A 417 -3.31 -1.17 -1.11
C THR A 417 -2.80 0.19 -1.58
N ALA A 418 -1.51 0.27 -1.91
CA ALA A 418 -0.95 1.53 -2.36
C ALA A 418 -1.60 1.97 -3.66
N LEU A 419 -1.75 1.05 -4.62
CA LEU A 419 -2.37 1.42 -5.88
C LEU A 419 -3.83 1.84 -5.68
N ALA A 420 -4.54 1.16 -4.78
CA ALA A 420 -5.93 1.49 -4.55
C ALA A 420 -6.06 2.86 -3.91
N ILE A 421 -5.21 3.15 -2.93
CA ILE A 421 -5.26 4.46 -2.29
C ILE A 421 -4.92 5.55 -3.29
N LEU A 422 -3.89 5.33 -4.11
CA LEU A 422 -3.43 6.36 -5.04
C LEU A 422 -4.34 6.57 -6.24
N VAL A 423 -5.17 5.60 -6.63
CA VAL A 423 -5.93 5.76 -7.87
C VAL A 423 -6.85 6.97 -7.81
N THR A 424 -7.38 7.29 -6.64
CA THR A 424 -8.32 8.39 -6.54
C THR A 424 -7.66 9.76 -6.57
N PRO A 425 -6.65 10.03 -5.74
CA PRO A 425 -6.00 11.34 -5.82
C PRO A 425 -5.32 11.59 -7.14
N THR A 426 -4.84 10.54 -7.81
CA THR A 426 -4.33 10.70 -9.16
C THR A 426 -5.42 11.24 -10.07
N LEU A 427 -6.61 10.65 -9.99
CA LEU A 427 -7.72 11.12 -10.81
C LEU A 427 -8.06 12.57 -10.48
N VAL A 428 -8.11 12.89 -9.18
CA VAL A 428 -8.52 14.23 -8.78
C VAL A 428 -7.53 15.25 -9.34
N LEU A 429 -6.25 15.07 -9.01
CA LEU A 429 -5.25 16.06 -9.41
C LEU A 429 -5.09 16.12 -10.92
N MET A 430 -5.01 14.98 -11.60
CA MET A 430 -4.81 15.00 -13.04
C MET A 430 -6.02 15.57 -13.77
N GLY A 431 -7.23 15.22 -13.34
CA GLY A 431 -8.41 15.79 -13.95
C GLY A 431 -8.53 17.28 -13.72
N ALA A 432 -8.24 17.73 -12.50
CA ALA A 432 -8.29 19.16 -12.22
C ALA A 432 -7.23 19.90 -13.02
N ALA A 433 -6.05 19.31 -13.18
CA ALA A 433 -5.01 19.94 -13.99
C ALA A 433 -5.44 20.03 -15.44
N LEU A 434 -6.00 18.95 -15.98
CA LEU A 434 -6.45 18.97 -17.37
C LEU A 434 -7.55 20.01 -17.56
N ALA A 435 -8.45 20.12 -16.58
CA ALA A 435 -9.55 21.08 -16.71
C ALA A 435 -9.06 22.52 -16.66
N MET A 436 -7.95 22.77 -15.95
CA MET A 436 -7.44 24.12 -15.81
C MET A 436 -6.46 24.51 -16.91
N MET A 437 -6.05 23.58 -17.78
CA MET A 437 -5.20 23.89 -18.92
C MET A 437 -5.96 23.95 -20.22
N THR A 438 -7.26 23.73 -20.22
CA THR A 438 -8.07 23.78 -21.43
C THR A 438 -9.10 24.89 -21.28
N ASP A 439 -9.33 25.62 -22.36
CA ASP A 439 -10.28 26.73 -22.30
C ASP A 439 -11.67 26.22 -22.00
N ALA A 440 -12.03 25.04 -22.51
CA ALA A 440 -13.35 24.48 -22.27
C ALA A 440 -13.60 24.23 -20.79
N GLY A 441 -12.56 23.92 -20.04
CA GLY A 441 -12.71 23.58 -18.64
C GLY A 441 -12.73 24.73 -17.65
N ARG A 442 -11.76 25.64 -17.73
CA ARG A 442 -11.78 26.79 -16.84
C ARG A 442 -12.87 27.80 -17.20
N SER A 443 -13.35 27.83 -18.44
CA SER A 443 -14.43 28.76 -18.76
C SER A 443 -15.75 28.38 -18.11
N ALA A 444 -15.94 27.12 -17.71
CA ALA A 444 -17.18 26.71 -17.09
C ALA A 444 -17.44 27.44 -15.77
N MET A 445 -16.38 27.75 -15.04
CA MET A 445 -16.47 28.43 -13.75
C MET A 445 -17.43 29.60 -13.76
N LEU A 446 -17.98 29.90 -12.58
CA LEU A 446 -18.84 31.05 -12.35
C LEU A 446 -18.18 32.13 -11.51
N ASN A 447 -17.56 31.76 -10.41
CA ASN A 447 -17.00 32.76 -9.53
C ASN A 447 -15.59 33.14 -9.98
N PRO A 448 -15.15 34.36 -9.73
CA PRO A 448 -13.79 34.75 -10.10
C PRO A 448 -12.81 34.50 -8.97
N GLY A 449 -11.52 34.62 -9.30
CA GLY A 449 -10.48 34.48 -8.32
C GLY A 449 -10.31 33.04 -7.90
N PRO A 450 -9.68 32.81 -6.74
CA PRO A 450 -9.45 31.45 -6.29
C PRO A 450 -10.71 30.61 -6.17
N HIS A 451 -11.88 31.23 -6.03
CA HIS A 451 -13.08 30.41 -5.88
C HIS A 451 -13.47 29.73 -7.18
N GLY A 452 -13.10 30.29 -8.33
CA GLY A 452 -13.30 29.56 -9.57
C GLY A 452 -12.51 28.27 -9.59
N PHE A 453 -11.25 28.34 -9.21
CA PHE A 453 -10.46 27.12 -9.10
C PHE A 453 -11.04 26.20 -8.05
N SER A 454 -11.59 26.74 -6.96
CA SER A 454 -12.26 25.89 -5.98
C SER A 454 -13.42 25.15 -6.61
N GLU A 455 -14.17 25.81 -7.49
CA GLU A 455 -15.26 25.13 -8.19
C GLU A 455 -14.74 23.97 -9.03
N VAL A 456 -13.73 24.24 -9.86
CA VAL A 456 -13.20 23.18 -10.71
C VAL A 456 -12.66 22.03 -9.87
N LEU A 457 -11.92 22.35 -8.81
CA LEU A 457 -11.34 21.34 -7.94
C LEU A 457 -12.42 20.54 -7.23
N TYR A 458 -13.47 21.20 -6.76
CA TYR A 458 -14.54 20.50 -6.08
C TYR A 458 -15.28 19.58 -7.03
N ALA A 459 -15.48 20.02 -8.27
CA ALA A 459 -16.18 19.18 -9.22
C ALA A 459 -15.37 17.93 -9.52
N VAL A 460 -14.08 18.09 -9.81
CA VAL A 460 -13.30 16.91 -10.18
C VAL A 460 -13.04 16.02 -8.98
N SER A 461 -12.90 16.59 -7.78
CA SER A 461 -12.70 15.77 -6.60
C SER A 461 -13.97 15.05 -6.19
N SER A 462 -15.13 15.64 -6.49
CA SER A 462 -16.39 14.98 -6.19
C SER A 462 -16.64 13.84 -7.16
N ALA A 463 -16.46 14.08 -8.45
CA ALA A 463 -16.62 13.01 -9.42
C ALA A 463 -15.63 11.88 -9.19
N ALA A 464 -14.37 12.21 -8.94
CA ALA A 464 -13.36 11.15 -8.78
C ALA A 464 -13.63 10.28 -7.57
N ASN A 465 -14.25 10.83 -6.53
CA ASN A 465 -14.50 10.10 -5.29
C ASN A 465 -15.93 9.57 -5.21
N ASN A 466 -16.69 9.65 -6.28
CA ASN A 466 -18.06 9.16 -6.31
C ASN A 466 -18.87 9.78 -5.17
N ASN A 467 -18.78 11.09 -5.05
CA ASN A 467 -19.60 11.79 -4.08
C ASN A 467 -20.88 12.30 -4.74
N GLY A 468 -20.75 13.16 -5.74
CA GLY A 468 -21.87 13.73 -6.44
C GLY A 468 -22.10 15.20 -6.13
N SER A 469 -21.72 15.64 -4.93
CA SER A 469 -21.87 17.04 -4.59
C SER A 469 -21.13 17.90 -5.61
N ALA A 470 -21.54 19.15 -5.69
CA ALA A 470 -20.93 20.08 -6.62
C ALA A 470 -21.00 21.46 -6.02
N PHE A 471 -20.08 22.32 -6.45
CA PHE A 471 -20.28 23.73 -6.18
C PHE A 471 -21.39 24.28 -7.05
N ALA A 472 -21.73 23.63 -8.15
CA ALA A 472 -23.02 23.85 -8.80
C ALA A 472 -23.09 25.18 -9.53
N GLY A 473 -22.08 26.03 -9.37
CA GLY A 473 -21.99 27.23 -10.18
C GLY A 473 -21.28 26.85 -11.46
N LEU A 474 -20.40 25.88 -11.35
CA LEU A 474 -19.70 25.34 -12.50
C LEU A 474 -20.70 24.85 -13.52
N SER A 475 -20.67 25.43 -14.71
CA SER A 475 -21.52 25.00 -15.82
C SER A 475 -20.85 23.80 -16.48
N ALA A 476 -21.12 22.62 -15.93
CA ALA A 476 -20.43 21.39 -16.30
C ALA A 476 -21.27 20.55 -17.24
N ASN A 477 -21.98 21.17 -18.17
CA ASN A 477 -22.85 20.45 -19.08
C ASN A 477 -22.38 20.63 -20.52
N SER A 478 -21.10 20.46 -20.75
CA SER A 478 -20.52 20.44 -22.08
C SER A 478 -19.98 19.06 -22.37
N PRO A 479 -19.61 18.78 -23.62
CA PRO A 479 -18.99 17.48 -23.89
C PRO A 479 -17.71 17.27 -23.10
N PHE A 480 -16.89 18.30 -22.96
CA PHE A 480 -15.64 18.15 -22.25
C PHE A 480 -15.89 17.75 -20.80
N TRP A 481 -16.69 18.52 -20.08
CA TRP A 481 -16.91 18.24 -18.67
C TRP A 481 -17.64 16.93 -18.49
N ASN A 482 -18.62 16.64 -19.35
CA ASN A 482 -19.36 15.39 -19.22
C ASN A 482 -18.43 14.20 -19.38
N CYS A 483 -17.62 14.16 -20.44
CA CYS A 483 -16.74 13.03 -20.65
C CYS A 483 -15.64 12.96 -19.60
N LEU A 484 -15.10 14.11 -19.20
CA LEU A 484 -14.06 14.11 -18.18
C LEU A 484 -14.58 13.53 -16.87
N LEU A 485 -15.73 14.01 -16.41
CA LEU A 485 -16.25 13.53 -15.14
C LEU A 485 -16.74 12.10 -15.25
N ALA A 486 -17.23 11.69 -16.42
CA ALA A 486 -17.58 10.28 -16.59
C ALA A 486 -16.36 9.39 -16.42
N PHE A 487 -15.26 9.76 -17.08
CA PHE A 487 -14.02 9.00 -16.91
C PHE A 487 -13.60 8.96 -15.45
N CYS A 488 -13.61 10.11 -14.79
CA CYS A 488 -13.16 10.16 -13.40
C CYS A 488 -14.02 9.25 -12.53
N MET A 489 -15.34 9.37 -12.64
CA MET A 489 -16.24 8.56 -11.83
C MET A 489 -16.02 7.08 -12.08
N PHE A 490 -16.04 6.68 -13.35
CA PHE A 490 -15.86 5.27 -13.69
C PHE A 490 -14.56 4.73 -13.12
N VAL A 491 -13.45 5.40 -13.39
CA VAL A 491 -12.16 4.87 -12.98
C VAL A 491 -12.05 4.88 -11.47
N GLY A 492 -12.47 5.94 -10.80
CA GLY A 492 -12.45 5.93 -9.35
C GLY A 492 -13.16 4.72 -8.79
N ARG A 493 -14.46 4.63 -9.07
CA ARG A 493 -15.27 3.53 -8.54
C ARG A 493 -14.60 2.19 -8.79
N PHE A 494 -14.36 1.86 -10.05
CA PHE A 494 -14.00 0.48 -10.37
C PHE A 494 -12.51 0.19 -10.22
N GLY A 495 -11.63 1.14 -10.48
CA GLY A 495 -10.26 0.96 -10.13
C GLY A 495 -9.98 1.01 -8.64
N VAL A 496 -10.99 1.24 -7.80
CA VAL A 496 -10.81 0.99 -6.37
C VAL A 496 -11.47 -0.33 -6.01
N ILE A 497 -12.58 -0.66 -6.68
CA ILE A 497 -13.22 -1.94 -6.41
C ILE A 497 -12.34 -3.11 -6.82
N ILE A 498 -11.50 -2.95 -7.85
CA ILE A 498 -10.73 -4.09 -8.37
C ILE A 498 -9.59 -4.47 -7.44
N PRO A 499 -8.70 -3.55 -7.06
CA PRO A 499 -7.66 -3.94 -6.09
C PRO A 499 -8.22 -4.45 -4.79
N VAL A 500 -9.40 -3.98 -4.37
CA VAL A 500 -9.99 -4.47 -3.14
C VAL A 500 -10.39 -5.93 -3.28
N MET A 501 -10.93 -6.32 -4.43
CA MET A 501 -11.26 -7.73 -4.63
C MET A 501 -10.00 -8.55 -4.76
N ALA A 502 -8.95 -8.02 -5.37
CA ALA A 502 -7.68 -8.75 -5.38
C ALA A 502 -7.16 -8.97 -3.97
N ILE A 503 -7.32 -7.98 -3.10
CA ILE A 503 -6.85 -8.10 -1.74
C ILE A 503 -7.69 -9.10 -0.98
N ALA A 504 -8.99 -9.13 -1.23
CA ALA A 504 -9.84 -10.16 -0.65
C ALA A 504 -9.39 -11.53 -1.12
N GLY A 505 -9.01 -11.63 -2.39
CA GLY A 505 -8.56 -12.90 -2.92
C GLY A 505 -7.32 -13.40 -2.22
N SER A 506 -6.33 -12.53 -2.06
CA SER A 506 -5.12 -12.95 -1.37
C SER A 506 -5.38 -13.26 0.09
N LEU A 507 -6.19 -12.44 0.77
CA LEU A 507 -6.41 -12.63 2.20
C LEU A 507 -7.25 -13.86 2.52
N VAL A 508 -8.11 -14.31 1.61
CA VAL A 508 -9.01 -15.40 1.99
C VAL A 508 -8.34 -16.75 1.94
N SER A 509 -7.17 -16.86 1.31
CA SER A 509 -6.41 -18.10 1.26
C SER A 509 -5.33 -18.15 2.32
N LYS A 510 -5.46 -17.38 3.40
CA LYS A 510 -4.51 -17.35 4.50
C LYS A 510 -5.15 -18.01 5.71
N LYS A 511 -4.43 -17.98 6.83
CA LYS A 511 -4.90 -18.53 8.09
C LYS A 511 -4.48 -17.59 9.21
N SER A 512 -5.39 -17.35 10.15
CA SER A 512 -5.11 -16.42 11.23
C SER A 512 -4.17 -17.06 12.24
N GLN A 513 -3.02 -16.42 12.45
CA GLN A 513 -1.99 -16.96 13.34
C GLN A 513 -2.35 -16.65 14.79
N ALA A 514 -1.40 -16.88 15.69
CA ALA A 514 -1.57 -16.58 17.10
C ALA A 514 -0.78 -15.33 17.46
N ALA A 515 -1.03 -14.83 18.66
CA ALA A 515 -0.35 -13.64 19.13
C ALA A 515 1.15 -13.84 19.09
N SER A 516 1.87 -12.73 19.08
CA SER A 516 3.33 -12.75 19.04
C SER A 516 3.81 -11.34 19.32
N SER A 517 5.12 -11.12 19.20
CA SER A 517 5.69 -9.82 19.45
C SER A 517 5.46 -8.84 18.31
N GLY A 518 5.14 -9.32 17.13
CA GLY A 518 4.92 -8.45 15.98
C GLY A 518 3.46 -8.22 15.67
N THR A 519 2.61 -8.28 16.70
CA THR A 519 1.18 -8.15 16.56
C THR A 519 0.71 -6.99 17.44
N LEU A 520 0.73 -5.79 16.90
CA LEU A 520 0.20 -4.67 17.66
C LEU A 520 -1.32 -4.71 17.65
N PRO A 521 -1.99 -4.47 18.78
CA PRO A 521 -3.44 -4.45 18.77
C PRO A 521 -3.98 -3.34 17.89
N THR A 522 -4.96 -3.68 17.05
CA THR A 522 -5.61 -2.72 16.18
C THR A 522 -6.83 -2.08 16.83
N HIS A 523 -6.85 -2.00 18.15
CA HIS A 523 -7.87 -1.24 18.85
C HIS A 523 -7.21 -0.32 19.86
N GLY A 524 -8.00 0.36 20.68
CA GLY A 524 -7.44 1.28 21.64
C GLY A 524 -6.98 2.54 20.95
N PRO A 525 -6.65 3.57 21.73
CA PRO A 525 -6.38 4.88 21.14
C PRO A 525 -5.08 4.96 20.37
N LEU A 526 -4.10 4.09 20.60
CA LEU A 526 -2.86 4.18 19.84
C LEU A 526 -3.13 3.94 18.36
N PHE A 527 -3.85 2.87 18.04
CA PHE A 527 -4.10 2.59 16.63
C PHE A 527 -5.16 3.50 16.04
N VAL A 528 -6.12 3.96 16.84
CA VAL A 528 -7.04 4.98 16.35
C VAL A 528 -6.24 6.21 15.92
N GLY A 529 -5.30 6.65 16.75
CA GLY A 529 -4.47 7.78 16.38
C GLY A 529 -3.62 7.50 15.16
N LEU A 530 -3.03 6.31 15.08
CA LEU A 530 -2.22 5.97 13.93
C LEU A 530 -3.05 5.98 12.64
N LEU A 531 -4.28 5.51 12.70
CA LEU A 531 -5.13 5.44 11.52
C LEU A 531 -5.61 6.83 11.11
N ILE A 532 -6.05 7.64 12.08
CA ILE A 532 -6.39 9.03 11.77
C ILE A 532 -5.20 9.73 11.15
N GLY A 533 -4.01 9.52 11.71
CA GLY A 533 -2.83 10.15 11.16
C GLY A 533 -2.58 9.73 9.72
N THR A 534 -2.65 8.43 9.45
CA THR A 534 -2.43 7.95 8.09
C THR A 534 -3.41 8.60 7.11
N VAL A 535 -4.70 8.56 7.44
CA VAL A 535 -5.72 9.12 6.55
C VAL A 535 -5.43 10.59 6.29
N LEU A 536 -5.34 11.38 7.36
CA LEU A 536 -5.19 12.82 7.21
C LEU A 536 -3.89 13.19 6.54
N LEU A 537 -2.81 12.43 6.78
CA LEU A 537 -1.53 12.78 6.19
C LEU A 537 -1.47 12.44 4.72
N VAL A 538 -2.01 11.30 4.29
CA VAL A 538 -2.10 11.06 2.87
C VAL A 538 -2.88 12.17 2.20
N GLY A 539 -4.07 12.48 2.74
CA GLY A 539 -4.87 13.53 2.16
C GLY A 539 -4.15 14.87 2.10
N ALA A 540 -3.45 15.22 3.18
CA ALA A 540 -2.81 16.52 3.24
C ALA A 540 -1.61 16.59 2.30
N LEU A 541 -0.71 15.62 2.38
CA LEU A 541 0.42 15.60 1.48
C LEU A 541 -0.03 15.69 0.03
N THR A 542 -1.19 15.13 -0.29
CA THR A 542 -1.61 15.17 -1.69
C THR A 542 -2.20 16.52 -2.06
N PHE A 543 -3.13 17.03 -1.27
CA PHE A 543 -3.96 18.15 -1.69
C PHE A 543 -3.63 19.49 -1.06
N ILE A 544 -2.63 19.58 -0.17
CA ILE A 544 -2.33 20.88 0.44
C ILE A 544 -1.98 21.94 -0.59
N PRO A 545 -1.13 21.68 -1.59
CA PRO A 545 -1.00 22.65 -2.68
C PRO A 545 -2.31 23.03 -3.33
N ALA A 546 -3.11 22.06 -3.75
CA ALA A 546 -4.37 22.38 -4.42
C ALA A 546 -5.28 23.19 -3.52
N LEU A 547 -5.44 22.75 -2.26
CA LEU A 547 -6.31 23.46 -1.33
C LEU A 547 -5.77 24.84 -0.98
N ALA A 548 -4.46 25.01 -1.02
CA ALA A 548 -3.88 26.30 -0.67
C ALA A 548 -4.18 27.36 -1.72
N LEU A 549 -4.34 26.95 -2.97
CA LEU A 549 -4.59 27.87 -4.07
C LEU A 549 -6.06 28.08 -4.35
N GLY A 550 -6.93 27.41 -3.63
CA GLY A 550 -8.36 27.60 -3.76
C GLY A 550 -8.95 28.16 -2.48
N PRO A 551 -9.53 27.28 -1.65
CA PRO A 551 -10.21 27.79 -0.45
C PRO A 551 -9.34 28.61 0.47
N VAL A 552 -8.07 28.25 0.68
CA VAL A 552 -7.25 29.00 1.62
C VAL A 552 -6.85 30.34 1.01
N ALA A 553 -6.56 30.36 -0.29
CA ALA A 553 -6.26 31.62 -0.95
C ALA A 553 -7.45 32.57 -0.88
N GLU A 554 -8.66 32.03 -1.04
CA GLU A 554 -9.87 32.83 -0.90
C GLU A 554 -10.04 33.32 0.54
N TYR A 555 -9.81 32.43 1.51
CA TYR A 555 -9.97 32.81 2.91
C TYR A 555 -9.03 33.94 3.29
N LEU A 556 -7.77 33.84 2.88
CA LEU A 556 -6.76 34.76 3.36
C LEU A 556 -6.96 36.16 2.78
N SER A 557 -7.50 36.24 1.57
CA SER A 557 -7.87 37.53 1.00
C SER A 557 -8.80 37.32 -0.15
N PHE B 9 36.57 -0.87 6.96
CA PHE B 9 36.66 -0.25 5.60
C PHE B 9 38.05 0.33 5.35
N GLU B 10 38.99 -0.54 4.98
CA GLU B 10 40.33 -0.14 4.61
C GLU B 10 40.29 1.01 3.61
N PRO B 11 41.35 1.83 3.53
CA PRO B 11 41.43 2.86 2.48
C PRO B 11 40.95 2.40 1.12
N THR B 12 41.41 1.24 0.66
CA THR B 12 41.10 0.83 -0.71
C THR B 12 39.61 0.57 -0.90
N LEU B 13 38.92 0.16 0.16
CA LEU B 13 37.50 -0.12 0.03
C LEU B 13 36.73 1.17 -0.24
N VAL B 14 37.08 2.24 0.47
CA VAL B 14 36.42 3.52 0.24
C VAL B 14 36.69 4.02 -1.18
N VAL B 15 37.94 3.90 -1.65
CA VAL B 15 38.24 4.40 -2.98
C VAL B 15 37.52 3.58 -4.03
N GLN B 16 37.33 2.29 -3.79
CA GLN B 16 36.60 1.48 -4.76
C GLN B 16 35.12 1.84 -4.73
N ALA B 17 34.58 2.13 -3.55
CA ALA B 17 33.20 2.56 -3.47
C ALA B 17 32.99 3.89 -4.18
N LEU B 18 33.99 4.76 -4.12
CA LEU B 18 33.86 6.06 -4.79
C LEU B 18 33.91 5.89 -6.30
N LYS B 19 34.82 5.05 -6.79
CA LYS B 19 34.87 4.80 -8.23
C LYS B 19 33.58 4.14 -8.70
N GLU B 20 33.02 3.23 -7.92
CA GLU B 20 31.78 2.57 -8.35
C GLU B 20 30.57 3.49 -8.23
N ALA B 21 30.61 4.50 -7.37
CA ALA B 21 29.54 5.49 -7.35
C ALA B 21 29.60 6.36 -8.60
N VAL B 22 30.79 6.85 -8.93
CA VAL B 22 30.97 7.64 -10.13
C VAL B 22 30.55 6.84 -11.35
N LYS B 23 30.83 5.53 -11.34
CA LYS B 23 30.49 4.68 -12.46
C LYS B 23 29.03 4.24 -12.46
N LYS B 24 28.33 4.39 -11.34
CA LYS B 24 26.91 4.09 -11.32
C LYS B 24 26.06 5.32 -11.62
N LEU B 25 26.67 6.51 -11.70
CA LEU B 25 25.89 7.68 -12.11
C LEU B 25 25.11 7.45 -13.39
N ASN B 26 25.65 6.69 -14.34
CA ASN B 26 25.03 6.56 -15.65
C ASN B 26 23.59 6.08 -15.50
N PRO B 27 22.64 6.69 -16.22
CA PRO B 27 21.22 6.41 -15.94
C PRO B 27 20.85 4.94 -16.01
N GLN B 28 21.48 4.17 -16.90
CA GLN B 28 21.12 2.76 -17.03
C GLN B 28 21.30 2.01 -15.73
N ALA B 29 22.23 2.45 -14.89
CA ALA B 29 22.45 1.82 -13.60
C ALA B 29 21.68 2.50 -12.48
N GLN B 30 21.26 3.74 -12.67
CA GLN B 30 20.52 4.47 -11.66
C GLN B 30 19.02 4.20 -11.73
N TRP B 31 18.56 3.71 -12.88
CA TRP B 31 17.14 3.42 -13.09
C TRP B 31 16.57 2.48 -12.04
N ARG B 32 17.40 1.62 -11.47
CA ARG B 32 16.96 0.65 -10.47
C ARG B 32 16.80 1.24 -9.08
N ASN B 33 16.82 2.56 -8.93
CA ASN B 33 16.62 3.21 -7.64
C ASN B 33 15.66 4.37 -7.87
N PRO B 34 14.37 4.21 -7.55
CA PRO B 34 13.40 5.23 -7.97
C PRO B 34 13.66 6.61 -7.42
N VAL B 35 13.81 6.75 -6.10
CA VAL B 35 14.02 8.08 -5.52
C VAL B 35 15.28 8.71 -6.07
N MET B 36 16.40 7.97 -6.01
CA MET B 36 17.65 8.56 -6.50
C MET B 36 17.63 8.74 -8.00
N PHE B 37 16.83 7.97 -8.73
CA PHE B 37 16.72 8.21 -10.15
C PHE B 37 15.99 9.52 -10.42
N ILE B 38 14.96 9.82 -9.64
CA ILE B 38 14.28 11.10 -9.83
C ILE B 38 15.16 12.25 -9.41
N VAL B 39 15.96 12.06 -8.35
CA VAL B 39 16.91 13.12 -7.99
C VAL B 39 17.94 13.28 -9.10
N TRP B 40 18.30 12.20 -9.78
CA TRP B 40 19.22 12.28 -10.90
C TRP B 40 18.59 13.07 -12.05
N ILE B 41 17.33 12.77 -12.36
CA ILE B 41 16.64 13.47 -13.44
C ILE B 41 16.56 14.96 -13.12
N GLY B 42 16.16 15.30 -11.89
CA GLY B 42 16.07 16.70 -11.54
C GLY B 42 17.42 17.39 -11.53
N SER B 43 18.45 16.68 -11.10
CA SER B 43 19.80 17.25 -11.14
C SER B 43 20.21 17.55 -12.57
N LEU B 44 19.93 16.65 -13.49
CA LEU B 44 20.27 16.90 -14.89
C LEU B 44 19.45 18.06 -15.44
N LEU B 45 18.16 18.11 -15.11
CA LEU B 45 17.33 19.20 -15.58
C LEU B 45 17.84 20.55 -15.07
N THR B 46 18.27 20.62 -13.81
CA THR B 46 18.76 21.88 -13.29
C THR B 46 20.14 22.22 -13.86
N THR B 47 20.93 21.22 -14.21
CA THR B 47 22.18 21.50 -14.92
C THR B 47 21.87 22.13 -16.28
N CYS B 48 20.91 21.57 -17.00
CA CYS B 48 20.54 22.15 -18.29
C CYS B 48 19.95 23.54 -18.12
N ILE B 49 19.15 23.75 -17.07
CA ILE B 49 18.55 25.05 -16.82
C ILE B 49 19.63 26.08 -16.51
N SER B 50 20.64 25.70 -15.73
CA SER B 50 21.70 26.64 -15.41
C SER B 50 22.54 26.94 -16.65
N ILE B 51 22.83 25.93 -17.46
CA ILE B 51 23.59 26.17 -18.69
C ILE B 51 22.80 27.09 -19.61
N ALA B 52 21.49 26.93 -19.67
CA ALA B 52 20.65 27.82 -20.47
C ALA B 52 20.71 29.24 -19.93
N MET B 53 20.33 29.42 -18.66
CA MET B 53 20.34 30.75 -18.06
C MET B 53 21.70 31.43 -18.18
N ALA B 54 22.79 30.65 -18.18
CA ALA B 54 24.10 31.23 -18.39
C ALA B 54 24.36 31.57 -19.84
N SER B 55 23.81 30.78 -20.77
CA SER B 55 23.90 31.10 -22.19
C SER B 55 23.01 32.27 -22.57
N GLY B 56 22.16 32.75 -21.66
CA GLY B 56 21.21 33.79 -21.97
C GLY B 56 19.93 33.29 -22.60
N ALA B 57 19.80 31.99 -22.85
CA ALA B 57 18.64 31.46 -23.53
C ALA B 57 17.38 31.55 -22.67
N MET B 58 17.55 31.66 -21.35
CA MET B 58 16.45 31.75 -20.41
C MET B 58 16.80 32.85 -19.43
N PRO B 59 15.90 33.79 -19.14
CA PRO B 59 16.23 34.82 -18.16
C PRO B 59 16.24 34.24 -16.76
N GLY B 60 17.08 34.81 -15.91
CA GLY B 60 17.18 34.34 -14.54
C GLY B 60 18.61 34.27 -14.03
N ASN B 61 18.76 33.88 -12.76
CA ASN B 61 20.07 33.77 -12.14
C ASN B 61 20.59 32.36 -12.37
N ALA B 62 21.63 32.23 -13.20
CA ALA B 62 22.18 30.92 -13.48
C ALA B 62 22.77 30.28 -12.24
N LEU B 63 23.38 31.09 -11.37
CA LEU B 63 24.14 30.53 -10.27
C LEU B 63 23.26 29.94 -9.17
N PHE B 64 21.96 30.18 -9.17
CA PHE B 64 21.13 29.53 -8.16
C PHE B 64 20.76 28.13 -8.61
N SER B 65 20.40 27.97 -9.88
CA SER B 65 20.19 26.62 -10.37
C SER B 65 21.50 25.86 -10.42
N ALA B 66 22.62 26.58 -10.54
CA ALA B 66 23.91 25.91 -10.43
C ALA B 66 24.14 25.38 -9.03
N ALA B 67 23.83 26.17 -8.00
CA ALA B 67 23.95 25.67 -6.63
C ALA B 67 23.02 24.48 -6.40
N ILE B 68 21.77 24.58 -6.83
CA ILE B 68 20.83 23.46 -6.69
C ILE B 68 21.37 22.22 -7.38
N SER B 69 21.88 22.38 -8.61
CA SER B 69 22.35 21.22 -9.35
C SER B 69 23.59 20.62 -8.70
N GLY B 70 24.51 21.46 -8.24
CA GLY B 70 25.67 20.95 -7.53
C GLY B 70 25.27 20.14 -6.31
N TRP B 71 24.34 20.67 -5.52
CA TRP B 71 23.95 19.95 -4.32
C TRP B 71 23.18 18.67 -4.64
N LEU B 72 22.38 18.66 -5.71
CA LEU B 72 21.72 17.42 -6.08
C LEU B 72 22.70 16.39 -6.61
N TRP B 73 23.75 16.83 -7.30
CA TRP B 73 24.80 15.91 -7.70
C TRP B 73 25.52 15.34 -6.49
N ILE B 74 25.80 16.17 -5.49
CA ILE B 74 26.39 15.65 -4.25
C ILE B 74 25.46 14.62 -3.62
N THR B 75 24.17 14.92 -3.56
CA THR B 75 23.24 13.99 -2.94
C THR B 75 23.26 12.65 -3.65
N VAL B 76 23.19 12.67 -4.98
CA VAL B 76 23.13 11.42 -5.73
C VAL B 76 24.45 10.67 -5.63
N LEU B 77 25.57 11.38 -5.63
CA LEU B 77 26.84 10.69 -5.60
C LEU B 77 27.14 10.11 -4.23
N PHE B 78 26.69 10.76 -3.15
CA PHE B 78 26.86 10.15 -1.85
C PHE B 78 25.88 9.00 -1.64
N ALA B 79 24.69 9.06 -2.21
CA ALA B 79 23.82 7.91 -2.10
C ALA B 79 24.43 6.72 -2.82
N ASN B 80 24.96 6.95 -4.02
CA ASN B 80 25.67 5.89 -4.73
C ASN B 80 26.85 5.37 -3.93
N PHE B 81 27.56 6.25 -3.22
CA PHE B 81 28.73 5.81 -2.46
C PHE B 81 28.32 4.99 -1.25
N ALA B 82 27.28 5.41 -0.54
CA ALA B 82 26.82 4.63 0.60
C ALA B 82 26.31 3.28 0.15
N GLU B 83 25.64 3.22 -1.01
CA GLU B 83 25.15 1.94 -1.49
C GLU B 83 26.24 1.12 -2.19
N ALA B 84 27.39 1.72 -2.47
CA ALA B 84 28.52 0.95 -2.96
C ALA B 84 29.36 0.39 -1.83
N LEU B 85 29.34 1.05 -0.67
CA LEU B 85 29.97 0.46 0.50
C LEU B 85 29.16 -0.73 0.96
N ALA B 86 27.92 -0.48 1.31
CA ALA B 86 27.02 -1.41 1.96
C ALA B 86 26.56 -2.54 1.06
N GLU B 87 26.81 -2.51 -0.24
CA GLU B 87 26.25 -3.56 -1.06
C GLU B 87 27.01 -3.92 -2.33
N GLY B 88 28.18 -3.35 -2.62
CA GLY B 88 28.76 -3.60 -3.92
C GLY B 88 29.54 -4.90 -3.98
N ARG B 89 30.04 -5.36 -2.85
CA ARG B 89 30.64 -6.67 -2.64
C ARG B 89 29.64 -7.76 -2.33
N SER B 90 28.33 -7.49 -2.41
CA SER B 90 27.35 -8.47 -1.97
C SER B 90 27.34 -9.71 -2.85
N LYS B 91 27.25 -9.55 -4.16
CA LYS B 91 27.05 -10.69 -5.04
C LYS B 91 28.25 -11.63 -5.03
N ALA B 92 27.98 -12.92 -5.17
CA ALA B 92 29.02 -13.92 -5.13
C ALA B 92 29.96 -13.79 -6.31
N GLN B 93 31.25 -14.03 -6.07
CA GLN B 93 32.29 -13.93 -7.08
C GLN B 93 32.91 -15.30 -7.29
N ALA B 94 32.87 -15.80 -8.52
CA ALA B 94 33.53 -17.06 -8.85
C ALA B 94 34.94 -16.82 -9.37
N ASN B 95 35.72 -16.05 -8.61
CA ASN B 95 37.02 -15.63 -9.09
C ASN B 95 38.06 -16.74 -8.96
N SER B 96 38.06 -17.45 -7.84
CA SER B 96 39.03 -18.54 -7.68
C SER B 96 38.71 -19.70 -8.60
N LEU B 97 37.44 -20.02 -8.77
CA LEU B 97 37.06 -21.04 -9.75
C LEU B 97 37.46 -20.63 -11.15
N LYS B 98 37.20 -19.37 -11.53
CA LYS B 98 37.62 -18.92 -12.85
C LYS B 98 39.13 -18.96 -12.99
N GLY B 99 39.86 -18.67 -11.92
CA GLY B 99 41.31 -18.76 -11.97
C GLY B 99 41.78 -20.18 -12.23
N VAL B 100 41.21 -21.14 -11.49
CA VAL B 100 41.58 -22.53 -11.74
C VAL B 100 41.26 -22.93 -13.16
N LYS B 101 40.19 -22.39 -13.73
CA LYS B 101 39.80 -22.75 -15.09
C LYS B 101 40.67 -22.08 -16.14
N LYS B 102 41.27 -20.93 -15.82
CA LYS B 102 42.03 -20.17 -16.79
C LYS B 102 43.53 -20.43 -16.72
N THR B 103 44.05 -20.91 -15.59
CA THR B 103 45.46 -21.20 -15.43
C THR B 103 45.71 -22.70 -15.32
N ALA B 104 45.00 -23.48 -16.12
CA ALA B 104 45.14 -24.92 -16.17
C ALA B 104 45.86 -25.34 -17.44
N PHE B 105 46.70 -26.36 -17.33
CA PHE B 105 47.50 -26.87 -18.44
C PHE B 105 47.30 -28.36 -18.56
N ALA B 106 47.46 -28.87 -19.77
CA ALA B 106 47.27 -30.28 -20.06
C ALA B 106 48.43 -30.80 -20.89
N ARG B 107 49.01 -31.92 -20.46
CA ARG B 107 50.04 -32.59 -21.25
C ARG B 107 49.34 -33.44 -22.31
N LYS B 108 48.97 -32.79 -23.41
CA LYS B 108 48.44 -33.54 -24.54
C LYS B 108 49.45 -34.59 -24.96
N LEU B 109 48.95 -35.77 -25.33
CA LEU B 109 49.80 -36.91 -25.66
C LEU B 109 49.56 -37.36 -27.09
N ARG B 110 50.58 -38.02 -27.63
CA ARG B 110 50.54 -38.66 -28.94
C ARG B 110 50.79 -40.14 -28.74
N GLU B 111 50.10 -40.97 -29.50
CA GLU B 111 50.16 -42.41 -29.27
C GLU B 111 49.70 -42.66 -27.84
N PRO B 112 48.40 -42.56 -27.57
CA PRO B 112 47.94 -42.39 -26.19
C PRO B 112 48.00 -43.62 -25.30
N LYS B 113 48.72 -44.67 -25.71
CA LYS B 113 48.91 -45.79 -24.81
C LYS B 113 49.54 -45.29 -23.52
N TYR B 114 50.80 -44.86 -23.61
CA TYR B 114 51.42 -44.02 -22.60
C TYR B 114 51.96 -42.73 -23.21
N GLY B 115 52.69 -42.84 -24.32
CA GLY B 115 53.25 -41.68 -24.98
C GLY B 115 54.31 -40.99 -24.15
N ALA B 116 55.12 -40.16 -24.81
CA ALA B 116 56.09 -39.33 -24.13
C ALA B 116 56.18 -37.93 -24.73
N ALA B 117 55.21 -37.56 -25.56
CA ALA B 117 55.17 -36.23 -26.17
C ALA B 117 54.17 -35.39 -25.37
N ALA B 118 54.65 -34.80 -24.29
CA ALA B 118 53.83 -33.96 -23.42
C ALA B 118 53.84 -32.55 -23.97
N ASP B 119 52.72 -32.14 -24.57
CA ASP B 119 52.56 -30.79 -25.10
C ASP B 119 51.81 -29.95 -24.09
N LYS B 120 52.46 -28.91 -23.59
CA LYS B 120 51.90 -28.13 -22.50
C LYS B 120 50.77 -27.25 -23.00
N VAL B 121 49.68 -27.87 -23.44
CA VAL B 121 48.56 -27.16 -24.04
C VAL B 121 47.62 -26.69 -22.94
N PRO B 122 47.24 -25.42 -22.91
CA PRO B 122 46.28 -24.96 -21.89
C PRO B 122 45.04 -25.83 -21.85
N ALA B 123 44.67 -26.26 -20.64
CA ALA B 123 43.58 -27.21 -20.49
C ALA B 123 42.29 -26.69 -21.07
N ASP B 124 42.10 -25.37 -21.10
CA ASP B 124 40.90 -24.80 -21.70
C ASP B 124 40.79 -25.15 -23.17
N GLN B 125 41.92 -25.36 -23.84
CA GLN B 125 41.96 -25.63 -25.27
C GLN B 125 41.71 -27.09 -25.62
N LEU B 126 41.35 -27.93 -24.66
CA LEU B 126 41.14 -29.34 -24.90
C LEU B 126 39.72 -29.58 -25.37
N ARG B 127 39.56 -30.50 -26.31
CA ARG B 127 38.25 -30.89 -26.80
C ARG B 127 38.03 -32.38 -26.53
N LYS B 128 36.79 -32.82 -26.71
CA LYS B 128 36.46 -34.22 -26.47
C LYS B 128 37.26 -35.12 -27.38
N GLY B 129 37.58 -36.31 -26.86
CA GLY B 129 38.38 -37.28 -27.58
C GLY B 129 39.87 -37.14 -27.41
N ASP B 130 40.34 -35.97 -26.97
CA ASP B 130 41.77 -35.76 -26.78
C ASP B 130 42.26 -36.42 -25.51
N ILE B 131 43.51 -36.89 -25.56
CA ILE B 131 44.11 -37.65 -24.47
C ILE B 131 45.09 -36.74 -23.72
N VAL B 132 45.11 -36.87 -22.40
CA VAL B 132 45.90 -36.01 -21.53
C VAL B 132 46.65 -36.87 -20.53
N LEU B 133 47.73 -36.33 -19.99
CA LEU B 133 48.50 -36.95 -18.93
C LEU B 133 48.51 -36.06 -17.72
N VAL B 134 48.22 -36.63 -16.56
CA VAL B 134 48.31 -35.93 -15.29
C VAL B 134 49.19 -36.76 -14.37
N GLU B 135 49.99 -36.09 -13.56
CA GLU B 135 50.89 -36.75 -12.62
C GLU B 135 50.79 -36.07 -11.27
N ALA B 136 51.41 -36.68 -10.26
CA ALA B 136 51.27 -36.27 -8.87
C ALA B 136 51.35 -34.76 -8.72
N GLY B 137 50.30 -34.18 -8.14
CA GLY B 137 50.22 -32.76 -7.91
C GLY B 137 49.52 -31.97 -8.98
N ASP B 138 49.59 -32.41 -10.23
CA ASP B 138 49.00 -31.64 -11.33
C ASP B 138 47.48 -31.76 -11.32
N ILE B 139 46.80 -30.62 -11.32
CA ILE B 139 45.35 -30.62 -11.29
C ILE B 139 44.81 -31.24 -12.58
N ILE B 140 43.70 -31.95 -12.45
CA ILE B 140 43.03 -32.59 -13.58
C ILE B 140 42.59 -31.52 -14.57
N PRO B 141 43.14 -31.50 -15.79
CA PRO B 141 42.86 -30.34 -16.67
C PRO B 141 41.40 -30.17 -17.04
N CYS B 142 40.72 -31.24 -17.44
CA CYS B 142 39.29 -31.17 -17.71
C CYS B 142 38.65 -32.51 -17.42
N ASP B 143 37.33 -32.50 -17.36
CA ASP B 143 36.55 -33.71 -17.12
C ASP B 143 36.96 -34.76 -18.13
N GLY B 144 36.58 -36.00 -17.88
CA GLY B 144 36.89 -37.03 -18.86
C GLY B 144 36.81 -38.39 -18.24
N GLU B 145 37.64 -39.28 -18.76
CA GLU B 145 37.69 -40.67 -18.31
C GLU B 145 39.13 -41.10 -18.25
N VAL B 146 39.38 -42.16 -17.51
CA VAL B 146 40.69 -42.77 -17.41
C VAL B 146 40.76 -43.93 -18.38
N ILE B 147 41.93 -44.14 -18.98
CA ILE B 147 42.14 -45.29 -19.84
C ILE B 147 43.39 -46.07 -19.50
N GLU B 148 44.35 -45.51 -18.76
CA GLU B 148 45.49 -46.28 -18.29
C GLU B 148 46.06 -45.59 -17.06
N GLY B 149 46.61 -46.40 -16.15
CA GLY B 149 47.15 -45.88 -14.91
C GLY B 149 46.11 -45.73 -13.83
N GLY B 150 46.50 -45.98 -12.58
CA GLY B 150 45.62 -45.82 -11.45
C GLY B 150 46.21 -44.93 -10.38
N ALA B 151 45.43 -43.97 -9.89
CA ALA B 151 45.94 -43.00 -8.93
C ALA B 151 44.84 -42.69 -7.92
N SER B 152 45.15 -41.78 -7.00
CA SER B 152 44.23 -41.38 -5.93
C SER B 152 43.97 -39.89 -6.06
N VAL B 153 42.85 -39.53 -6.65
CA VAL B 153 42.50 -38.14 -6.89
C VAL B 153 41.98 -37.53 -5.60
N ASP B 154 42.22 -36.22 -5.43
CA ASP B 154 41.77 -35.48 -4.26
C ASP B 154 40.45 -34.77 -4.58
N GLU B 155 39.40 -35.57 -4.70
CA GLU B 155 38.08 -35.05 -5.09
C GLU B 155 37.40 -34.35 -3.92
N SER B 156 38.02 -33.27 -3.48
CA SER B 156 37.49 -32.48 -2.38
C SER B 156 36.57 -31.36 -2.83
N ALA B 157 36.66 -30.94 -4.09
CA ALA B 157 35.81 -29.88 -4.62
C ALA B 157 34.44 -30.38 -5.05
N ILE B 158 34.22 -31.69 -5.07
CA ILE B 158 32.95 -32.28 -5.46
C ILE B 158 32.15 -32.73 -4.24
N THR B 159 32.79 -33.45 -3.32
CA THR B 159 32.09 -33.91 -2.13
C THR B 159 32.26 -32.95 -0.97
N GLY B 160 33.42 -32.34 -0.85
CA GLY B 160 33.83 -31.67 0.37
C GLY B 160 34.74 -32.46 1.26
N GLU B 161 34.84 -33.76 1.04
CA GLU B 161 35.72 -34.58 1.87
C GLU B 161 37.17 -34.40 1.45
N ALA B 162 38.07 -34.94 2.26
CA ALA B 162 39.50 -34.85 2.01
C ALA B 162 40.15 -36.20 1.79
N ALA B 163 39.43 -37.29 1.98
CA ALA B 163 40.01 -38.62 1.78
C ALA B 163 40.31 -38.84 0.30
N PRO B 164 41.54 -39.19 -0.07
CA PRO B 164 41.81 -39.48 -1.48
C PRO B 164 41.01 -40.67 -1.97
N VAL B 165 40.42 -40.52 -3.15
CA VAL B 165 39.57 -41.53 -3.78
C VAL B 165 40.32 -42.11 -4.97
N ILE B 166 40.26 -43.43 -5.12
CA ILE B 166 41.08 -44.13 -6.11
C ILE B 166 40.34 -44.13 -7.44
N ARG B 167 40.98 -43.57 -8.47
CA ARG B 167 40.53 -43.66 -9.85
C ARG B 167 41.46 -44.62 -10.56
N GLU B 168 40.90 -45.67 -11.19
CA GLU B 168 41.71 -46.84 -11.55
C GLU B 168 41.38 -47.40 -12.92
N SER B 169 41.16 -46.52 -13.91
CA SER B 169 41.23 -46.88 -15.33
C SER B 169 40.47 -48.17 -15.64
N GLY B 170 39.16 -48.10 -15.50
CA GLY B 170 38.31 -49.21 -15.89
C GLY B 170 37.52 -49.83 -14.75
N GLY B 171 36.23 -49.55 -14.74
CA GLY B 171 35.35 -50.05 -13.70
C GLY B 171 34.23 -49.07 -13.45
N ASP B 172 34.01 -48.73 -12.19
CA ASP B 172 33.15 -47.61 -11.83
C ASP B 172 33.95 -46.42 -11.33
N PHE B 173 35.23 -46.59 -11.01
CA PHE B 173 36.11 -45.50 -10.64
C PHE B 173 36.98 -45.18 -11.83
N ALA B 174 36.39 -44.50 -12.83
CA ALA B 174 37.12 -44.20 -14.05
C ALA B 174 36.82 -42.81 -14.61
N SER B 175 36.03 -41.99 -13.94
CA SER B 175 35.63 -40.68 -14.45
C SER B 175 36.22 -39.60 -13.55
N VAL B 176 37.38 -39.09 -13.92
CA VAL B 176 37.98 -37.96 -13.21
C VAL B 176 37.13 -36.73 -13.47
N THR B 177 37.39 -35.66 -12.72
CA THR B 177 36.67 -34.41 -12.86
C THR B 177 37.68 -33.27 -12.99
N GLY B 178 37.33 -32.29 -13.82
CA GLY B 178 38.22 -31.16 -14.01
C GLY B 178 38.28 -30.32 -12.75
N GLY B 179 39.51 -29.99 -12.33
CA GLY B 179 39.70 -29.16 -11.16
C GLY B 179 40.28 -29.92 -9.99
N THR B 180 39.82 -31.14 -9.78
CA THR B 180 40.32 -31.92 -8.67
C THR B 180 41.79 -32.25 -8.87
N ARG B 181 42.52 -32.33 -7.76
CA ARG B 181 43.95 -32.59 -7.79
C ARG B 181 44.23 -34.08 -7.74
N ILE B 182 45.32 -34.49 -8.37
CA ILE B 182 45.79 -35.87 -8.32
C ILE B 182 46.96 -35.94 -7.36
N LEU B 183 47.02 -37.01 -6.58
CA LEU B 183 47.96 -37.11 -5.48
C LEU B 183 48.97 -38.22 -5.63
N SER B 184 48.54 -39.44 -5.96
CA SER B 184 49.41 -40.60 -5.79
C SER B 184 50.46 -40.70 -6.90
N ASP B 185 50.04 -40.86 -8.15
CA ASP B 185 50.97 -41.17 -9.21
C ASP B 185 50.33 -40.85 -10.55
N TRP B 186 51.02 -41.19 -11.63
CA TRP B 186 50.63 -40.78 -12.96
C TRP B 186 49.25 -41.32 -13.33
N LEU B 187 48.66 -40.71 -14.35
CA LEU B 187 47.32 -41.06 -14.81
C LEU B 187 47.06 -40.37 -16.15
N VAL B 188 46.63 -41.11 -17.16
CA VAL B 188 46.30 -40.54 -18.47
C VAL B 188 44.79 -40.46 -18.60
N ILE B 189 44.32 -39.33 -19.12
CA ILE B 189 42.89 -39.01 -19.14
C ILE B 189 42.43 -38.90 -20.58
N GLU B 190 41.16 -39.22 -20.80
CA GLU B 190 40.50 -39.06 -22.09
C GLU B 190 39.33 -38.10 -21.91
N CYS B 191 39.54 -36.83 -22.25
CA CYS B 191 38.51 -35.82 -22.09
C CYS B 191 37.18 -36.32 -22.63
N SER B 192 36.09 -35.87 -22.02
CA SER B 192 34.76 -36.28 -22.45
C SER B 192 33.77 -35.13 -22.44
N VAL B 193 34.24 -33.88 -22.41
CA VAL B 193 33.36 -32.73 -22.50
C VAL B 193 34.14 -31.60 -23.17
N ASN B 194 33.54 -30.99 -24.18
CA ASN B 194 34.11 -29.79 -24.76
C ASN B 194 34.19 -28.72 -23.67
N PRO B 195 35.13 -27.77 -23.77
CA PRO B 195 35.36 -26.86 -22.63
C PRO B 195 34.15 -26.07 -22.23
N GLY B 196 33.10 -26.02 -23.05
CA GLY B 196 31.93 -25.26 -22.70
C GLY B 196 31.29 -25.72 -21.39
N GLU B 197 31.09 -27.03 -21.25
CA GLU B 197 30.35 -27.58 -20.12
C GLU B 197 31.13 -28.71 -19.46
N THR B 198 32.04 -28.34 -18.56
CA THR B 198 32.67 -29.28 -17.64
C THR B 198 31.85 -29.32 -16.36
N PHE B 199 32.41 -29.90 -15.30
CA PHE B 199 31.83 -29.75 -13.97
C PHE B 199 32.27 -28.43 -13.35
N LEU B 200 33.55 -28.10 -13.48
CA LEU B 200 34.05 -26.83 -12.96
C LEU B 200 33.32 -25.66 -13.60
N ASP B 201 33.17 -25.70 -14.93
CA ASP B 201 32.44 -24.63 -15.61
C ASP B 201 30.98 -24.60 -15.18
N ARG B 202 30.40 -25.78 -14.95
CA ARG B 202 29.02 -25.83 -14.53
C ARG B 202 28.81 -25.12 -13.21
N MET B 203 29.69 -25.38 -12.22
CA MET B 203 29.51 -24.72 -10.94
C MET B 203 30.01 -23.27 -10.94
N ILE B 204 30.92 -22.91 -11.84
CA ILE B 204 31.21 -21.49 -12.04
C ILE B 204 29.95 -20.77 -12.48
N ALA B 205 29.27 -21.30 -13.50
CA ALA B 205 28.04 -20.68 -13.97
C ALA B 205 26.95 -20.74 -12.92
N MET B 206 27.02 -21.72 -12.02
CA MET B 206 26.01 -21.85 -10.97
C MET B 206 26.24 -20.87 -9.82
N VAL B 207 27.48 -20.46 -9.58
CA VAL B 207 27.77 -19.51 -8.51
C VAL B 207 27.41 -18.10 -8.95
N GLU B 208 28.03 -17.63 -10.03
CA GLU B 208 27.66 -16.35 -10.63
C GLU B 208 26.43 -16.57 -11.48
N GLY B 209 25.27 -16.16 -10.97
CA GLY B 209 24.02 -16.47 -11.61
C GLY B 209 22.94 -16.76 -10.59
N ALA B 210 23.36 -17.00 -9.35
CA ALA B 210 22.45 -17.21 -8.23
C ALA B 210 22.31 -15.88 -7.49
N GLN B 211 21.13 -15.29 -7.55
CA GLN B 211 20.86 -13.99 -6.96
C GLN B 211 20.21 -14.17 -5.59
N ARG B 212 20.51 -13.25 -4.68
CA ARG B 212 19.89 -13.24 -3.36
C ARG B 212 18.69 -12.31 -3.37
N ARG B 213 17.59 -12.78 -2.79
CA ARG B 213 16.38 -11.98 -2.72
C ARG B 213 16.59 -10.76 -1.84
N LYS B 214 15.57 -9.92 -1.76
CA LYS B 214 15.58 -8.78 -0.86
C LYS B 214 14.75 -9.09 0.38
N THR B 215 15.21 -8.59 1.52
CA THR B 215 14.47 -8.76 2.75
C THR B 215 13.08 -8.16 2.61
N PRO B 216 12.03 -8.80 3.13
CA PRO B 216 10.69 -8.22 2.95
C PRO B 216 10.53 -6.84 3.55
N ASN B 217 11.25 -6.53 4.63
CA ASN B 217 11.22 -5.17 5.17
C ASN B 217 11.69 -4.17 4.13
N GLU B 218 12.71 -4.54 3.36
CA GLU B 218 13.23 -3.64 2.34
C GLU B 218 12.24 -3.44 1.22
N ILE B 219 11.53 -4.50 0.83
CA ILE B 219 10.52 -4.39 -0.22
C ILE B 219 9.37 -3.51 0.25
N ALA B 220 8.95 -3.67 1.50
CA ALA B 220 7.89 -2.82 2.02
C ALA B 220 8.33 -1.36 2.06
N LEU B 221 9.56 -1.11 2.49
CA LEU B 221 10.05 0.27 2.50
C LEU B 221 10.12 0.83 1.10
N THR B 222 10.45 -0.01 0.11
CA THR B 222 10.47 0.48 -1.27
C THR B 222 9.08 0.83 -1.75
N ILE B 223 8.09 0.02 -1.41
CA ILE B 223 6.72 0.34 -1.77
C ILE B 223 6.30 1.66 -1.14
N LEU B 224 6.65 1.87 0.13
CA LEU B 224 6.31 3.14 0.77
C LEU B 224 7.01 4.31 0.09
N LEU B 225 8.29 4.14 -0.25
CA LEU B 225 9.02 5.16 -0.99
C LEU B 225 8.29 5.54 -2.26
N ILE B 226 7.88 4.54 -3.03
CA ILE B 226 7.29 4.83 -4.33
C ILE B 226 5.92 5.47 -4.17
N ALA B 227 5.15 5.04 -3.17
CA ALA B 227 3.86 5.70 -2.92
C ALA B 227 4.07 7.16 -2.57
N LEU B 228 4.98 7.45 -1.64
CA LEU B 228 5.20 8.83 -1.23
C LEU B 228 5.71 9.67 -2.40
N THR B 229 6.60 9.11 -3.21
CA THR B 229 7.14 9.90 -4.29
C THR B 229 6.12 10.10 -5.39
N ILE B 230 5.19 9.17 -5.57
CA ILE B 230 4.09 9.42 -6.50
C ILE B 230 3.21 10.54 -5.99
N VAL B 231 2.88 10.54 -4.69
CA VAL B 231 2.06 11.61 -4.13
C VAL B 231 2.74 12.96 -4.36
N PHE B 232 4.02 13.06 -4.01
CA PHE B 232 4.72 14.33 -4.14
C PHE B 232 4.88 14.74 -5.60
N LEU B 233 5.07 13.78 -6.50
CA LEU B 233 5.17 14.11 -7.91
C LEU B 233 3.87 14.66 -8.44
N LEU B 234 2.74 14.03 -8.09
CA LEU B 234 1.46 14.55 -8.51
C LEU B 234 1.25 15.97 -7.99
N ALA B 235 1.47 16.17 -6.70
CA ALA B 235 1.31 17.50 -6.11
C ALA B 235 2.14 18.54 -6.86
N THR B 236 3.44 18.30 -6.96
CA THR B 236 4.33 19.30 -7.54
C THR B 236 4.05 19.50 -9.01
N ALA B 237 3.75 18.45 -9.76
CA ALA B 237 3.47 18.59 -11.18
C ALA B 237 2.23 19.42 -11.40
N THR B 238 1.11 19.01 -10.81
CA THR B 238 -0.12 19.75 -10.98
C THR B 238 -0.08 21.12 -10.33
N LEU B 239 0.99 21.44 -9.60
CA LEU B 239 1.13 22.82 -9.11
C LEU B 239 1.18 23.83 -10.24
N TRP B 240 1.72 23.47 -11.42
CA TRP B 240 1.88 24.47 -12.47
C TRP B 240 0.55 24.96 -13.02
N PRO B 241 -0.30 24.10 -13.61
CA PRO B 241 -1.61 24.59 -14.09
C PRO B 241 -2.32 25.50 -13.11
N PHE B 242 -2.47 25.00 -11.88
CA PHE B 242 -3.17 25.72 -10.82
C PHE B 242 -2.59 27.12 -10.65
N SER B 243 -1.28 27.18 -10.43
CA SER B 243 -0.62 28.46 -10.20
C SER B 243 -0.76 29.36 -11.41
N ALA B 244 -0.60 28.80 -12.61
CA ALA B 244 -0.69 29.59 -13.82
C ALA B 244 -2.06 30.23 -13.93
N TRP B 245 -3.10 29.51 -13.53
CA TRP B 245 -4.43 30.10 -13.52
C TRP B 245 -4.46 31.25 -12.53
N GLY B 246 -3.81 31.08 -11.39
CA GLY B 246 -3.82 32.10 -10.37
C GLY B 246 -2.82 33.21 -10.59
N GLY B 247 -2.78 33.74 -11.80
CA GLY B 247 -1.93 34.88 -12.10
C GLY B 247 -0.49 34.52 -12.40
N ASN B 248 0.38 34.71 -11.41
CA ASN B 248 1.81 34.47 -11.60
C ASN B 248 2.11 32.99 -11.39
N ALA B 249 2.57 32.33 -12.46
CA ALA B 249 2.86 30.91 -12.39
C ALA B 249 4.11 30.67 -11.55
N VAL B 250 4.45 29.40 -11.39
CA VAL B 250 5.62 28.98 -10.63
C VAL B 250 6.73 28.68 -11.63
N SER B 251 7.87 29.34 -11.49
CA SER B 251 8.98 29.13 -12.41
C SER B 251 9.34 27.66 -12.47
N VAL B 252 9.83 27.23 -13.63
CA VAL B 252 10.10 25.82 -13.84
C VAL B 252 11.26 25.35 -12.97
N THR B 253 12.26 26.20 -12.76
CA THR B 253 13.35 25.81 -11.87
C THR B 253 12.82 25.54 -10.47
N VAL B 254 11.93 26.39 -9.97
CA VAL B 254 11.33 26.15 -8.67
C VAL B 254 10.52 24.86 -8.69
N LEU B 255 9.88 24.54 -9.81
CA LEU B 255 9.08 23.32 -9.85
C LEU B 255 9.95 22.07 -9.78
N VAL B 256 11.00 22.00 -10.60
CA VAL B 256 11.85 20.82 -10.57
C VAL B 256 12.57 20.72 -9.23
N ALA B 257 13.01 21.85 -8.69
CA ALA B 257 13.71 21.82 -7.41
C ALA B 257 12.78 21.42 -6.29
N LEU B 258 11.53 21.89 -6.32
CA LEU B 258 10.56 21.50 -5.31
C LEU B 258 10.28 20.01 -5.38
N LEU B 259 10.14 19.47 -6.60
CA LEU B 259 9.94 18.04 -6.75
C LEU B 259 11.09 17.27 -6.14
N VAL B 260 12.33 17.58 -6.55
CA VAL B 260 13.48 16.78 -6.12
C VAL B 260 13.95 17.11 -4.72
N CYS B 261 13.35 18.08 -4.05
CA CYS B 261 13.62 18.30 -2.64
C CYS B 261 12.48 17.84 -1.74
N LEU B 262 11.33 17.48 -2.29
CA LEU B 262 10.21 16.98 -1.49
C LEU B 262 10.22 15.47 -1.37
N ILE B 263 10.76 14.76 -2.35
CA ILE B 263 10.82 13.30 -2.36
C ILE B 263 11.55 12.76 -1.14
N PRO B 264 11.12 11.64 -0.58
CA PRO B 264 11.76 11.09 0.61
C PRO B 264 13.14 10.51 0.37
N THR B 265 14.18 11.34 0.52
CA THR B 265 15.54 10.89 0.33
C THR B 265 16.05 10.20 1.59
N THR B 266 15.58 10.63 2.75
CA THR B 266 16.00 10.04 4.01
C THR B 266 15.73 8.54 3.98
N ILE B 267 14.51 8.17 3.60
CA ILE B 267 14.14 6.77 3.51
C ILE B 267 15.04 6.07 2.50
N GLY B 268 15.34 6.74 1.39
CA GLY B 268 16.22 6.13 0.39
C GLY B 268 17.59 5.81 0.95
N GLY B 269 18.14 6.69 1.78
CA GLY B 269 19.43 6.45 2.39
C GLY B 269 19.41 5.52 3.58
N LEU B 270 18.22 5.23 4.10
CA LEU B 270 18.11 4.36 5.25
C LEU B 270 18.68 2.97 4.98
N LEU B 271 18.52 2.46 3.77
CA LEU B 271 19.03 1.13 3.46
C LEU B 271 20.53 1.06 3.65
N SER B 272 21.26 1.99 3.04
CA SER B 272 22.71 1.95 3.13
C SER B 272 23.20 2.34 4.51
N ALA B 273 22.44 3.17 5.24
CA ALA B 273 22.83 3.51 6.59
C ALA B 273 22.76 2.30 7.50
N ILE B 274 21.66 1.54 7.42
CA ILE B 274 21.55 0.35 8.24
C ILE B 274 22.52 -0.72 7.74
N GLY B 275 22.82 -0.73 6.45
CA GLY B 275 23.82 -1.66 5.96
C GLY B 275 25.18 -1.43 6.58
N VAL B 276 25.63 -0.17 6.61
CA VAL B 276 26.98 0.08 7.08
C VAL B 276 27.03 -0.04 8.60
N ALA B 277 25.93 0.26 9.28
CA ALA B 277 25.92 0.02 10.72
C ALA B 277 25.98 -1.47 11.02
N GLY B 278 25.25 -2.28 10.25
CA GLY B 278 25.28 -3.71 10.46
C GLY B 278 26.65 -4.30 10.24
N MET B 279 27.31 -3.92 9.16
CA MET B 279 28.66 -4.44 8.93
C MET B 279 29.61 -3.98 10.03
N SER B 280 29.40 -2.80 10.60
CA SER B 280 30.26 -2.40 11.73
C SER B 280 30.02 -3.29 12.94
N ARG B 281 28.76 -3.59 13.24
CA ARG B 281 28.47 -4.49 14.35
C ARG B 281 29.08 -5.85 14.12
N MET B 282 29.01 -6.34 12.89
CA MET B 282 29.56 -7.66 12.58
C MET B 282 31.06 -7.69 12.81
N LEU B 283 31.80 -6.75 12.21
CA LEU B 283 33.22 -6.68 12.52
C LEU B 283 33.44 -6.72 14.02
N GLY B 284 32.60 -6.02 14.78
CA GLY B 284 32.69 -6.12 16.23
C GLY B 284 32.54 -7.55 16.71
N ALA B 285 31.63 -8.31 16.09
CA ALA B 285 31.40 -9.71 16.48
C ALA B 285 32.44 -10.68 15.94
N ASN B 286 33.49 -10.19 15.26
CA ASN B 286 34.50 -11.06 14.68
C ASN B 286 33.97 -11.81 13.45
N VAL B 287 33.12 -11.13 12.68
CA VAL B 287 32.57 -11.65 11.43
C VAL B 287 32.74 -10.56 10.38
N ILE B 288 33.31 -10.92 9.23
CA ILE B 288 33.57 -9.97 8.17
C ILE B 288 32.40 -10.04 7.19
N ALA B 289 31.43 -9.15 7.34
CA ALA B 289 30.29 -9.13 6.45
C ALA B 289 30.59 -8.25 5.26
N THR B 290 30.25 -8.73 4.06
CA THR B 290 30.42 -7.98 2.84
C THR B 290 29.11 -7.41 2.32
N SER B 291 27.99 -7.75 2.94
CA SER B 291 26.68 -7.29 2.52
C SER B 291 25.94 -6.72 3.70
N GLY B 292 25.26 -5.59 3.49
CA GLY B 292 24.52 -4.96 4.54
C GLY B 292 23.18 -5.62 4.78
N ARG B 293 22.53 -6.09 3.71
CA ARG B 293 21.28 -6.83 3.87
C ARG B 293 21.48 -8.15 4.60
N ALA B 294 22.70 -8.69 4.58
CA ALA B 294 22.94 -9.97 5.21
C ALA B 294 22.61 -9.94 6.69
N VAL B 295 22.86 -8.82 7.34
CA VAL B 295 22.65 -8.75 8.79
C VAL B 295 21.17 -8.70 9.13
N GLU B 296 20.41 -7.84 8.47
CA GLU B 296 18.96 -7.83 8.68
C GLU B 296 18.37 -9.19 8.32
N ALA B 297 18.85 -9.80 7.26
CA ALA B 297 18.35 -11.12 6.91
C ALA B 297 18.69 -12.12 8.00
N ALA B 298 19.88 -12.00 8.59
CA ALA B 298 20.24 -12.85 9.72
C ALA B 298 19.25 -12.68 10.85
N GLY B 299 18.78 -11.46 11.03
CA GLY B 299 17.70 -11.27 11.98
C GLY B 299 16.46 -12.06 11.62
N ASP B 300 16.16 -12.17 10.33
CA ASP B 300 14.97 -12.86 9.86
C ASP B 300 15.16 -14.34 9.45
N VAL B 301 16.25 -15.01 9.84
CA VAL B 301 16.46 -16.38 9.34
C VAL B 301 15.61 -17.36 10.11
N ASP B 302 15.02 -18.32 9.37
CA ASP B 302 14.25 -19.41 9.94
C ASP B 302 14.93 -20.76 9.83
N VAL B 303 15.87 -20.94 8.89
CA VAL B 303 16.50 -22.21 8.65
C VAL B 303 18.01 -22.02 8.74
N LEU B 304 18.74 -23.12 8.94
CA LEU B 304 20.20 -23.08 8.96
C LEU B 304 20.72 -24.38 8.37
N LEU B 305 21.10 -24.35 7.11
CA LEU B 305 21.78 -25.48 6.49
C LEU B 305 23.26 -25.43 6.84
N LEU B 306 23.82 -26.57 7.22
CA LEU B 306 25.20 -26.66 7.62
C LEU B 306 25.93 -27.68 6.76
N ASP B 307 27.22 -27.46 6.59
CA ASP B 307 28.08 -28.44 5.98
C ASP B 307 28.50 -29.35 7.15
N LYS B 308 29.27 -30.40 6.89
CA LYS B 308 29.75 -31.25 7.98
C LYS B 308 31.26 -31.27 8.08
N THR B 309 31.94 -31.61 7.01
CA THR B 309 33.39 -31.73 7.06
C THR B 309 33.98 -30.33 7.06
N GLY B 310 34.68 -29.99 8.12
CA GLY B 310 35.29 -28.68 8.25
C GLY B 310 34.43 -27.66 8.94
N THR B 311 33.12 -27.67 8.66
CA THR B 311 32.22 -26.73 9.31
C THR B 311 31.87 -27.22 10.71
N ILE B 312 31.21 -28.37 10.80
CA ILE B 312 30.90 -28.93 12.10
C ILE B 312 32.09 -29.69 12.65
N THR B 313 32.64 -30.61 11.87
CA THR B 313 33.78 -31.40 12.31
C THR B 313 35.08 -30.70 11.93
N LEU B 314 36.18 -31.15 12.55
CA LEU B 314 37.46 -30.53 12.29
C LEU B 314 37.84 -30.60 10.82
N GLY B 315 37.39 -31.63 10.12
CA GLY B 315 37.60 -31.73 8.69
C GLY B 315 38.79 -32.56 8.26
N ASN B 316 39.37 -33.37 9.16
CA ASN B 316 40.49 -34.23 8.78
C ASN B 316 40.41 -35.63 9.35
N ARG B 317 39.41 -35.94 10.18
CA ARG B 317 39.15 -37.32 10.57
C ARG B 317 40.35 -37.94 11.29
N GLN B 318 40.64 -37.41 12.47
CA GLN B 318 41.69 -37.94 13.32
C GLN B 318 41.40 -39.39 13.72
N ALA B 319 42.42 -40.06 14.25
CA ALA B 319 42.28 -41.41 14.75
C ALA B 319 41.63 -41.42 16.13
N SER B 320 40.84 -42.46 16.39
CA SER B 320 40.03 -42.52 17.61
C SER B 320 40.47 -43.65 18.55
N GLU B 321 40.49 -44.89 18.08
CA GLU B 321 40.69 -46.02 18.98
C GLU B 321 41.28 -47.19 18.21
N PHE B 322 42.48 -47.61 18.58
CA PHE B 322 42.99 -48.89 18.10
C PHE B 322 42.09 -50.02 18.58
N ILE B 323 41.90 -51.02 17.72
CA ILE B 323 41.00 -52.13 18.00
C ILE B 323 41.74 -53.44 17.76
N PRO B 324 41.91 -54.30 18.75
CA PRO B 324 42.57 -55.59 18.53
C PRO B 324 41.83 -56.49 17.56
N ALA B 325 42.55 -57.50 17.09
CA ALA B 325 42.02 -58.52 16.20
C ALA B 325 41.96 -59.88 16.87
N GLN B 326 41.46 -59.92 18.10
CA GLN B 326 41.20 -61.18 18.81
C GLN B 326 42.48 -62.02 18.93
N GLY B 327 43.41 -61.49 19.71
CA GLY B 327 44.64 -62.18 20.03
C GLY B 327 45.82 -61.25 20.21
N VAL B 328 46.00 -60.28 19.31
CA VAL B 328 47.10 -59.35 19.47
C VAL B 328 46.75 -58.36 20.56
N ASP B 329 47.77 -57.84 21.23
CA ASP B 329 47.55 -56.82 22.24
C ASP B 329 47.44 -55.45 21.58
N GLU B 330 46.87 -54.49 22.31
CA GLU B 330 46.71 -53.17 21.73
C GLU B 330 48.05 -52.46 21.60
N LYS B 331 49.00 -52.76 22.49
CA LYS B 331 50.33 -52.19 22.35
C LYS B 331 50.95 -52.55 21.00
N THR B 332 50.91 -53.82 20.63
CA THR B 332 51.47 -54.25 19.36
C THR B 332 50.83 -53.51 18.18
N LEU B 333 49.50 -53.46 18.17
CA LEU B 333 48.79 -52.75 17.12
C LEU B 333 49.20 -51.28 17.08
N ALA B 334 49.34 -50.66 18.25
CA ALA B 334 49.70 -49.25 18.30
C ALA B 334 51.11 -49.02 17.77
N ASP B 335 52.04 -49.90 18.11
CA ASP B 335 53.38 -49.80 17.56
C ASP B 335 53.34 -49.93 16.04
N ALA B 336 52.58 -50.90 15.54
CA ALA B 336 52.49 -51.09 14.09
C ALA B 336 51.92 -49.85 13.42
N ALA B 337 50.85 -49.29 13.96
CA ALA B 337 50.25 -48.11 13.37
C ALA B 337 51.19 -46.93 13.41
N GLN B 338 51.81 -46.68 14.57
CA GLN B 338 52.72 -45.55 14.71
C GLN B 338 53.95 -45.70 13.84
N LEU B 339 54.31 -46.93 13.47
CA LEU B 339 55.43 -47.12 12.55
C LEU B 339 55.00 -46.96 11.10
N ALA B 340 53.82 -47.47 10.74
CA ALA B 340 53.34 -47.36 9.37
C ALA B 340 53.07 -45.90 9.02
N SER B 341 52.31 -45.20 9.85
CA SER B 341 51.98 -43.81 9.64
C SER B 341 53.07 -42.87 10.15
N LEU B 342 54.25 -43.39 10.50
CA LEU B 342 55.31 -42.54 11.02
C LEU B 342 55.70 -41.48 10.00
N ALA B 343 55.91 -41.89 8.75
CA ALA B 343 56.28 -40.94 7.71
C ALA B 343 55.09 -40.16 7.18
N ASP B 344 53.88 -40.70 7.29
CA ASP B 344 52.69 -40.03 6.77
C ASP B 344 52.59 -38.62 7.33
N GLU B 345 52.47 -37.64 6.43
CA GLU B 345 52.42 -36.24 6.80
C GLU B 345 51.02 -35.65 6.65
N THR B 346 50.04 -36.44 6.26
CA THR B 346 48.66 -35.97 6.30
C THR B 346 48.16 -35.99 7.74
N PRO B 347 47.25 -35.09 8.10
CA PRO B 347 46.81 -35.02 9.50
C PRO B 347 46.26 -36.33 10.04
N GLU B 348 45.85 -37.24 9.17
CA GLU B 348 45.30 -38.51 9.63
C GLU B 348 46.40 -39.45 10.13
N GLY B 349 47.46 -39.63 9.35
CA GLY B 349 48.58 -40.41 9.84
C GLY B 349 49.26 -39.75 11.01
N ARG B 350 49.37 -38.42 10.97
CA ARG B 350 49.93 -37.69 12.11
C ARG B 350 49.11 -37.94 13.37
N SER B 351 47.78 -37.95 13.24
CA SER B 351 46.93 -38.19 14.39
C SER B 351 47.05 -39.64 14.87
N ILE B 352 47.23 -40.58 13.96
CA ILE B 352 47.52 -41.96 14.36
C ILE B 352 48.76 -42.00 15.24
N VAL B 353 49.82 -41.33 14.78
CA VAL B 353 51.07 -41.31 15.54
C VAL B 353 50.85 -40.69 16.92
N ILE B 354 50.20 -39.53 16.96
CA ILE B 354 49.97 -38.84 18.22
C ILE B 354 49.19 -39.74 19.19
N LEU B 355 48.10 -40.34 18.71
CA LEU B 355 47.28 -41.16 19.61
C LEU B 355 48.07 -42.36 20.11
N ALA B 356 48.83 -43.01 19.24
CA ALA B 356 49.63 -44.14 19.68
C ALA B 356 50.62 -43.69 20.75
N LYS B 357 51.24 -42.53 20.54
CA LYS B 357 52.20 -42.03 21.51
C LYS B 357 51.55 -41.83 22.88
N GLN B 358 50.42 -41.14 22.92
CA GLN B 358 49.83 -40.87 24.23
C GLN B 358 49.34 -42.15 24.88
N ARG B 359 48.61 -42.99 24.14
CA ARG B 359 47.99 -44.15 24.79
C ARG B 359 49.01 -45.23 25.16
N PHE B 360 50.14 -45.32 24.46
CA PHE B 360 51.10 -46.39 24.74
C PHE B 360 52.53 -45.87 24.87
N ASN B 361 52.71 -44.58 25.17
CA ASN B 361 54.01 -43.95 25.36
C ASN B 361 55.09 -44.57 24.48
N LEU B 362 54.94 -44.46 23.17
CA LEU B 362 55.92 -45.03 22.24
C LEU B 362 56.86 -43.94 21.75
N ARG B 363 57.58 -43.35 22.72
CA ARG B 363 58.59 -42.37 22.39
C ARG B 363 59.81 -43.04 21.77
N GLU B 364 60.18 -44.20 22.30
CA GLU B 364 61.32 -44.99 21.82
C GLU B 364 61.33 -45.07 20.31
N ARG B 365 60.15 -45.18 19.70
CA ARG B 365 60.03 -45.33 18.25
C ARG B 365 59.73 -43.98 17.61
N ASP B 366 60.72 -43.08 17.73
CA ASP B 366 60.77 -41.85 16.96
C ASP B 366 62.22 -41.64 16.55
N VAL B 367 62.50 -41.78 15.26
CA VAL B 367 63.86 -41.67 14.74
C VAL B 367 63.81 -40.85 13.47
N GLN B 368 64.61 -39.77 13.42
CA GLN B 368 64.68 -38.97 12.20
C GLN B 368 65.30 -39.77 11.07
N SER B 369 66.46 -40.38 11.32
CA SER B 369 67.13 -41.21 10.32
C SER B 369 67.52 -42.55 10.96
N LEU B 370 66.64 -43.54 10.78
CA LEU B 370 66.95 -44.93 11.07
C LEU B 370 66.91 -45.70 9.77
N HIS B 371 67.72 -46.75 9.68
CA HIS B 371 67.68 -47.56 8.47
C HIS B 371 66.30 -48.17 8.36
N ALA B 372 65.46 -47.60 7.50
CA ALA B 372 64.08 -48.04 7.39
C ALA B 372 63.50 -47.46 6.10
N THR B 373 63.33 -48.31 5.08
CA THR B 373 62.73 -47.84 3.85
C THR B 373 61.30 -47.38 4.11
N PHE B 374 60.93 -46.24 3.53
CA PHE B 374 59.58 -45.71 3.63
C PHE B 374 58.79 -46.13 2.40
N VAL B 375 57.65 -46.75 2.62
CA VAL B 375 56.81 -47.26 1.53
C VAL B 375 55.56 -46.39 1.45
N PRO B 376 55.55 -45.37 0.60
CA PRO B 376 54.38 -44.49 0.52
C PRO B 376 53.24 -45.14 -0.24
N PHE B 377 52.07 -44.49 -0.18
CA PHE B 377 50.90 -44.94 -0.91
C PHE B 377 51.21 -45.04 -2.40
N THR B 378 50.60 -46.02 -3.06
CA THR B 378 50.85 -46.29 -4.46
C THR B 378 49.61 -46.20 -5.33
N ALA B 379 48.46 -46.61 -4.81
CA ALA B 379 47.18 -46.72 -5.49
C ALA B 379 47.11 -47.94 -6.39
N GLN B 380 48.20 -48.68 -6.58
CA GLN B 380 48.14 -49.98 -7.25
C GLN B 380 47.79 -51.06 -6.23
N SER B 381 48.60 -51.20 -5.19
CA SER B 381 48.27 -52.07 -4.07
C SER B 381 47.35 -51.39 -3.06
N ARG B 382 47.35 -50.06 -3.02
CA ARG B 382 46.42 -49.29 -2.20
C ARG B 382 46.70 -49.49 -0.72
N MET B 383 47.94 -49.28 -0.31
CA MET B 383 48.29 -49.33 1.10
C MET B 383 49.68 -48.77 1.34
N SER B 384 49.81 -47.94 2.37
CA SER B 384 51.08 -47.34 2.74
C SER B 384 51.75 -48.22 3.78
N GLY B 385 52.93 -47.79 4.25
CA GLY B 385 53.57 -48.49 5.34
C GLY B 385 55.06 -48.21 5.34
N ILE B 386 55.81 -49.13 5.97
CA ILE B 386 57.23 -48.98 6.18
C ILE B 386 57.85 -50.37 6.28
N ASN B 387 59.17 -50.43 6.10
CA ASN B 387 59.94 -51.65 6.37
C ASN B 387 61.15 -51.22 7.18
N ILE B 388 61.12 -51.47 8.49
CA ILE B 388 62.15 -50.97 9.39
C ILE B 388 63.29 -51.96 9.46
N ASP B 389 63.00 -53.21 9.83
CA ASP B 389 64.03 -54.23 9.99
C ASP B 389 63.31 -55.58 9.97
N ASN B 390 63.58 -56.38 8.94
CA ASN B 390 62.96 -57.70 8.78
C ASN B 390 61.45 -57.64 8.98
N ARG B 391 60.84 -56.48 8.72
CA ARG B 391 59.42 -56.29 8.91
C ARG B 391 58.85 -55.54 7.72
N MET B 392 57.59 -55.84 7.41
CA MET B 392 56.86 -55.20 6.32
C MET B 392 55.53 -54.73 6.90
N ILE B 393 55.54 -53.54 7.50
CA ILE B 393 54.33 -52.96 8.05
C ILE B 393 53.59 -52.26 6.92
N ARG B 394 52.31 -52.58 6.77
CA ARG B 394 51.46 -51.93 5.79
C ARG B 394 50.13 -51.57 6.43
N LYS B 395 49.46 -50.57 5.86
CA LYS B 395 48.24 -50.01 6.41
C LYS B 395 47.40 -49.51 5.25
N GLY B 396 46.10 -49.75 5.31
CA GLY B 396 45.23 -49.27 4.27
C GLY B 396 43.84 -49.85 4.40
N SER B 397 43.07 -49.76 3.31
CA SER B 397 41.69 -50.16 3.32
C SER B 397 41.56 -51.63 3.70
N VAL B 398 40.33 -52.04 4.01
CA VAL B 398 40.09 -53.43 4.38
C VAL B 398 40.25 -54.34 3.17
N ASP B 399 39.72 -53.93 2.02
CA ASP B 399 39.79 -54.79 0.84
C ASP B 399 41.20 -54.83 0.28
N ALA B 400 41.93 -53.72 0.34
CA ALA B 400 43.31 -53.72 -0.14
C ALA B 400 44.15 -54.73 0.65
N ILE B 401 44.02 -54.72 1.97
CA ILE B 401 44.78 -55.66 2.78
C ILE B 401 44.23 -57.07 2.62
N ARG B 402 42.93 -57.21 2.35
CA ARG B 402 42.38 -58.52 2.04
C ARG B 402 43.07 -59.10 0.82
N ARG B 403 43.18 -58.30 -0.24
CA ARG B 403 43.88 -58.75 -1.44
C ARG B 403 45.33 -59.10 -1.13
N HIS B 404 46.00 -58.23 -0.37
CA HIS B 404 47.40 -58.47 -0.05
C HIS B 404 47.57 -59.79 0.69
N VAL B 405 46.73 -60.05 1.68
CA VAL B 405 46.84 -61.28 2.46
C VAL B 405 46.53 -62.49 1.59
N GLU B 406 45.41 -62.46 0.87
CA GLU B 406 45.03 -63.59 0.04
C GLU B 406 46.08 -63.89 -1.03
N ALA B 407 46.80 -62.87 -1.48
CA ALA B 407 47.84 -63.10 -2.48
C ALA B 407 49.12 -63.65 -1.88
N ASN B 408 49.39 -63.35 -0.62
CA ASN B 408 50.58 -63.83 0.06
C ASN B 408 50.35 -65.18 0.74
N GLY B 409 49.39 -65.97 0.26
CA GLY B 409 49.19 -67.30 0.80
C GLY B 409 48.80 -67.35 2.25
N GLY B 410 48.33 -66.24 2.81
CA GLY B 410 47.88 -66.20 4.18
C GLY B 410 46.39 -66.44 4.30
N HIS B 411 45.80 -65.88 5.35
CA HIS B 411 44.37 -65.97 5.58
C HIS B 411 43.90 -64.69 6.24
N PHE B 412 42.65 -64.32 5.96
CA PHE B 412 42.06 -63.12 6.53
C PHE B 412 41.03 -63.51 7.57
N PRO B 413 41.31 -63.34 8.88
CA PRO B 413 40.31 -63.68 9.89
C PRO B 413 38.99 -62.96 9.65
N THR B 414 37.94 -63.48 10.29
CA THR B 414 36.61 -62.92 10.13
C THR B 414 36.27 -61.88 11.18
N ASP B 415 36.79 -62.02 12.40
CA ASP B 415 36.47 -61.05 13.44
C ASP B 415 37.11 -59.70 13.13
N VAL B 416 38.23 -59.69 12.40
CA VAL B 416 38.76 -58.43 11.90
C VAL B 416 37.72 -57.74 11.04
N ASP B 417 37.04 -58.50 10.18
CA ASP B 417 36.00 -57.92 9.36
C ASP B 417 34.79 -57.50 10.19
N GLN B 418 34.51 -58.22 11.27
CA GLN B 418 33.44 -57.79 12.17
C GLN B 418 33.76 -56.43 12.78
N LYS B 419 35.00 -56.27 13.25
CA LYS B 419 35.42 -54.98 13.80
C LYS B 419 35.40 -53.90 12.72
N VAL B 420 35.77 -54.25 11.49
CA VAL B 420 35.73 -53.28 10.41
C VAL B 420 34.32 -52.80 10.17
N ASP B 421 33.37 -53.74 10.10
CA ASP B 421 31.97 -53.36 9.93
C ASP B 421 31.49 -52.49 11.08
N GLN B 422 31.88 -52.84 12.31
CA GLN B 422 31.51 -52.05 13.46
C GLN B 422 32.02 -50.62 13.33
N VAL B 423 33.31 -50.46 13.06
CA VAL B 423 33.90 -49.13 12.94
C VAL B 423 33.26 -48.35 11.80
N ALA B 424 32.78 -49.06 10.77
CA ALA B 424 32.02 -48.37 9.73
C ALA B 424 30.66 -47.91 10.25
N ARG B 425 30.05 -48.72 11.12
CA ARG B 425 28.74 -48.37 11.64
C ARG B 425 28.82 -47.22 12.64
N GLN B 426 29.96 -47.05 13.29
CA GLN B 426 30.13 -45.98 14.26
C GLN B 426 30.46 -44.64 13.62
N GLY B 427 30.41 -44.54 12.30
CA GLY B 427 30.76 -43.31 11.62
C GLY B 427 32.25 -43.05 11.59
N ALA B 428 33.01 -43.99 11.03
CA ALA B 428 34.45 -43.85 10.95
C ALA B 428 34.97 -44.79 9.87
N THR B 429 36.02 -44.35 9.19
CA THR B 429 36.65 -45.17 8.15
C THR B 429 37.70 -46.06 8.78
N PRO B 430 37.60 -47.38 8.69
CA PRO B 430 38.56 -48.24 9.39
C PRO B 430 39.80 -48.53 8.58
N LEU B 431 40.97 -48.34 9.17
CA LEU B 431 42.24 -48.65 8.54
C LEU B 431 42.79 -49.93 9.14
N VAL B 432 42.77 -51.01 8.37
CA VAL B 432 43.33 -52.27 8.82
C VAL B 432 44.85 -52.18 8.72
N VAL B 433 45.55 -52.89 9.59
CA VAL B 433 47.00 -52.87 9.66
C VAL B 433 47.52 -54.30 9.56
N VAL B 434 48.65 -54.49 8.88
CA VAL B 434 49.25 -55.80 8.72
C VAL B 434 50.76 -55.69 8.92
N GLU B 435 51.35 -56.77 9.40
CA GLU B 435 52.79 -56.93 9.54
C GLU B 435 53.14 -58.31 9.01
N GLY B 436 53.40 -58.40 7.71
CA GLY B 436 53.69 -59.67 7.08
C GLY B 436 52.45 -60.31 6.50
N SER B 437 51.88 -61.28 7.21
CA SER B 437 50.67 -61.97 6.77
C SER B 437 49.70 -62.17 7.92
N ARG B 438 49.69 -61.25 8.88
CA ARG B 438 48.81 -61.35 10.05
C ARG B 438 48.22 -59.98 10.31
N VAL B 439 46.92 -59.82 10.00
CA VAL B 439 46.25 -58.56 10.29
C VAL B 439 46.28 -58.33 11.79
N LEU B 440 46.77 -57.15 12.19
CA LEU B 440 46.88 -56.82 13.60
C LEU B 440 45.61 -56.21 14.16
N GLY B 441 44.84 -55.49 13.33
CA GLY B 441 43.59 -54.95 13.82
C GLY B 441 43.01 -53.85 12.94
N VAL B 442 42.48 -52.82 13.59
CA VAL B 442 41.82 -51.72 12.90
C VAL B 442 42.15 -50.43 13.63
N ILE B 443 42.17 -49.32 12.88
CA ILE B 443 42.32 -47.99 13.43
C ILE B 443 41.08 -47.21 13.02
N ALA B 444 40.34 -46.73 14.01
CA ALA B 444 39.07 -46.07 13.75
C ALA B 444 39.34 -44.59 13.50
N LEU B 445 39.51 -44.22 12.25
CA LEU B 445 39.64 -42.81 11.88
C LEU B 445 38.26 -42.17 12.00
N LYS B 446 38.01 -41.52 13.13
CA LYS B 446 36.74 -40.86 13.39
C LYS B 446 36.86 -39.37 13.13
N ASP B 447 35.73 -38.75 12.81
CA ASP B 447 35.68 -37.31 12.56
C ASP B 447 35.32 -36.59 13.85
N ILE B 448 36.20 -35.71 14.30
CA ILE B 448 36.04 -35.04 15.58
C ILE B 448 35.15 -33.82 15.39
N VAL B 449 34.05 -33.76 16.14
CA VAL B 449 33.23 -32.56 16.14
C VAL B 449 34.03 -31.43 16.76
N LYS B 450 33.75 -30.20 16.32
CA LYS B 450 34.66 -29.09 16.61
C LYS B 450 34.80 -28.86 18.11
N GLY B 451 33.69 -28.83 18.83
CA GLY B 451 33.76 -28.53 20.26
C GLY B 451 32.43 -28.73 20.94
N GLY B 452 32.03 -27.79 21.78
CA GLY B 452 30.73 -27.88 22.39
C GLY B 452 29.70 -27.29 21.46
N ILE B 453 29.06 -28.17 20.68
CA ILE B 453 28.15 -27.75 19.63
C ILE B 453 26.71 -28.13 19.94
N LYS B 454 26.48 -29.18 20.72
CA LYS B 454 25.12 -29.57 21.03
C LYS B 454 24.40 -28.47 21.79
N GLU B 455 25.10 -27.81 22.71
CA GLU B 455 24.51 -26.69 23.45
C GLU B 455 24.07 -25.60 22.51
N ARG B 456 24.91 -25.25 21.54
CA ARG B 456 24.62 -24.13 20.65
C ARG B 456 23.56 -24.48 19.62
N PHE B 457 23.51 -25.73 19.16
CA PHE B 457 22.40 -26.13 18.29
C PHE B 457 21.09 -26.19 19.07
N ALA B 458 21.13 -26.57 20.35
CA ALA B 458 19.94 -26.46 21.17
C ALA B 458 19.50 -25.01 21.29
N GLN B 459 20.46 -24.10 21.46
CA GLN B 459 20.13 -22.69 21.53
C GLN B 459 19.56 -22.18 20.21
N LEU B 460 20.02 -22.72 19.08
CA LEU B 460 19.47 -22.31 17.79
C LEU B 460 18.07 -22.85 17.60
N ARG B 461 17.81 -24.07 18.06
CA ARG B 461 16.45 -24.60 18.01
C ARG B 461 15.54 -23.83 18.96
N LYS B 462 16.07 -23.34 20.07
CA LYS B 462 15.27 -22.54 20.99
C LYS B 462 14.99 -21.16 20.40
N MET B 463 15.89 -20.65 19.57
CA MET B 463 15.64 -19.37 18.91
C MET B 463 14.65 -19.48 17.76
N GLY B 464 14.14 -20.68 17.48
CA GLY B 464 13.18 -20.86 16.42
C GLY B 464 13.79 -21.03 15.05
N ILE B 465 14.96 -21.66 14.96
CA ILE B 465 15.70 -21.82 13.72
C ILE B 465 15.93 -23.30 13.49
N LYS B 466 15.33 -23.85 12.45
CA LYS B 466 15.63 -25.22 12.06
C LYS B 466 17.13 -25.36 11.81
N THR B 467 17.61 -26.60 11.83
CA THR B 467 19.03 -26.86 11.68
C THR B 467 19.22 -28.12 10.82
N VAL B 468 19.34 -27.92 9.52
CA VAL B 468 19.65 -29.01 8.62
C VAL B 468 21.16 -29.15 8.53
N MET B 469 21.63 -30.33 8.09
CA MET B 469 23.06 -30.56 7.92
C MET B 469 23.25 -31.38 6.66
N ILE B 470 23.49 -30.70 5.56
CA ILE B 470 23.75 -31.37 4.28
C ILE B 470 25.24 -31.58 4.16
N THR B 471 25.68 -32.77 3.77
CA THR B 471 27.10 -32.92 3.52
C THR B 471 27.25 -33.64 2.18
N GLY B 472 28.49 -33.96 1.81
CA GLY B 472 28.82 -34.82 0.69
C GLY B 472 29.40 -36.12 1.18
N ASP B 473 29.15 -36.44 2.43
CA ASP B 473 29.78 -37.54 3.12
C ASP B 473 28.85 -38.74 3.20
N ASN B 474 29.41 -39.86 3.65
CA ASN B 474 28.67 -41.10 3.79
C ASN B 474 27.40 -40.88 4.61
N ARG B 475 26.43 -41.79 4.44
CA ARG B 475 25.25 -41.71 5.28
C ARG B 475 25.55 -42.15 6.70
N LEU B 476 26.48 -43.09 6.86
CA LEU B 476 26.83 -43.55 8.20
C LEU B 476 27.37 -42.42 9.05
N THR B 477 28.46 -41.80 8.59
CA THR B 477 29.07 -40.72 9.37
C THR B 477 28.16 -39.50 9.43
N ALA B 478 27.41 -39.23 8.37
CA ALA B 478 26.47 -38.12 8.42
C ALA B 478 25.47 -38.31 9.55
N ALA B 479 24.89 -39.51 9.66
CA ALA B 479 23.93 -39.77 10.73
C ALA B 479 24.60 -39.75 12.09
N ALA B 480 25.80 -40.33 12.19
CA ALA B 480 26.51 -40.34 13.46
C ALA B 480 26.73 -38.92 13.97
N ILE B 481 27.17 -38.02 13.09
CA ILE B 481 27.45 -36.66 13.52
C ILE B 481 26.17 -35.87 13.70
N ALA B 482 25.11 -36.19 12.96
CA ALA B 482 23.85 -35.50 13.19
C ALA B 482 23.32 -35.82 14.58
N ALA B 483 23.43 -37.07 14.99
CA ALA B 483 23.06 -37.43 16.35
C ALA B 483 24.00 -36.79 17.37
N GLU B 484 25.31 -36.85 17.12
CA GLU B 484 26.30 -36.37 18.08
C GLU B 484 26.38 -34.85 18.16
N ALA B 485 25.72 -34.12 17.26
CA ALA B 485 25.66 -32.66 17.33
C ALA B 485 24.28 -32.13 17.68
N GLY B 486 23.22 -32.82 17.29
CA GLY B 486 21.88 -32.39 17.63
C GLY B 486 21.13 -31.66 16.55
N VAL B 487 21.57 -31.75 15.29
CA VAL B 487 20.85 -31.10 14.21
C VAL B 487 19.50 -31.80 14.00
N ASP B 488 18.56 -31.07 13.40
CA ASP B 488 17.24 -31.65 13.14
C ASP B 488 17.32 -32.70 12.04
N ASP B 489 17.72 -32.30 10.85
CA ASP B 489 17.77 -33.17 9.68
C ASP B 489 19.21 -33.38 9.26
N PHE B 490 19.39 -34.13 8.18
CA PHE B 490 20.67 -34.24 7.50
C PHE B 490 20.47 -34.97 6.20
N LEU B 491 21.15 -34.52 5.15
CA LEU B 491 21.09 -35.12 3.83
C LEU B 491 22.51 -35.48 3.42
N ALA B 492 22.83 -36.77 3.42
CA ALA B 492 24.17 -37.22 3.12
C ALA B 492 24.33 -37.45 1.63
N GLU B 493 25.58 -37.51 1.19
CA GLU B 493 25.93 -37.69 -0.20
C GLU B 493 25.18 -36.70 -1.09
N ALA B 494 25.46 -35.42 -0.85
CA ALA B 494 24.83 -34.32 -1.57
C ALA B 494 25.84 -33.66 -2.47
N THR B 495 25.55 -33.61 -3.76
CA THR B 495 26.36 -32.84 -4.69
C THR B 495 26.04 -31.36 -4.56
N PRO B 496 26.91 -30.48 -5.06
CA PRO B 496 26.63 -29.05 -4.97
C PRO B 496 25.26 -28.68 -5.53
N GLU B 497 24.86 -29.31 -6.62
CA GLU B 497 23.51 -29.12 -7.15
C GLU B 497 22.48 -29.43 -6.08
N ALA B 498 22.71 -30.47 -5.28
CA ALA B 498 21.74 -30.84 -4.27
C ALA B 498 21.60 -29.76 -3.21
N LYS B 499 22.74 -29.24 -2.72
CA LYS B 499 22.68 -28.19 -1.70
C LYS B 499 22.01 -26.95 -2.25
N LEU B 500 22.35 -26.56 -3.48
CA LEU B 500 21.73 -25.37 -4.05
C LEU B 500 20.24 -25.57 -4.25
N ALA B 501 19.83 -26.75 -4.70
CA ALA B 501 18.41 -27.03 -4.90
C ALA B 501 17.68 -27.07 -3.58
N LEU B 502 18.33 -27.51 -2.51
CA LEU B 502 17.69 -27.51 -1.20
C LEU B 502 17.52 -26.10 -0.67
N ILE B 503 18.52 -25.24 -0.89
CA ILE B 503 18.37 -23.85 -0.48
C ILE B 503 17.25 -23.19 -1.28
N ARG B 504 17.20 -23.45 -2.58
CA ARG B 504 16.11 -22.90 -3.38
C ARG B 504 14.77 -23.42 -2.91
N GLN B 505 14.70 -24.71 -2.57
CA GLN B 505 13.48 -25.28 -2.00
C GLN B 505 13.05 -24.51 -0.77
N TYR B 506 13.91 -24.43 0.24
CA TYR B 506 13.55 -23.78 1.49
C TYR B 506 13.14 -22.34 1.25
N GLN B 507 14.01 -21.55 0.63
CA GLN B 507 13.67 -20.14 0.47
C GLN B 507 12.59 -19.90 -0.58
N ALA B 508 12.10 -20.95 -1.24
CA ALA B 508 10.91 -20.83 -2.06
C ALA B 508 9.63 -20.91 -1.25
N GLU B 509 9.71 -21.35 0.00
CA GLU B 509 8.59 -21.33 0.92
C GLU B 509 8.35 -19.96 1.51
N GLY B 510 9.07 -18.94 1.07
CA GLY B 510 8.95 -17.61 1.60
C GLY B 510 9.85 -17.31 2.78
N ARG B 511 10.54 -18.32 3.31
CA ARG B 511 11.43 -18.11 4.45
C ARG B 511 12.82 -17.71 3.97
N LEU B 512 13.67 -17.36 4.92
CA LEU B 512 15.05 -16.95 4.63
C LEU B 512 15.99 -18.02 5.12
N VAL B 513 16.85 -18.50 4.22
CA VAL B 513 17.79 -19.57 4.50
C VAL B 513 19.13 -18.96 4.86
N ALA B 514 19.96 -19.73 5.56
CA ALA B 514 21.27 -19.23 5.97
C ALA B 514 22.24 -20.40 6.05
N MET B 515 23.04 -20.60 5.00
CA MET B 515 23.97 -21.71 4.98
C MET B 515 25.32 -21.30 5.56
N THR B 516 26.00 -22.28 6.15
CA THR B 516 27.34 -22.12 6.70
C THR B 516 28.24 -23.21 6.12
N GLY B 517 29.15 -22.83 5.22
CA GLY B 517 29.95 -23.79 4.51
C GLY B 517 31.41 -23.37 4.47
N ASP B 518 32.28 -24.35 4.25
CA ASP B 518 33.71 -24.08 4.19
C ASP B 518 34.44 -24.60 2.98
N GLY B 519 33.77 -25.20 1.99
CA GLY B 519 34.44 -25.84 0.88
C GLY B 519 33.93 -25.35 -0.46
N THR B 520 34.57 -25.85 -1.51
CA THR B 520 34.19 -25.43 -2.85
C THR B 520 32.82 -25.96 -3.23
N ASN B 521 32.47 -27.16 -2.78
CA ASN B 521 31.15 -27.70 -3.07
C ASN B 521 30.04 -26.89 -2.41
N ASP B 522 30.36 -26.03 -1.46
CA ASP B 522 29.37 -25.14 -0.87
C ASP B 522 29.24 -23.83 -1.62
N ALA B 523 30.15 -23.53 -2.55
CA ALA B 523 30.10 -22.25 -3.25
C ALA B 523 28.76 -21.97 -3.91
N PRO B 524 28.16 -22.88 -4.67
CA PRO B 524 26.81 -22.62 -5.19
C PRO B 524 25.79 -22.27 -4.11
N ALA B 525 25.67 -23.18 -3.15
CA ALA B 525 24.68 -23.02 -2.10
C ALA B 525 24.93 -21.73 -1.31
N LEU B 526 26.18 -21.46 -0.97
CA LEU B 526 26.50 -20.25 -0.24
C LEU B 526 26.17 -19.03 -1.07
N ALA B 527 26.39 -19.11 -2.38
CA ALA B 527 26.08 -17.99 -3.26
C ALA B 527 24.60 -17.70 -3.29
N GLN B 528 23.76 -18.72 -3.15
CA GLN B 528 22.32 -18.47 -3.20
C GLN B 528 21.68 -18.19 -1.85
N ALA B 529 22.32 -18.56 -0.74
CA ALA B 529 21.69 -18.38 0.56
C ALA B 529 21.54 -16.90 0.88
N ASP B 530 20.65 -16.60 1.82
CA ASP B 530 20.44 -15.21 2.22
C ASP B 530 21.51 -14.76 3.20
N VAL B 531 21.94 -15.63 4.11
CA VAL B 531 23.00 -15.34 5.06
C VAL B 531 24.00 -16.49 4.94
N ALA B 532 25.01 -16.32 4.10
CA ALA B 532 25.94 -17.38 3.77
C ALA B 532 27.25 -17.10 4.49
N VAL B 533 27.42 -17.73 5.65
CA VAL B 533 28.62 -17.55 6.47
C VAL B 533 29.65 -18.60 6.05
N ALA B 534 30.77 -18.15 5.51
CA ALA B 534 31.81 -19.06 5.07
C ALA B 534 32.91 -19.14 6.12
N MET B 535 33.34 -20.35 6.43
CA MET B 535 34.37 -20.53 7.44
C MET B 535 35.67 -19.89 6.99
N ASN B 536 36.32 -19.17 7.90
CA ASN B 536 37.59 -18.55 7.54
C ASN B 536 38.67 -19.58 7.25
N SER B 537 38.55 -20.79 7.80
CA SER B 537 39.44 -21.87 7.42
C SER B 537 39.08 -22.49 6.09
N GLY B 538 37.91 -22.18 5.56
CA GLY B 538 37.46 -22.76 4.31
C GLY B 538 38.31 -22.36 3.14
N THR B 539 37.93 -22.80 1.95
CA THR B 539 38.65 -22.46 0.74
C THR B 539 38.28 -21.06 0.26
N GLN B 540 39.10 -20.54 -0.64
CA GLN B 540 38.85 -19.20 -1.15
C GLN B 540 37.57 -19.15 -1.96
N ALA B 541 37.19 -20.26 -2.60
CA ALA B 541 35.95 -20.28 -3.35
C ALA B 541 34.76 -20.15 -2.42
N ALA B 542 34.79 -20.85 -1.29
CA ALA B 542 33.72 -20.73 -0.30
C ALA B 542 33.70 -19.36 0.34
N LYS B 543 34.86 -18.74 0.54
CA LYS B 543 34.89 -17.42 1.17
C LYS B 543 34.54 -16.31 0.21
N GLU B 544 34.63 -16.53 -1.10
CA GLU B 544 34.21 -15.52 -2.06
C GLU B 544 32.72 -15.58 -2.32
N ALA B 545 32.10 -16.75 -2.16
CA ALA B 545 30.67 -16.86 -2.37
C ALA B 545 29.87 -16.35 -1.17
N GLY B 546 30.33 -16.66 0.04
CA GLY B 546 29.54 -16.35 1.22
C GLY B 546 29.42 -14.87 1.48
N ASN B 547 28.23 -14.47 1.97
CA ASN B 547 27.97 -13.09 2.35
C ASN B 547 28.95 -12.59 3.38
N MET B 548 29.49 -13.48 4.21
CA MET B 548 30.27 -13.05 5.35
C MET B 548 31.20 -14.18 5.75
N VAL B 549 32.36 -13.81 6.29
CA VAL B 549 33.37 -14.76 6.71
C VAL B 549 33.43 -14.76 8.23
N ASP B 550 33.62 -15.93 8.80
CA ASP B 550 33.66 -16.12 10.24
C ASP B 550 35.11 -16.33 10.64
N LEU B 551 35.69 -15.33 11.30
CA LEU B 551 37.11 -15.41 11.65
C LEU B 551 37.38 -16.39 12.78
N ASP B 552 36.36 -16.76 13.55
CA ASP B 552 36.51 -17.79 14.57
C ASP B 552 36.36 -19.20 14.00
N SER B 553 35.84 -19.34 12.80
CA SER B 553 35.58 -20.62 12.17
C SER B 553 34.61 -21.48 12.96
N ASN B 554 33.89 -20.90 13.91
CA ASN B 554 32.91 -21.65 14.68
C ASN B 554 31.61 -21.77 13.89
N PRO B 555 31.07 -22.97 13.70
CA PRO B 555 29.90 -23.12 12.85
C PRO B 555 28.59 -22.75 13.50
N THR B 556 28.62 -22.33 14.75
CA THR B 556 27.44 -21.91 15.49
C THR B 556 27.42 -20.41 15.74
N LYS B 557 28.29 -19.66 15.06
CA LYS B 557 28.29 -18.21 15.18
C LYS B 557 27.07 -17.57 14.55
N LEU B 558 26.15 -18.37 13.99
CA LEU B 558 24.90 -17.77 13.55
C LEU B 558 24.11 -17.26 14.74
N ILE B 559 24.33 -17.80 15.93
CA ILE B 559 23.63 -17.30 17.11
C ILE B 559 23.95 -15.83 17.32
N GLU B 560 25.24 -15.49 17.26
CA GLU B 560 25.64 -14.10 17.45
C GLU B 560 25.29 -13.26 16.24
N VAL B 561 25.37 -13.84 15.05
CA VAL B 561 24.97 -13.12 13.85
C VAL B 561 23.48 -12.80 13.90
N VAL B 562 22.69 -13.63 14.57
CA VAL B 562 21.27 -13.40 14.66
C VAL B 562 20.95 -12.40 15.77
N HIS B 563 21.72 -12.42 16.86
CA HIS B 563 21.54 -11.37 17.85
C HIS B 563 21.78 -10.01 17.22
N ILE B 564 22.84 -9.90 16.43
CA ILE B 564 23.13 -8.61 15.80
C ILE B 564 22.14 -8.30 14.70
N GLY B 565 21.63 -9.30 13.99
CA GLY B 565 20.59 -9.01 13.02
C GLY B 565 19.33 -8.47 13.68
N LYS B 566 19.02 -8.97 14.87
CA LYS B 566 17.83 -8.49 15.56
C LYS B 566 18.05 -7.09 16.12
N GLN B 567 19.29 -6.77 16.48
CA GLN B 567 19.58 -5.41 16.90
C GLN B 567 19.51 -4.45 15.72
N MET B 568 19.99 -4.87 14.55
CA MET B 568 19.86 -4.02 13.38
C MET B 568 18.41 -3.88 12.95
N LEU B 569 17.55 -4.84 13.26
CA LEU B 569 16.14 -4.62 12.93
C LEU B 569 15.47 -3.67 13.91
N MET B 570 15.88 -3.69 15.19
CA MET B 570 15.38 -2.66 16.09
C MET B 570 15.84 -1.26 15.64
N THR B 571 17.07 -1.17 15.14
CA THR B 571 17.58 0.11 14.69
C THR B 571 16.92 0.53 13.39
N ARG B 572 16.63 -0.42 12.51
CA ARG B 572 15.91 -0.11 11.29
C ARG B 572 14.53 0.43 11.60
N GLY B 573 13.86 -0.10 12.62
CA GLY B 573 12.56 0.42 12.94
C GLY B 573 12.61 1.81 13.54
N SER B 574 13.58 2.04 14.42
CA SER B 574 13.72 3.38 15.01
C SER B 574 13.99 4.42 13.94
N LEU B 575 14.94 4.15 13.05
CA LEU B 575 15.26 5.13 12.03
C LEU B 575 14.24 5.18 10.92
N THR B 576 13.43 4.14 10.74
CA THR B 576 12.33 4.26 9.79
C THR B 576 11.29 5.23 10.30
N THR B 577 11.00 5.19 11.61
CA THR B 577 10.09 6.18 12.15
C THR B 577 10.66 7.58 11.98
N PHE B 578 11.95 7.74 12.31
CA PHE B 578 12.59 9.03 12.12
C PHE B 578 12.48 9.49 10.67
N SER B 579 12.74 8.58 9.72
CA SER B 579 12.74 8.96 8.31
C SER B 579 11.37 9.39 7.82
N ILE B 580 10.32 8.67 8.23
CA ILE B 580 8.99 9.05 7.75
C ILE B 580 8.56 10.37 8.35
N ALA B 581 8.83 10.55 9.64
CA ALA B 581 8.55 11.84 10.27
C ALA B 581 9.33 12.94 9.58
N ASN B 582 10.58 12.67 9.20
CA ASN B 582 11.43 13.67 8.57
C ASN B 582 10.92 14.09 7.20
N ASP B 583 10.52 13.15 6.35
CA ASP B 583 10.15 13.59 5.02
C ASP B 583 8.83 14.33 5.06
N VAL B 584 7.94 13.91 5.93
CA VAL B 584 6.64 14.57 6.04
C VAL B 584 6.78 15.98 6.60
N ALA B 585 7.40 16.12 7.78
CA ALA B 585 7.68 17.44 8.33
C ALA B 585 8.45 18.32 7.36
N LYS B 586 9.37 17.75 6.58
CA LYS B 586 10.08 18.58 5.63
C LYS B 586 9.14 19.05 4.53
N TYR B 587 8.15 18.24 4.16
CA TYR B 587 7.19 18.69 3.17
C TYR B 587 6.44 19.92 3.66
N PHE B 588 5.95 19.87 4.90
CA PHE B 588 5.27 21.07 5.41
C PHE B 588 6.21 22.26 5.49
N ALA B 589 7.46 22.05 5.87
CA ALA B 589 8.38 23.17 5.94
C ALA B 589 8.69 23.80 4.58
N ILE B 590 8.81 22.95 3.55
CA ILE B 590 9.18 23.33 2.19
C ILE B 590 8.09 23.99 1.36
N ILE B 591 6.90 23.42 1.31
CA ILE B 591 5.86 23.98 0.44
C ILE B 591 5.25 25.37 0.65
N PRO B 592 5.20 25.99 1.82
CA PRO B 592 4.56 27.31 1.87
C PRO B 592 5.28 28.33 1.01
N ALA B 593 6.59 28.21 0.86
CA ALA B 593 7.37 29.15 0.05
C ALA B 593 6.92 29.16 -1.41
N ALA B 594 6.57 28.00 -1.96
CA ALA B 594 6.09 27.87 -3.34
C ALA B 594 4.83 28.66 -3.69
N PHE B 595 3.99 29.04 -2.73
CA PHE B 595 2.79 29.82 -3.05
C PHE B 595 3.00 31.32 -3.00
N ALA B 596 4.06 31.80 -2.36
CA ALA B 596 4.24 33.24 -2.21
C ALA B 596 4.25 33.95 -3.56
N ALA B 597 4.79 33.31 -4.59
CA ALA B 597 4.85 33.95 -5.90
C ALA B 597 3.47 34.05 -6.53
N THR B 598 2.58 33.09 -6.25
CA THR B 598 1.28 33.06 -6.91
C THR B 598 0.33 34.09 -6.30
N TYR B 599 -0.01 33.93 -5.03
CA TYR B 599 -0.86 34.87 -4.31
C TYR B 599 -0.05 35.53 -3.21
N PRO B 600 0.12 36.85 -3.21
CA PRO B 600 0.80 37.51 -2.08
C PRO B 600 0.31 37.02 -0.73
N GLN B 601 -1.01 36.98 -0.54
CA GLN B 601 -1.59 36.73 0.77
C GLN B 601 -1.20 35.38 1.36
N LEU B 602 -0.58 34.50 0.59
CA LEU B 602 -0.20 33.18 1.09
C LEU B 602 1.19 33.18 1.72
N ASN B 603 1.76 34.35 2.00
CA ASN B 603 2.93 34.39 2.88
C ASN B 603 2.55 34.05 4.30
N ALA B 604 1.28 34.24 4.67
CA ALA B 604 0.83 33.86 6.01
C ALA B 604 1.08 32.38 6.28
N LEU B 605 1.07 31.56 5.23
CA LEU B 605 1.31 30.13 5.41
C LEU B 605 2.77 29.84 5.69
N ASN B 606 3.66 30.78 5.38
CA ASN B 606 5.09 30.66 5.66
C ASN B 606 5.33 30.88 7.15
N ILE B 607 5.05 29.85 7.95
CA ILE B 607 5.22 29.97 9.39
C ILE B 607 6.68 30.19 9.76
N MET B 608 7.58 29.49 9.09
CA MET B 608 9.01 29.55 9.43
C MET B 608 9.65 30.86 9.01
N CYS B 609 8.92 31.77 8.39
CA CYS B 609 9.47 33.05 7.98
C CYS B 609 10.75 32.89 7.17
N LEU B 610 10.77 31.87 6.31
CA LEU B 610 11.89 31.71 5.40
C LEU B 610 11.96 32.90 4.46
N HIS B 611 13.12 33.07 3.83
CA HIS B 611 13.39 34.31 3.10
C HIS B 611 12.60 34.37 1.81
N SER B 612 12.78 33.39 0.93
CA SER B 612 12.14 33.40 -0.37
C SER B 612 11.92 31.97 -0.81
N PRO B 613 11.18 31.76 -1.89
CA PRO B 613 11.12 30.41 -2.46
C PRO B 613 12.48 29.87 -2.83
N ASP B 614 13.34 30.71 -3.41
CA ASP B 614 14.67 30.26 -3.80
C ASP B 614 15.46 29.83 -2.59
N SER B 615 15.44 30.62 -1.52
CA SER B 615 16.24 30.30 -0.35
C SER B 615 15.65 29.14 0.43
N ALA B 616 14.34 28.94 0.33
CA ALA B 616 13.72 27.79 0.98
C ALA B 616 14.09 26.51 0.25
N ILE B 617 14.10 26.54 -1.08
CA ILE B 617 14.40 25.31 -1.80
C ILE B 617 15.89 25.00 -1.78
N LEU B 618 16.75 26.02 -1.77
CA LEU B 618 18.17 25.76 -1.59
C LEU B 618 18.45 25.18 -0.21
N SER B 619 17.81 25.72 0.84
CA SER B 619 17.95 25.13 2.16
C SER B 619 17.43 23.71 2.17
N ALA B 620 16.36 23.45 1.42
CA ALA B 620 15.81 22.10 1.38
C ALA B 620 16.80 21.11 0.79
N VAL B 621 17.46 21.46 -0.31
CA VAL B 621 18.37 20.50 -0.92
C VAL B 621 19.61 20.31 -0.05
N ILE B 622 20.13 21.41 0.54
CA ILE B 622 21.27 21.25 1.44
C ILE B 622 20.89 20.35 2.60
N PHE B 623 19.69 20.52 3.15
CA PHE B 623 19.25 19.73 4.29
C PHE B 623 19.09 18.27 3.90
N ASN B 624 18.51 17.99 2.74
CA ASN B 624 18.32 16.61 2.30
C ASN B 624 19.66 15.91 2.15
N ALA B 625 20.67 16.65 1.74
CA ALA B 625 22.00 16.10 1.56
C ALA B 625 22.65 15.82 2.91
N LEU B 626 22.62 16.81 3.80
CA LEU B 626 23.21 16.62 5.12
C LEU B 626 22.53 15.52 5.90
N ILE B 627 21.21 15.38 5.78
CA ILE B 627 20.49 14.38 6.58
C ILE B 627 20.80 13.00 6.04
N ILE B 628 21.12 12.91 4.75
CA ILE B 628 21.39 11.61 4.19
C ILE B 628 22.81 11.23 4.61
N VAL B 629 23.69 12.23 4.72
CA VAL B 629 25.05 11.99 5.20
C VAL B 629 25.06 11.61 6.67
N PHE B 630 24.20 12.20 7.48
CA PHE B 630 24.18 11.99 8.93
C PHE B 630 23.28 10.84 9.37
N LEU B 631 22.54 10.23 8.46
CA LEU B 631 21.80 9.03 8.84
C LEU B 631 22.74 7.92 9.27
N ILE B 632 23.93 7.84 8.68
CA ILE B 632 24.91 6.79 8.99
C ILE B 632 25.40 6.89 10.45
N PRO B 633 25.99 7.98 10.92
CA PRO B 633 26.25 8.10 12.37
C PRO B 633 25.08 7.70 13.24
N LEU B 634 23.88 8.18 12.93
CA LEU B 634 22.72 7.89 13.75
C LEU B 634 22.46 6.40 13.83
N ALA B 635 22.57 5.69 12.70
CA ALA B 635 22.41 4.24 12.71
C ALA B 635 23.56 3.55 13.44
N LEU B 636 24.78 4.06 13.30
CA LEU B 636 25.92 3.46 13.98
C LEU B 636 25.72 3.46 15.47
N LYS B 637 25.33 4.59 16.03
CA LYS B 637 24.88 4.60 17.42
C LYS B 637 23.56 3.84 17.46
N GLY B 638 23.43 2.92 18.39
CA GLY B 638 22.30 2.00 18.40
C GLY B 638 21.05 2.62 19.00
N VAL B 639 20.20 1.76 19.54
CA VAL B 639 19.02 2.18 20.28
C VAL B 639 18.95 1.34 21.55
N SER B 640 17.90 1.55 22.32
CA SER B 640 17.70 0.76 23.55
C SER B 640 17.19 -0.60 23.14
N TYR B 641 18.12 -1.54 22.95
CA TYR B 641 17.74 -2.88 22.55
C TYR B 641 17.07 -3.61 23.70
N LYS B 642 15.82 -3.26 23.99
CA LYS B 642 15.06 -3.89 25.06
C LYS B 642 13.93 -4.74 24.48
N PRO B 643 13.50 -5.78 25.18
CA PRO B 643 12.35 -6.55 24.71
C PRO B 643 11.06 -5.82 24.99
N LEU B 644 10.45 -5.22 23.97
CA LEU B 644 9.21 -4.48 24.13
C LEU B 644 8.16 -4.97 23.15
N THR B 645 6.94 -5.16 23.66
CA THR B 645 5.83 -5.62 22.85
C THR B 645 5.49 -4.59 21.78
N ALA B 646 4.90 -5.08 20.67
CA ALA B 646 4.70 -4.26 19.49
C ALA B 646 4.13 -2.89 19.84
N SER B 647 3.13 -2.84 20.71
CA SER B 647 2.49 -1.57 21.01
C SER B 647 3.42 -0.65 21.79
N ALA B 648 4.09 -1.18 22.81
CA ALA B 648 4.97 -0.34 23.61
C ALA B 648 6.17 0.14 22.80
N MET B 649 6.71 -0.73 21.94
CA MET B 649 7.84 -0.30 21.12
C MET B 649 7.40 0.70 20.06
N LEU B 650 6.22 0.53 19.48
CA LEU B 650 5.73 1.54 18.56
C LEU B 650 5.56 2.87 19.26
N ARG B 651 5.05 2.86 20.48
CA ARG B 651 4.86 4.10 21.21
C ARG B 651 6.19 4.75 21.53
N ARG B 652 7.19 3.97 21.93
CA ARG B 652 8.50 4.54 22.22
C ARG B 652 9.13 5.13 20.96
N ASN B 653 9.11 4.37 19.86
CA ASN B 653 9.66 4.87 18.61
C ASN B 653 8.95 6.14 18.18
N LEU B 654 7.62 6.11 18.12
CA LEU B 654 6.87 7.33 17.80
C LEU B 654 7.36 8.47 18.67
N TRP B 655 7.20 8.36 19.99
CA TRP B 655 7.56 9.46 20.87
C TRP B 655 8.95 9.99 20.52
N ILE B 656 9.98 9.17 20.70
CA ILE B 656 11.34 9.69 20.62
C ILE B 656 11.70 10.04 19.18
N TYR B 657 11.74 9.04 18.31
CA TYR B 657 12.27 9.28 16.97
C TYR B 657 11.29 10.04 16.09
N GLY B 658 9.98 9.81 16.22
CA GLY B 658 9.04 10.60 15.46
C GLY B 658 9.06 12.07 15.85
N LEU B 659 9.09 12.38 17.15
CA LEU B 659 9.14 13.78 17.52
C LEU B 659 10.47 14.40 17.09
N GLY B 660 11.56 13.65 17.20
CA GLY B 660 12.81 14.12 16.66
C GLY B 660 12.72 14.40 15.17
N GLY B 661 12.04 13.53 14.43
CA GLY B 661 11.92 13.70 13.00
C GLY B 661 10.94 14.77 12.58
N LEU B 662 10.12 15.29 13.50
CA LEU B 662 9.37 16.49 13.19
C LEU B 662 10.18 17.73 13.48
N LEU B 663 10.81 17.81 14.64
CA LEU B 663 11.57 19.01 14.95
C LEU B 663 12.81 19.15 14.06
N VAL B 664 13.37 18.05 13.56
CA VAL B 664 14.60 18.16 12.78
C VAL B 664 14.39 18.95 11.49
N PRO B 665 13.33 18.71 10.70
CA PRO B 665 13.22 19.48 9.45
C PRO B 665 13.04 20.97 9.67
N PHE B 666 12.19 21.37 10.59
CA PHE B 666 11.93 22.80 10.79
C PHE B 666 13.18 23.51 11.26
N ILE B 667 13.82 22.99 12.30
CA ILE B 667 15.02 23.63 12.84
C ILE B 667 16.13 23.59 11.80
N GLY B 668 16.31 22.46 11.14
CA GLY B 668 17.41 22.32 10.20
C GLY B 668 17.27 23.24 9.02
N ILE B 669 16.09 23.27 8.42
CA ILE B 669 15.89 24.12 7.25
C ILE B 669 16.00 25.58 7.63
N LYS B 670 15.43 25.99 8.77
CA LYS B 670 15.55 27.39 9.14
C LYS B 670 16.98 27.76 9.46
N VAL B 671 17.78 26.88 10.06
CA VAL B 671 19.14 27.32 10.36
C VAL B 671 19.98 27.34 9.10
N ILE B 672 19.70 26.46 8.14
CA ILE B 672 20.43 26.54 6.88
C ILE B 672 20.04 27.82 6.15
N ASP B 673 18.76 28.20 6.24
CA ASP B 673 18.31 29.43 5.60
C ASP B 673 18.91 30.64 6.27
N LEU B 674 18.99 30.64 7.60
CA LEU B 674 19.62 31.74 8.30
C LEU B 674 21.08 31.86 7.89
N LEU B 675 21.76 30.74 7.72
CA LEU B 675 23.14 30.80 7.25
C LEU B 675 23.22 31.36 5.83
N LEU B 676 22.29 30.96 4.96
CA LEU B 676 22.33 31.49 3.60
C LEU B 676 22.10 33.00 3.58
N THR B 677 21.24 33.51 4.47
CA THR B 677 21.00 34.94 4.46
C THR B 677 22.15 35.71 5.09
N VAL B 678 22.59 35.31 6.29
CA VAL B 678 23.70 36.03 6.92
C VAL B 678 24.93 36.00 6.03
N CYS B 679 25.21 34.85 5.40
CA CYS B 679 26.40 34.76 4.56
C CYS B 679 26.29 35.65 3.33
N GLY B 680 25.08 35.99 2.91
CA GLY B 680 24.87 36.85 1.77
C GLY B 680 24.53 36.11 0.49
N LEU B 681 24.61 34.78 0.51
CA LEU B 681 24.40 34.01 -0.71
C LEU B 681 23.01 34.25 -1.28
N VAL B 682 21.97 33.98 -0.50
CA VAL B 682 20.60 34.16 -0.96
C VAL B 682 19.84 35.07 0.01
N MET C 1 -17.08 -16.34 -13.15
CA MET C 1 -17.42 -15.41 -14.24
C MET C 1 -18.86 -15.05 -14.01
N SER C 2 -19.35 -14.09 -14.78
CA SER C 2 -20.73 -13.68 -14.66
C SER C 2 -21.50 -14.49 -15.68
N GLY C 3 -22.16 -15.56 -15.22
CA GLY C 3 -22.89 -16.38 -16.16
C GLY C 3 -24.04 -15.54 -16.66
N LEU C 4 -24.34 -15.67 -17.94
CA LEU C 4 -25.41 -14.83 -18.45
C LEU C 4 -26.77 -15.23 -17.89
N ARG C 5 -26.97 -16.49 -17.52
CA ARG C 5 -28.31 -16.85 -17.06
C ARG C 5 -28.61 -16.26 -15.69
N PRO C 6 -27.71 -16.35 -14.70
CA PRO C 6 -28.01 -15.73 -13.41
C PRO C 6 -27.72 -14.25 -13.38
N ALA C 7 -26.82 -13.75 -14.22
CA ALA C 7 -26.59 -12.31 -14.22
C ALA C 7 -27.77 -11.60 -14.87
N LEU C 8 -28.23 -12.10 -16.01
CA LEU C 8 -29.41 -11.51 -16.64
C LEU C 8 -30.63 -11.68 -15.76
N SER C 9 -30.81 -12.84 -15.14
CA SER C 9 -32.00 -13.04 -14.32
C SER C 9 -31.97 -12.17 -13.08
N THR C 10 -30.81 -12.04 -12.45
CA THR C 10 -30.71 -11.18 -11.27
C THR C 10 -30.97 -9.74 -11.64
N PHE C 11 -30.37 -9.27 -12.74
CA PHE C 11 -30.56 -7.88 -13.12
C PHE C 11 -32.03 -7.61 -13.47
N ILE C 12 -32.64 -8.48 -14.28
CA ILE C 12 -34.03 -8.22 -14.66
C ILE C 12 -34.96 -8.31 -13.45
N PHE C 13 -34.72 -9.25 -12.55
CA PHE C 13 -35.60 -9.33 -11.38
C PHE C 13 -35.46 -8.11 -10.51
N LEU C 14 -34.23 -7.64 -10.31
CA LEU C 14 -34.04 -6.45 -9.48
C LEU C 14 -34.55 -5.21 -10.20
N LEU C 15 -34.48 -5.20 -11.53
CA LEU C 15 -35.04 -4.11 -12.29
C LEU C 15 -36.53 -4.03 -12.09
N LEU C 16 -37.23 -5.15 -12.22
CA LEU C 16 -38.68 -5.12 -12.03
C LEU C 16 -39.02 -4.77 -10.58
N ILE C 17 -38.33 -5.37 -9.62
CA ILE C 17 -38.72 -5.20 -8.22
C ILE C 17 -38.45 -3.79 -7.74
N THR C 18 -37.33 -3.20 -8.15
CA THR C 18 -36.95 -1.89 -7.69
C THR C 18 -37.20 -0.81 -8.73
N GLY C 19 -37.97 -1.09 -9.77
CA GLY C 19 -38.39 -0.06 -10.68
C GLY C 19 -39.88 -0.01 -10.89
N GLY C 20 -40.59 -1.13 -10.77
CA GLY C 20 -42.03 -1.10 -10.84
C GLY C 20 -42.73 -1.38 -9.53
N VAL C 21 -42.34 -2.47 -8.86
CA VAL C 21 -43.01 -2.87 -7.64
C VAL C 21 -42.79 -1.85 -6.54
N TYR C 22 -41.54 -1.42 -6.36
CA TYR C 22 -41.25 -0.47 -5.30
C TYR C 22 -41.90 0.89 -5.56
N PRO C 23 -41.74 1.53 -6.72
CA PRO C 23 -42.48 2.77 -6.96
C PRO C 23 -43.98 2.59 -6.99
N LEU C 24 -44.48 1.51 -7.56
CA LEU C 24 -45.92 1.30 -7.56
C LEU C 24 -46.46 1.14 -6.15
N LEU C 25 -45.76 0.38 -5.31
CA LEU C 25 -46.24 0.18 -3.95
C LEU C 25 -46.18 1.48 -3.16
N THR C 26 -45.13 2.27 -3.35
CA THR C 26 -45.06 3.54 -2.64
C THR C 26 -46.15 4.48 -3.13
N THR C 27 -46.43 4.49 -4.43
CA THR C 27 -47.48 5.36 -4.92
C THR C 27 -48.84 4.93 -4.41
N VAL C 28 -49.11 3.63 -4.37
CA VAL C 28 -50.40 3.17 -3.87
C VAL C 28 -50.58 3.58 -2.41
N LEU C 29 -49.61 3.22 -1.57
CA LEU C 29 -49.72 3.57 -0.16
C LEU C 29 -49.76 5.08 0.04
N GLY C 30 -48.86 5.82 -0.61
CA GLY C 30 -48.89 7.27 -0.52
C GLY C 30 -50.25 7.85 -0.84
N GLN C 31 -50.81 7.51 -2.00
CA GLN C 31 -52.09 8.09 -2.37
C GLN C 31 -53.17 7.69 -1.38
N TRP C 32 -53.21 6.42 -1.02
CA TRP C 32 -54.27 5.92 -0.14
C TRP C 32 -54.21 6.60 1.23
N TRP C 33 -53.02 6.78 1.78
CA TRP C 33 -52.87 7.25 3.15
C TRP C 33 -52.69 8.75 3.22
N PHE C 34 -51.98 9.32 2.27
CA PHE C 34 -51.54 10.72 2.33
C PHE C 34 -51.86 11.37 0.99
N PRO C 35 -53.13 11.41 0.61
CA PRO C 35 -53.47 11.85 -0.74
C PRO C 35 -53.27 13.33 -0.98
N TRP C 36 -53.05 14.12 0.05
CA TRP C 36 -52.83 15.55 -0.09
C TRP C 36 -51.35 15.89 -0.15
N GLN C 37 -50.56 15.33 0.76
CA GLN C 37 -49.13 15.58 0.73
C GLN C 37 -48.50 14.96 -0.50
N ALA C 38 -49.08 13.87 -1.00
CA ALA C 38 -48.47 13.16 -2.12
C ALA C 38 -48.71 13.86 -3.45
N ASN C 39 -49.81 14.59 -3.58
CA ASN C 39 -50.14 15.29 -4.82
C ASN C 39 -49.69 16.74 -4.80
N GLY C 40 -48.75 17.10 -3.93
CA GLY C 40 -48.12 18.40 -3.97
C GLY C 40 -48.55 19.39 -2.91
N SER C 41 -49.48 19.04 -2.04
CA SER C 41 -49.93 19.96 -0.99
C SER C 41 -50.54 21.22 -1.60
N LEU C 42 -51.40 21.04 -2.59
CA LEU C 42 -51.93 22.17 -3.33
C LEU C 42 -52.98 22.90 -2.51
N ILE C 43 -52.99 24.21 -2.64
CA ILE C 43 -54.04 25.07 -2.10
C ILE C 43 -55.02 25.35 -3.21
N ARG C 44 -56.28 25.53 -2.86
CA ARG C 44 -57.31 25.76 -3.86
C ARG C 44 -58.25 26.86 -3.40
N GLU C 45 -58.82 27.56 -4.37
CA GLU C 45 -59.83 28.58 -4.13
C GLU C 45 -61.12 28.09 -4.76
N GLY C 46 -61.45 26.84 -4.51
CA GLY C 46 -62.58 26.20 -5.16
C GLY C 46 -62.16 25.42 -6.39
N ASP C 47 -61.75 26.12 -7.44
CA ASP C 47 -61.36 25.49 -8.68
C ASP C 47 -59.90 25.77 -9.03
N THR C 48 -59.49 27.03 -9.06
CA THR C 48 -58.15 27.40 -9.46
C THR C 48 -57.14 27.13 -8.35
N VAL C 49 -56.09 26.38 -8.67
CA VAL C 49 -55.00 26.12 -7.74
C VAL C 49 -54.24 27.42 -7.52
N ARG C 50 -53.88 27.69 -6.26
CA ARG C 50 -53.13 28.89 -5.92
C ARG C 50 -51.76 28.58 -5.33
N GLY C 51 -51.24 27.39 -5.59
CA GLY C 51 -49.89 27.02 -5.24
C GLY C 51 -49.84 25.94 -4.18
N SER C 52 -48.65 25.41 -3.99
CA SER C 52 -48.43 24.45 -2.92
C SER C 52 -48.28 25.19 -1.60
N ALA C 53 -48.55 24.47 -0.53
CA ALA C 53 -48.26 24.97 0.79
C ALA C 53 -46.78 24.86 1.12
N LEU C 54 -45.94 24.44 0.17
CA LEU C 54 -44.54 24.21 0.41
C LEU C 54 -43.62 25.03 -0.48
N ILE C 55 -44.13 25.68 -1.53
CA ILE C 55 -43.26 26.18 -2.59
C ILE C 55 -42.88 27.64 -2.37
N GLY C 56 -43.84 28.52 -2.12
CA GLY C 56 -43.50 29.90 -1.92
C GLY C 56 -43.42 30.66 -3.22
N GLN C 57 -44.13 31.78 -3.29
CA GLN C 57 -44.32 32.52 -4.53
C GLN C 57 -43.72 33.90 -4.41
N ASN C 58 -43.49 34.52 -5.56
CA ASN C 58 -42.90 35.84 -5.62
C ASN C 58 -43.97 36.87 -5.26
N PHE C 59 -43.97 37.32 -4.01
CA PHE C 59 -44.87 38.37 -3.57
C PHE C 59 -44.17 39.72 -3.72
N THR C 60 -44.84 40.65 -4.39
CA THR C 60 -44.28 41.99 -4.60
C THR C 60 -45.19 43.10 -4.10
N GLY C 61 -46.49 42.84 -3.94
CA GLY C 61 -47.39 43.86 -3.44
C GLY C 61 -46.90 44.48 -2.16
N ASN C 62 -47.42 45.65 -1.82
CA ASN C 62 -46.98 46.34 -0.62
C ASN C 62 -47.72 45.87 0.62
N GLY C 63 -48.85 45.19 0.46
CA GLY C 63 -49.62 44.68 1.57
C GLY C 63 -49.40 43.22 1.88
N TYR C 64 -48.42 42.57 1.25
CA TYR C 64 -48.12 41.18 1.47
C TYR C 64 -46.82 41.04 2.27
N PHE C 65 -46.62 39.86 2.84
CA PHE C 65 -45.35 39.51 3.46
C PHE C 65 -44.42 38.98 2.38
N HIS C 66 -43.30 39.64 2.18
CA HIS C 66 -42.32 39.23 1.18
C HIS C 66 -41.38 38.22 1.78
N GLY C 67 -41.05 37.20 0.99
CA GLY C 67 -40.12 36.18 1.40
C GLY C 67 -38.70 36.57 1.10
N ARG C 68 -37.89 35.56 0.82
CA ARG C 68 -36.51 35.76 0.44
C ARG C 68 -36.41 36.16 -1.02
N PRO C 69 -35.22 36.51 -1.49
CA PRO C 69 -34.96 36.52 -2.92
C PRO C 69 -34.91 35.10 -3.49
N SER C 70 -35.11 35.00 -4.80
CA SER C 70 -35.30 33.69 -5.43
C SER C 70 -34.05 33.19 -6.14
N ALA C 71 -33.55 33.93 -7.13
CA ALA C 71 -32.40 33.55 -7.93
C ALA C 71 -32.69 32.39 -8.87
N THR C 72 -33.95 32.12 -9.19
CA THR C 72 -34.27 31.11 -10.18
C THR C 72 -34.01 31.67 -11.57
N ALA C 73 -34.11 30.79 -12.58
CA ALA C 73 -33.55 31.09 -13.89
C ALA C 73 -34.19 32.29 -14.57
N GLU C 74 -35.48 32.20 -14.92
CA GLU C 74 -36.11 33.22 -15.75
C GLU C 74 -36.80 34.28 -14.91
N MET C 75 -37.77 33.88 -14.13
CA MET C 75 -38.46 34.76 -13.20
C MET C 75 -38.17 34.29 -11.78
N PRO C 76 -38.24 35.17 -10.79
CA PRO C 76 -38.03 34.72 -9.43
C PRO C 76 -39.16 33.81 -8.98
N TYR C 77 -38.81 32.78 -8.21
CA TYR C 77 -39.76 31.80 -7.72
C TYR C 77 -40.40 31.06 -8.89
N ASN C 78 -39.54 30.40 -9.66
CA ASN C 78 -39.92 29.65 -10.84
C ASN C 78 -39.74 28.16 -10.55
N PRO C 79 -40.81 27.40 -10.36
CA PRO C 79 -40.63 26.00 -9.96
C PRO C 79 -39.93 25.15 -10.99
N GLN C 80 -39.87 25.59 -12.24
CA GLN C 80 -39.30 24.79 -13.32
C GLN C 80 -37.80 24.96 -13.46
N ALA C 81 -37.20 25.92 -12.76
CA ALA C 81 -35.78 26.16 -12.86
C ALA C 81 -35.19 26.44 -11.49
N SER C 82 -35.57 25.64 -10.51
CA SER C 82 -35.07 25.82 -9.16
C SER C 82 -33.55 25.86 -9.16
N GLY C 83 -33.01 26.59 -8.20
CA GLY C 83 -31.57 26.75 -8.09
C GLY C 83 -31.26 28.00 -7.31
N GLY C 84 -30.07 28.02 -6.74
CA GLY C 84 -29.63 29.16 -5.97
C GLY C 84 -28.61 29.97 -6.73
N SER C 85 -28.43 31.22 -6.38
CA SER C 85 -27.36 32.02 -6.97
C SER C 85 -26.06 31.55 -6.35
N ASN C 86 -25.34 30.69 -7.05
CA ASN C 86 -24.15 30.07 -6.46
C ASN C 86 -23.03 31.08 -6.40
N LEU C 87 -23.22 32.17 -5.67
CA LEU C 87 -22.27 33.26 -5.63
C LEU C 87 -21.40 33.10 -4.39
N ALA C 88 -20.09 33.04 -4.58
CA ALA C 88 -19.19 32.88 -3.47
C ALA C 88 -19.25 34.10 -2.57
N VAL C 89 -18.59 33.98 -1.41
CA VAL C 89 -18.49 35.12 -0.51
C VAL C 89 -17.50 36.15 -1.04
N SER C 90 -16.58 35.75 -1.90
CA SER C 90 -15.58 36.64 -2.48
C SER C 90 -16.01 37.24 -3.80
N ASN C 91 -17.22 36.95 -4.26
CA ASN C 91 -17.70 37.45 -5.55
C ASN C 91 -18.29 38.83 -5.34
N PRO C 92 -17.77 39.89 -5.98
CA PRO C 92 -18.36 41.21 -5.78
C PRO C 92 -19.76 41.36 -6.32
N GLU C 93 -20.17 40.49 -7.26
CA GLU C 93 -21.55 40.51 -7.71
C GLU C 93 -22.49 40.26 -6.55
N LEU C 94 -22.10 39.38 -5.62
CA LEU C 94 -22.95 39.11 -4.47
C LEU C 94 -23.11 40.35 -3.61
N ASP C 95 -22.03 41.13 -3.46
CA ASP C 95 -22.13 42.35 -2.68
C ASP C 95 -23.00 43.38 -3.37
N LYS C 96 -22.92 43.45 -4.70
CA LYS C 96 -23.82 44.34 -5.43
C LYS C 96 -25.28 43.95 -5.20
N LEU C 97 -25.57 42.65 -5.31
CA LEU C 97 -26.93 42.18 -5.10
C LEU C 97 -27.41 42.51 -3.69
N ILE C 98 -26.57 42.22 -2.68
CA ILE C 98 -26.98 42.44 -1.31
C ILE C 98 -27.20 43.92 -1.03
N ALA C 99 -26.35 44.77 -1.58
CA ALA C 99 -26.53 46.20 -1.37
C ALA C 99 -27.81 46.69 -2.04
N ALA C 100 -28.11 46.22 -3.24
CA ALA C 100 -29.35 46.61 -3.89
C ALA C 100 -30.56 46.15 -3.08
N ARG C 101 -30.53 44.91 -2.61
CA ARG C 101 -31.66 44.38 -1.86
C ARG C 101 -31.83 45.11 -0.54
N VAL C 102 -30.74 45.46 0.13
CA VAL C 102 -30.84 46.20 1.37
C VAL C 102 -31.42 47.58 1.13
N ALA C 103 -31.00 48.24 0.05
CA ALA C 103 -31.57 49.55 -0.26
C ALA C 103 -33.06 49.46 -0.52
N ALA C 104 -33.47 48.44 -1.29
CA ALA C 104 -34.89 48.27 -1.60
C ALA C 104 -35.69 47.99 -0.33
N LEU C 105 -35.14 47.20 0.58
CA LEU C 105 -35.88 46.84 1.79
C LEU C 105 -35.93 48.00 2.77
N ARG C 106 -34.89 48.84 2.82
CA ARG C 106 -34.97 50.01 3.66
C ARG C 106 -35.89 51.07 3.06
N ALA C 107 -36.07 51.06 1.75
CA ALA C 107 -37.00 52.00 1.15
C ALA C 107 -38.44 51.54 1.30
N ALA C 108 -38.68 50.23 1.24
CA ALA C 108 -40.04 49.73 1.36
C ALA C 108 -40.54 49.79 2.79
N ASN C 109 -39.68 49.45 3.76
CA ASN C 109 -40.05 49.50 5.17
C ASN C 109 -39.35 50.67 5.85
N PRO C 110 -39.90 51.87 5.76
CA PRO C 110 -39.20 53.02 6.33
C PRO C 110 -39.32 53.14 7.83
N ASP C 111 -40.46 52.72 8.38
CA ASP C 111 -40.72 52.85 9.81
C ASP C 111 -40.36 51.59 10.59
N ALA C 112 -39.66 50.65 9.97
CA ALA C 112 -39.11 49.50 10.68
C ALA C 112 -37.66 49.82 11.05
N SER C 113 -36.94 48.84 11.59
CA SER C 113 -35.55 49.06 11.92
C SER C 113 -34.73 49.27 10.65
N ALA C 114 -33.52 49.79 10.83
CA ALA C 114 -32.62 49.99 9.70
C ALA C 114 -31.75 48.79 9.43
N SER C 115 -31.66 47.85 10.39
CA SER C 115 -30.88 46.64 10.23
C SER C 115 -31.78 45.57 9.62
N VAL C 116 -31.55 45.27 8.35
CA VAL C 116 -32.39 44.35 7.59
C VAL C 116 -32.08 42.91 8.00
N PRO C 117 -33.07 42.06 8.23
CA PRO C 117 -32.76 40.65 8.52
C PRO C 117 -31.91 40.04 7.43
N VAL C 118 -30.96 39.21 7.83
CA VAL C 118 -30.03 38.60 6.89
C VAL C 118 -30.70 37.61 5.96
N GLU C 119 -31.98 37.29 6.19
CA GLU C 119 -32.68 36.37 5.31
C GLU C 119 -33.32 37.09 4.13
N LEU C 120 -34.03 38.18 4.38
CA LEU C 120 -34.67 38.92 3.31
C LEU C 120 -33.67 39.43 2.28
N VAL C 121 -32.38 39.46 2.64
CA VAL C 121 -31.35 40.00 1.77
C VAL C 121 -30.60 38.93 0.99
N THR C 122 -30.59 37.69 1.46
CA THR C 122 -29.84 36.60 0.84
C THR C 122 -30.79 35.59 0.22
N ALA C 123 -30.40 35.01 -0.90
CA ALA C 123 -31.27 34.16 -1.69
C ALA C 123 -31.20 32.72 -1.19
N SER C 124 -32.35 32.05 -1.19
CA SER C 124 -32.45 30.70 -0.66
C SER C 124 -31.63 29.74 -1.51
N ALA C 125 -31.61 28.48 -1.09
CA ALA C 125 -30.80 27.49 -1.80
C ALA C 125 -31.54 26.99 -3.02
N SER C 126 -32.79 26.59 -2.85
CA SER C 126 -33.56 26.04 -3.96
C SER C 126 -34.18 27.14 -4.81
N GLY C 127 -34.40 28.31 -4.25
CA GLY C 127 -35.07 29.38 -4.93
C GLY C 127 -36.54 29.43 -4.65
N LEU C 128 -37.10 28.34 -4.12
CA LEU C 128 -38.53 28.20 -3.85
C LEU C 128 -38.62 28.00 -2.35
N ASP C 129 -38.62 29.09 -1.60
CA ASP C 129 -38.54 29.04 -0.14
C ASP C 129 -39.74 29.78 0.41
N ASN C 130 -40.69 29.03 0.95
CA ASN C 130 -41.92 29.57 1.48
C ASN C 130 -41.80 29.99 2.93
N ASN C 131 -40.59 30.06 3.46
CA ASN C 131 -40.37 30.20 4.89
C ASN C 131 -39.43 31.36 5.20
N ILE C 132 -39.80 32.13 6.23
CA ILE C 132 -38.92 33.12 6.85
C ILE C 132 -39.13 33.03 8.34
N THR C 133 -38.05 33.10 9.11
CA THR C 133 -38.16 33.04 10.56
C THR C 133 -39.13 34.12 11.05
N PRO C 134 -39.90 33.87 12.11
CA PRO C 134 -40.84 34.90 12.57
C PRO C 134 -40.20 36.23 12.89
N GLN C 135 -38.88 36.29 13.06
CA GLN C 135 -38.21 37.57 13.22
C GLN C 135 -38.26 38.38 11.92
N ALA C 136 -37.88 37.74 10.82
CA ALA C 136 -37.91 38.42 9.53
C ALA C 136 -39.34 38.78 9.14
N ALA C 137 -40.30 37.92 9.48
CA ALA C 137 -41.69 38.19 9.17
C ALA C 137 -42.29 39.25 10.08
N ALA C 138 -41.74 39.42 11.28
CA ALA C 138 -42.20 40.47 12.19
C ALA C 138 -41.42 41.77 12.01
N TRP C 139 -40.40 41.78 11.16
CA TRP C 139 -39.76 43.02 10.79
C TRP C 139 -40.59 43.79 9.76
N GLN C 140 -41.53 43.11 9.10
CA GLN C 140 -42.36 43.69 8.07
C GLN C 140 -43.74 44.08 8.56
N ILE C 141 -44.02 43.92 9.85
CA ILE C 141 -45.36 44.15 10.38
C ILE C 141 -45.75 45.61 10.28
N PRO C 142 -44.86 46.58 10.51
CA PRO C 142 -45.27 47.98 10.30
C PRO C 142 -45.77 48.24 8.90
N ARG C 143 -45.01 47.84 7.89
CA ARG C 143 -45.40 48.10 6.51
C ARG C 143 -46.70 47.39 6.17
N VAL C 144 -46.81 46.12 6.52
CA VAL C 144 -47.99 45.35 6.16
C VAL C 144 -49.21 45.83 6.93
N ALA C 145 -49.01 46.37 8.13
CA ALA C 145 -50.14 46.87 8.89
C ALA C 145 -50.64 48.19 8.33
N LYS C 146 -49.72 49.08 7.95
CA LYS C 146 -50.14 50.32 7.30
C LYS C 146 -50.83 50.01 5.98
N ALA C 147 -50.29 49.09 5.19
CA ALA C 147 -50.91 48.75 3.92
C ALA C 147 -52.27 48.10 4.10
N ARG C 148 -52.41 47.21 5.07
CA ARG C 148 -53.64 46.45 5.29
C ARG C 148 -54.57 47.10 6.29
N ASN C 149 -54.16 48.21 6.91
CA ASN C 149 -54.98 48.87 7.92
C ASN C 149 -55.37 47.91 9.04
N LEU C 150 -54.43 47.05 9.42
CA LEU C 150 -54.59 46.18 10.59
C LEU C 150 -53.74 46.72 11.72
N SER C 151 -53.97 46.19 12.91
CA SER C 151 -53.21 46.57 14.09
C SER C 151 -52.06 45.58 14.29
N VAL C 152 -50.96 46.08 14.85
CA VAL C 152 -49.77 45.24 14.99
C VAL C 152 -50.08 43.99 15.79
N GLU C 153 -51.05 44.05 16.70
CA GLU C 153 -51.39 42.85 17.46
C GLU C 153 -52.06 41.81 16.59
N GLN C 154 -52.96 42.25 15.70
CA GLN C 154 -53.60 41.32 14.78
C GLN C 154 -52.56 40.60 13.94
N LEU C 155 -51.62 41.34 13.35
CA LEU C 155 -50.61 40.72 12.51
C LEU C 155 -49.65 39.88 13.33
N THR C 156 -49.38 40.25 14.57
CA THR C 156 -48.53 39.42 15.40
C THR C 156 -49.17 38.06 15.62
N GLN C 157 -50.43 38.04 16.08
CA GLN C 157 -51.06 36.75 16.34
C GLN C 157 -51.32 36.00 15.04
N LEU C 158 -51.47 36.70 13.92
CA LEU C 158 -51.65 36.03 12.64
C LEU C 158 -50.37 35.32 12.22
N ILE C 159 -49.24 36.04 12.25
CA ILE C 159 -47.96 35.39 11.98
C ILE C 159 -47.73 34.25 12.93
N ALA C 160 -48.20 34.38 14.18
CA ALA C 160 -48.02 33.29 15.14
C ALA C 160 -48.87 32.08 14.77
N LYS C 161 -50.03 32.30 14.17
CA LYS C 161 -50.89 31.18 13.80
C LYS C 161 -50.34 30.38 12.63
N TYR C 162 -49.34 30.90 11.92
CA TYR C 162 -48.76 30.21 10.77
C TYR C 162 -47.28 29.92 10.95
N SER C 163 -46.74 30.12 12.14
CA SER C 163 -45.38 29.69 12.43
C SER C 163 -45.37 28.19 12.72
N GLN C 164 -44.24 27.55 12.43
CA GLN C 164 -44.10 26.10 12.53
C GLN C 164 -42.78 25.80 13.23
N GLN C 165 -42.82 25.66 14.53
CA GLN C 165 -41.62 25.26 15.26
C GLN C 165 -41.24 23.82 14.89
N PRO C 166 -39.96 23.48 14.91
CA PRO C 166 -39.57 22.10 14.69
C PRO C 166 -39.81 21.26 15.94
N LEU C 167 -39.65 19.95 15.79
CA LEU C 167 -39.87 19.04 16.90
C LEU C 167 -38.98 19.41 18.09
N VAL C 168 -37.67 19.31 17.91
CA VAL C 168 -36.70 19.76 18.89
C VAL C 168 -36.05 21.04 18.37
N LYS C 169 -35.66 21.90 19.29
CA LYS C 169 -35.37 23.28 18.93
C LYS C 169 -34.08 23.45 18.14
N TYR C 170 -33.35 22.38 17.85
CA TYR C 170 -32.04 22.51 17.22
C TYR C 170 -31.91 21.75 15.92
N ILE C 171 -32.97 21.11 15.42
CA ILE C 171 -32.93 20.48 14.11
C ILE C 171 -33.48 21.37 13.02
N GLY C 172 -33.97 22.55 13.37
CA GLY C 172 -34.43 23.48 12.36
C GLY C 172 -34.61 24.85 12.95
N GLN C 173 -35.46 25.64 12.31
CA GLN C 173 -35.80 26.97 12.76
C GLN C 173 -37.31 27.12 12.83
N PRO C 174 -37.82 27.96 13.73
CA PRO C 174 -39.21 28.39 13.59
C PRO C 174 -39.37 29.16 12.31
N VAL C 175 -40.42 28.87 11.56
CA VAL C 175 -40.59 29.42 10.23
C VAL C 175 -42.03 29.78 9.97
N VAL C 176 -42.22 30.84 9.18
CA VAL C 176 -43.53 31.36 8.82
C VAL C 176 -43.87 30.88 7.42
N ASN C 177 -45.03 30.25 7.25
CA ASN C 177 -45.51 29.87 5.92
C ASN C 177 -46.01 31.13 5.23
N ILE C 178 -45.30 31.58 4.21
CA ILE C 178 -45.65 32.87 3.62
C ILE C 178 -46.85 32.76 2.70
N VAL C 179 -46.91 31.73 1.87
CA VAL C 179 -48.04 31.58 0.95
C VAL C 179 -49.34 31.56 1.73
N GLU C 180 -49.44 30.65 2.69
CA GLU C 180 -50.66 30.55 3.49
C GLU C 180 -50.87 31.79 4.32
N LEU C 181 -49.81 32.44 4.78
CA LEU C 181 -49.96 33.64 5.58
C LEU C 181 -50.60 34.75 4.76
N ASN C 182 -50.14 34.95 3.52
CA ASN C 182 -50.71 36.00 2.69
C ASN C 182 -52.09 35.64 2.20
N LEU C 183 -52.36 34.37 1.95
CA LEU C 183 -53.73 33.99 1.62
C LEU C 183 -54.67 34.24 2.79
N ALA C 184 -54.20 33.99 4.01
CA ALA C 184 -55.00 34.30 5.19
C ALA C 184 -55.17 35.79 5.37
N LEU C 185 -54.15 36.56 5.03
CA LEU C 185 -54.24 38.01 5.09
C LEU C 185 -55.33 38.51 4.14
N ASP C 186 -55.39 37.96 2.93
CA ASP C 186 -56.43 38.36 2.00
C ASP C 186 -57.81 37.94 2.51
N LYS C 187 -57.95 36.68 2.94
CA LYS C 187 -59.21 36.23 3.50
C LYS C 187 -59.63 37.09 4.68
N LEU C 188 -58.67 37.67 5.40
CA LEU C 188 -59.00 38.56 6.49
C LEU C 188 -59.56 39.87 5.96
N ASP C 189 -58.88 40.49 5.00
CA ASP C 189 -59.37 41.73 4.40
C ASP C 189 -60.50 41.43 3.42
N GLU C 190 -61.59 40.92 3.97
CA GLU C 190 -62.76 40.56 3.16
C GLU C 190 -63.96 40.32 4.06
N MET D 1 -0.39 25.08 -23.72
CA MET D 1 -0.31 24.01 -24.74
C MET D 1 0.71 24.38 -25.82
N SER D 2 1.98 24.24 -25.48
CA SER D 2 3.07 24.60 -26.35
C SER D 2 4.16 23.54 -26.23
N ALA D 3 5.34 23.84 -26.77
CA ALA D 3 6.44 22.89 -26.69
C ALA D 3 6.80 22.60 -25.25
N GLY D 4 6.98 23.64 -24.43
CA GLY D 4 7.38 23.42 -23.06
C GLY D 4 6.33 22.70 -22.24
N VAL D 5 5.06 23.10 -22.39
CA VAL D 5 4.01 22.48 -21.59
C VAL D 5 3.81 21.03 -21.98
N ILE D 6 3.87 20.73 -23.28
CA ILE D 6 3.70 19.35 -23.72
C ILE D 6 4.89 18.51 -23.27
N THR D 7 6.10 19.07 -23.33
CA THR D 7 7.24 18.35 -22.80
C THR D 7 7.05 18.05 -21.32
N GLY D 8 6.58 19.03 -20.55
CA GLY D 8 6.38 18.80 -19.13
C GLY D 8 5.31 17.76 -18.86
N VAL D 9 4.21 17.80 -19.62
CA VAL D 9 3.13 16.84 -19.41
C VAL D 9 3.62 15.44 -19.72
N LEU D 10 4.29 15.24 -20.85
CA LEU D 10 4.74 13.90 -21.19
C LEU D 10 5.83 13.43 -20.24
N LEU D 11 6.66 14.34 -19.73
CA LEU D 11 7.66 13.92 -18.76
C LEU D 11 7.01 13.50 -17.44
N VAL D 12 6.00 14.24 -16.99
CA VAL D 12 5.29 13.84 -15.78
C VAL D 12 4.63 12.49 -15.97
N PHE D 13 4.07 12.25 -17.15
CA PHE D 13 3.42 10.96 -17.38
C PHE D 13 4.46 9.84 -17.44
N LEU D 14 5.62 10.11 -18.01
CA LEU D 14 6.69 9.11 -18.00
C LEU D 14 7.12 8.79 -16.58
N LEU D 15 7.24 9.81 -15.74
CA LEU D 15 7.66 9.55 -14.37
C LEU D 15 6.57 8.79 -13.60
N LEU D 16 5.31 9.11 -13.83
CA LEU D 16 4.24 8.36 -13.19
C LEU D 16 4.26 6.92 -13.64
N GLY D 17 4.42 6.67 -14.94
CA GLY D 17 4.49 5.31 -15.41
C GLY D 17 5.68 4.56 -14.83
N TYR D 18 6.84 5.23 -14.76
CA TYR D 18 8.02 4.60 -14.19
C TYR D 18 7.79 4.24 -12.74
N LEU D 19 7.23 5.16 -11.95
CA LEU D 19 7.03 4.89 -10.54
C LEU D 19 5.97 3.82 -10.32
N VAL D 20 4.94 3.78 -11.15
CA VAL D 20 3.92 2.76 -11.00
C VAL D 20 4.48 1.39 -11.38
N TYR D 21 5.32 1.34 -12.41
CA TYR D 21 5.93 0.09 -12.80
C TYR D 21 6.89 -0.39 -11.72
N ALA D 22 7.65 0.53 -11.13
CA ALA D 22 8.50 0.17 -9.99
C ALA D 22 7.67 -0.37 -8.84
N LEU D 23 6.55 0.26 -8.53
CA LEU D 23 5.70 -0.20 -7.44
C LEU D 23 5.17 -1.60 -7.72
N ILE D 24 4.67 -1.84 -8.93
CA ILE D 24 4.17 -3.16 -9.28
C ILE D 24 5.29 -4.18 -9.28
N ASN D 25 6.51 -3.76 -9.59
CA ASN D 25 7.68 -4.62 -9.60
C ASN D 25 8.69 -4.20 -8.53
N ALA D 26 8.20 -3.92 -7.32
CA ALA D 26 9.05 -3.61 -6.18
C ALA D 26 10.26 -4.52 -6.10
N GLU D 27 10.02 -5.83 -6.14
CA GLU D 27 11.07 -6.85 -6.02
C GLU D 27 12.36 -6.48 -6.74
N ALA D 28 12.26 -6.19 -8.04
CA ALA D 28 13.44 -5.80 -8.80
C ALA D 28 13.97 -4.43 -8.38
N PHE D 29 13.09 -3.46 -8.18
CA PHE D 29 13.52 -2.11 -7.84
C PHE D 29 13.86 -1.99 -6.36
#